data_8CI2
#
_entry.id   8CI2
#
_cell.length_a   1.00
_cell.length_b   1.00
_cell.length_c   1.00
_cell.angle_alpha   90.00
_cell.angle_beta   90.00
_cell.angle_gamma   90.00
#
_symmetry.space_group_name_H-M   'P 1'
#
loop_
_entity.id
_entity.type
_entity.pdbx_description
1 polymer 'Neuronal acetylcholine receptor subunit alpha-7'
2 polymer 'Nanobody C4'
3 branched 2-acetamido-2-deoxy-beta-D-glucopyranose-(1-4)-2-acetamido-2-deoxy-beta-D-glucopyranose
4 non-polymer 2-acetamido-2-deoxy-beta-D-glucopyranose
#
loop_
_entity_poly.entity_id
_entity_poly.type
_entity_poly.pdbx_seq_one_letter_code
_entity_poly.pdbx_strand_id
1 'polypeptide(L)'
;EFQRKLYKELVKNYNPLERPVANDSQPLTVYFSLSLLQIMDVDEKNQVLTTNIWLQMSWTDHYLQWNVSEYPGVKTVRFP
DGQIWKPDILLYNSADERFDATFHTNVLVNSSGHCQYLPPGIFKSSCYIDVRWFPFDVQHCKLKFGSWSYGGWSLDLQMQ
EADISGYIPNGEWDLVGIPGKRSERFYECCKEPYPDVTFTVTMRRRTLYYGLNLLIPCVLISALALLVFLLPADSGEKIS
LGITVLLSLTVFMLLVAEIMPATSDSVPLIAQYFASTMIIVGLSVVVTVIVLQYHHHDPDGGKMPKWTRVILLNWCAWFL
RMKRDGVAVCSEWKFAACVVDRLCLMAFSVFTIICTIGILMSAPNFVEAVSKDFASAGLTETSQVAPA
;
A,B,C,D,E
2 'polypeptide(L)'
;AQVQLVESGGGLVQAGGSLKLSCAASGFTFAHYAMVWFRQAPGKEREFVAGISWSGASTYYASSVKGRFTISRDNAKNTV
YLQMNSLKPEDTAVYYVAAARFGVGVDDDYSYWGQGTQVTVSSAAEQKLISEEDLNGAAHHHHHHGS
;
F,G,I
#
loop_
_chem_comp.id
_chem_comp.type
_chem_comp.name
_chem_comp.formula
NAG D-saccharide, beta linking 2-acetamido-2-deoxy-beta-D-glucopyranose 'C8 H15 N O6'
#
# COMPACT_ATOMS: atom_id res chain seq x y z
N GLU A 1 11.58 3.90 -26.94
CA GLU A 1 12.55 2.81 -27.26
C GLU A 1 11.85 1.46 -27.19
N PHE A 2 12.59 0.40 -27.55
CA PHE A 2 12.00 -0.94 -27.57
C PHE A 2 11.58 -1.37 -26.17
N GLN A 3 12.43 -1.16 -25.19
CA GLN A 3 12.11 -1.59 -23.82
C GLN A 3 10.88 -0.86 -23.31
N ARG A 4 10.85 0.46 -23.46
CA ARG A 4 9.71 1.24 -22.97
C ARG A 4 8.44 0.83 -23.68
N LYS A 5 8.50 0.68 -25.00
CA LYS A 5 7.31 0.30 -25.76
C LYS A 5 6.78 -1.04 -25.30
N LEU A 6 7.65 -2.04 -25.20
CA LEU A 6 7.21 -3.37 -24.81
C LEU A 6 6.63 -3.37 -23.40
N TYR A 7 7.31 -2.70 -22.47
CA TYR A 7 6.84 -2.71 -21.08
C TYR A 7 5.52 -1.97 -20.94
N LYS A 8 5.32 -0.89 -21.70
CA LYS A 8 4.06 -0.17 -21.64
C LYS A 8 2.93 -0.95 -22.30
N GLU A 9 3.23 -1.69 -23.37
CA GLU A 9 2.19 -2.39 -24.12
C GLU A 9 1.80 -3.72 -23.49
N LEU A 10 2.68 -4.34 -22.71
CA LEU A 10 2.40 -5.69 -22.23
C LEU A 10 1.29 -5.75 -21.17
N VAL A 11 0.90 -4.63 -20.58
CA VAL A 11 0.00 -4.66 -19.42
C VAL A 11 -1.31 -3.93 -19.71
N LYS A 12 -1.77 -3.99 -20.97
CA LYS A 12 -3.00 -3.28 -21.33
C LYS A 12 -4.19 -3.82 -20.56
N ASN A 13 -4.41 -5.14 -20.61
CA ASN A 13 -5.52 -5.79 -19.90
C ASN A 13 -4.96 -7.04 -19.25
N TYR A 14 -4.42 -6.89 -18.04
CA TYR A 14 -3.76 -7.99 -17.33
C TYR A 14 -4.17 -8.01 -15.86
N ASN A 15 -5.48 -7.99 -15.61
CA ASN A 15 -5.97 -8.12 -14.23
C ASN A 15 -5.17 -9.17 -13.48
N PRO A 16 -4.45 -8.80 -12.42
CA PRO A 16 -3.53 -9.76 -11.79
C PRO A 16 -4.20 -10.93 -11.09
N LEU A 17 -5.53 -11.02 -11.09
CA LEU A 17 -6.24 -12.11 -10.43
C LEU A 17 -6.69 -13.18 -11.42
N GLU A 18 -5.90 -13.42 -12.46
CA GLU A 18 -6.29 -14.31 -13.55
C GLU A 18 -5.55 -15.63 -13.43
N ARG A 19 -5.96 -16.58 -14.27
CA ARG A 19 -5.35 -17.89 -14.39
C ARG A 19 -5.08 -18.12 -15.86
N PRO A 20 -3.97 -17.60 -16.37
CA PRO A 20 -3.75 -17.58 -17.83
C PRO A 20 -3.83 -18.97 -18.45
N VAL A 21 -4.78 -19.12 -19.36
CA VAL A 21 -4.94 -20.35 -20.12
C VAL A 21 -5.86 -20.05 -21.30
N ALA A 22 -5.60 -20.68 -22.45
CA ALA A 22 -6.42 -20.41 -23.63
C ALA A 22 -7.87 -20.84 -23.41
N ASN A 23 -8.07 -22.00 -22.82
CA ASN A 23 -9.40 -22.55 -22.56
C ASN A 23 -9.59 -22.69 -21.06
N ASP A 24 -10.70 -22.16 -20.55
CA ASP A 24 -10.92 -22.11 -19.11
C ASP A 24 -11.11 -23.48 -18.49
N SER A 25 -11.52 -24.48 -19.27
CA SER A 25 -11.73 -25.81 -18.72
C SER A 25 -10.40 -26.54 -18.51
N GLN A 26 -9.44 -26.34 -19.41
CA GLN A 26 -8.18 -27.06 -19.33
C GLN A 26 -7.38 -26.59 -18.11
N PRO A 27 -6.81 -27.51 -17.34
CA PRO A 27 -6.00 -27.08 -16.18
C PRO A 27 -4.65 -26.53 -16.61
N LEU A 28 -3.97 -25.94 -15.64
CA LEU A 28 -2.62 -25.43 -15.82
C LEU A 28 -1.64 -26.34 -15.09
N THR A 29 -0.44 -26.44 -15.64
CA THR A 29 0.62 -27.28 -15.11
C THR A 29 1.69 -26.41 -14.49
N VAL A 30 2.03 -26.68 -13.23
CA VAL A 30 3.11 -26.01 -12.53
C VAL A 30 4.11 -27.07 -12.09
N TYR A 31 5.39 -26.74 -12.22
CA TYR A 31 6.48 -27.62 -11.84
C TYR A 31 7.15 -27.07 -10.59
N PHE A 32 7.39 -27.94 -9.61
CA PHE A 32 7.90 -27.56 -8.31
C PHE A 32 9.14 -28.39 -7.99
N SER A 33 10.21 -27.71 -7.58
CA SER A 33 11.42 -28.38 -7.13
C SER A 33 12.12 -27.50 -6.11
N LEU A 34 12.71 -28.11 -5.09
CA LEU A 34 13.37 -27.38 -4.03
C LEU A 34 14.83 -27.78 -3.93
N SER A 35 15.65 -26.87 -3.43
CA SER A 35 17.07 -27.11 -3.20
C SER A 35 17.40 -26.76 -1.76
N LEU A 36 17.85 -27.75 -1.01
CA LEU A 36 18.16 -27.59 0.41
C LEU A 36 19.65 -27.32 0.57
N LEU A 37 19.98 -26.18 1.19
CA LEU A 37 21.38 -25.77 1.32
C LEU A 37 21.97 -26.07 2.68
N GLN A 38 21.19 -25.97 3.75
CA GLN A 38 21.73 -26.14 5.08
C GLN A 38 20.61 -26.55 6.03
N ILE A 39 21.00 -27.18 7.13
CA ILE A 39 20.10 -27.49 8.24
C ILE A 39 20.56 -26.68 9.43
N MET A 40 19.66 -25.90 10.01
CA MET A 40 20.03 -25.01 11.11
C MET A 40 20.04 -25.77 12.43
N ASP A 41 18.91 -26.30 12.85
CA ASP A 41 18.83 -26.97 14.15
C ASP A 41 17.59 -27.84 14.19
N VAL A 42 17.67 -28.90 15.00
CA VAL A 42 16.51 -29.74 15.28
C VAL A 42 15.69 -29.23 16.46
N ASP A 43 16.24 -28.29 17.23
CA ASP A 43 15.49 -27.61 18.28
C ASP A 43 15.12 -28.56 19.41
N GLU A 44 14.23 -28.12 20.29
CA GLU A 44 13.91 -28.82 21.53
C GLU A 44 12.74 -29.78 21.33
N LYS A 45 12.14 -30.20 22.45
CA LYS A 45 11.02 -31.12 22.42
C LYS A 45 9.86 -30.56 21.61
N ASN A 46 9.81 -29.24 21.41
CA ASN A 46 8.67 -28.59 20.75
C ASN A 46 8.34 -29.22 19.40
N GLN A 47 9.19 -30.12 18.90
CA GLN A 47 8.95 -30.83 17.65
C GLN A 47 8.90 -29.82 16.49
N VAL A 48 10.03 -29.14 16.32
CA VAL A 48 10.17 -28.11 15.29
C VAL A 48 11.59 -28.19 14.73
N LEU A 49 11.72 -27.85 13.46
CA LEU A 49 12.98 -28.02 12.74
C LEU A 49 13.19 -26.85 11.79
N THR A 50 14.43 -26.37 11.72
CA THR A 50 14.79 -25.21 10.92
C THR A 50 15.74 -25.61 9.81
N THR A 51 15.47 -25.13 8.59
CA THR A 51 16.28 -25.44 7.43
C THR A 51 16.45 -24.19 6.57
N ASN A 52 17.28 -24.33 5.54
CA ASN A 52 17.52 -23.27 4.56
C ASN A 52 17.24 -23.82 3.17
N ILE A 53 16.25 -23.27 2.49
CA ILE A 53 15.75 -23.84 1.25
C ILE A 53 15.52 -22.73 0.23
N TRP A 54 15.85 -23.02 -1.03
CA TRP A 54 15.46 -22.20 -2.16
C TRP A 54 14.47 -23.01 -3.00
N LEU A 55 13.27 -22.50 -3.19
CA LEU A 55 12.28 -23.21 -3.97
C LEU A 55 12.43 -22.83 -5.44
N GLN A 56 11.64 -23.48 -6.29
CA GLN A 56 11.72 -23.23 -7.72
C GLN A 56 10.39 -23.65 -8.33
N MET A 57 9.64 -22.68 -8.82
CA MET A 57 8.32 -22.90 -9.42
C MET A 57 8.34 -22.39 -10.84
N SER A 58 7.79 -23.18 -11.76
CA SER A 58 7.78 -22.86 -13.18
C SER A 58 6.40 -23.13 -13.76
N TRP A 59 5.95 -22.26 -14.65
CA TRP A 59 4.67 -22.42 -15.31
C TRP A 59 4.67 -21.61 -16.61
N THR A 60 3.77 -21.99 -17.52
CA THR A 60 3.70 -21.38 -18.84
C THR A 60 2.55 -20.38 -18.87
N ASP A 61 2.87 -19.11 -19.14
CA ASP A 61 1.91 -18.03 -19.17
C ASP A 61 1.55 -17.71 -20.61
N HIS A 62 0.25 -17.60 -20.89
CA HIS A 62 -0.25 -17.36 -22.23
C HIS A 62 -0.75 -15.93 -22.43
N TYR A 63 -0.27 -14.99 -21.61
CA TYR A 63 -0.64 -13.59 -21.74
C TYR A 63 0.59 -12.70 -21.87
N LEU A 64 1.78 -13.27 -22.00
CA LEU A 64 3.02 -12.51 -22.19
C LEU A 64 3.73 -13.15 -23.38
N GLN A 65 3.39 -12.71 -24.59
CA GLN A 65 3.92 -13.32 -25.79
C GLN A 65 4.23 -12.26 -26.84
N TRP A 66 5.34 -12.46 -27.53
CA TRP A 66 5.77 -11.66 -28.66
C TRP A 66 6.75 -12.51 -29.45
N ASN A 67 7.46 -11.88 -30.40
CA ASN A 67 8.54 -12.57 -31.08
C ASN A 67 9.62 -11.57 -31.44
N VAL A 68 10.87 -12.02 -31.36
CA VAL A 68 12.03 -11.15 -31.33
C VAL A 68 12.36 -10.56 -32.70
N SER A 69 11.61 -10.98 -33.72
CA SER A 69 11.89 -10.48 -35.07
C SER A 69 11.73 -8.96 -35.13
N GLU A 70 10.58 -8.46 -34.66
CA GLU A 70 10.31 -7.03 -34.69
C GLU A 70 10.77 -6.31 -33.43
N TYR A 71 11.23 -7.05 -32.41
CA TYR A 71 11.71 -6.47 -31.16
C TYR A 71 13.11 -7.01 -30.90
N PRO A 72 14.09 -6.58 -31.69
CA PRO A 72 15.46 -7.03 -31.46
C PRO A 72 15.96 -6.56 -30.11
N GLY A 73 16.90 -7.31 -29.55
CA GLY A 73 17.36 -7.00 -28.21
C GLY A 73 16.63 -7.79 -27.15
N VAL A 74 15.56 -7.20 -26.61
CA VAL A 74 14.83 -7.75 -25.47
C VAL A 74 14.65 -9.25 -25.63
N LYS A 75 15.09 -10.00 -24.61
CA LYS A 75 14.86 -11.43 -24.55
C LYS A 75 14.40 -11.93 -23.20
N THR A 76 14.68 -11.21 -22.11
CA THR A 76 14.21 -11.56 -20.78
C THR A 76 13.58 -10.32 -20.15
N VAL A 77 12.34 -10.46 -19.70
CA VAL A 77 11.64 -9.40 -19.00
C VAL A 77 11.39 -9.86 -17.56
N ARG A 78 11.17 -8.90 -16.69
CA ARG A 78 10.98 -9.16 -15.27
C ARG A 78 9.81 -8.35 -14.77
N PHE A 79 9.09 -8.91 -13.81
CA PHE A 79 7.97 -8.22 -13.20
C PHE A 79 8.06 -8.28 -11.69
N PRO A 80 7.55 -7.26 -10.99
CA PRO A 80 7.69 -7.23 -9.52
C PRO A 80 6.66 -8.09 -8.81
N ASP A 81 6.64 -7.99 -7.49
CA ASP A 81 5.69 -8.73 -6.66
C ASP A 81 4.44 -7.87 -6.49
N GLY A 82 3.38 -8.19 -7.25
CA GLY A 82 2.12 -7.49 -7.11
C GLY A 82 1.38 -7.26 -8.41
N GLN A 83 2.09 -7.32 -9.53
CA GLN A 83 1.50 -7.09 -10.84
C GLN A 83 1.56 -8.30 -11.77
N ILE A 84 2.31 -9.34 -11.39
CA ILE A 84 2.39 -10.58 -12.17
C ILE A 84 1.83 -11.70 -11.32
N TRP A 85 1.07 -12.58 -11.95
CA TRP A 85 0.48 -13.70 -11.22
C TRP A 85 1.57 -14.60 -10.66
N LYS A 86 1.31 -15.17 -9.49
CA LYS A 86 2.21 -16.12 -8.88
C LYS A 86 1.37 -17.17 -8.16
N PRO A 87 1.65 -18.45 -8.33
CA PRO A 87 0.93 -19.47 -7.57
C PRO A 87 1.23 -19.37 -6.08
N ASP A 88 0.23 -19.70 -5.27
CA ASP A 88 0.35 -19.66 -3.82
C ASP A 88 0.60 -21.09 -3.32
N ILE A 89 1.83 -21.54 -3.49
CA ILE A 89 2.29 -22.81 -2.94
C ILE A 89 2.95 -22.52 -1.60
N LEU A 90 2.41 -23.10 -0.53
CA LEU A 90 2.87 -22.84 0.82
C LEU A 90 3.15 -24.16 1.53
N LEU A 91 3.72 -24.04 2.72
CA LEU A 91 3.99 -25.18 3.58
C LEU A 91 2.79 -25.40 4.50
N TYR A 92 2.27 -26.62 4.52
CA TYR A 92 1.06 -26.89 5.29
C TYR A 92 1.33 -26.83 6.79
N ASN A 93 2.21 -27.70 7.28
CA ASN A 93 2.48 -27.80 8.72
C ASN A 93 3.60 -26.84 9.12
N SER A 94 3.38 -25.57 8.82
CA SER A 94 4.33 -24.53 9.17
C SER A 94 4.22 -24.19 10.65
N ALA A 95 5.35 -23.81 11.24
CA ALA A 95 5.42 -23.45 12.65
C ALA A 95 5.97 -22.05 12.89
N ASP A 96 6.35 -21.33 11.84
CA ASP A 96 6.84 -19.98 12.01
C ASP A 96 5.70 -19.05 12.41
N GLU A 97 6.05 -17.97 13.10
CA GLU A 97 5.03 -17.04 13.56
C GLU A 97 4.30 -16.40 12.39
N ARG A 98 5.04 -16.04 11.34
CA ARG A 98 4.46 -15.40 10.16
C ARG A 98 3.92 -16.40 9.15
N PHE A 99 4.23 -17.68 9.28
CA PHE A 99 3.67 -18.73 8.43
C PHE A 99 4.23 -18.69 7.02
N ASP A 100 5.06 -17.70 6.71
CA ASP A 100 5.60 -17.58 5.36
C ASP A 100 6.88 -16.77 5.45
N ALA A 101 8.02 -17.44 5.29
CA ALA A 101 9.32 -16.80 5.35
C ALA A 101 9.87 -16.46 3.97
N THR A 102 9.07 -16.65 2.92
CA THR A 102 9.55 -16.39 1.57
C THR A 102 9.82 -14.90 1.39
N PHE A 103 11.02 -14.59 0.90
CA PHE A 103 11.40 -13.23 0.55
C PHE A 103 11.03 -13.04 -0.92
N HIS A 104 9.92 -12.37 -1.15
CA HIS A 104 9.36 -12.33 -2.51
C HIS A 104 10.36 -11.73 -3.48
N THR A 105 10.35 -12.22 -4.72
CA THR A 105 11.33 -11.86 -5.71
C THR A 105 10.63 -11.61 -7.04
N ASN A 106 11.37 -11.00 -7.97
CA ASN A 106 10.85 -10.73 -9.30
C ASN A 106 10.59 -12.02 -10.06
N VAL A 107 9.67 -11.95 -11.01
CA VAL A 107 9.31 -13.08 -11.85
C VAL A 107 9.90 -12.87 -13.23
N LEU A 108 10.56 -13.89 -13.76
CA LEU A 108 11.35 -13.82 -14.98
C LEU A 108 10.61 -14.50 -16.13
N VAL A 109 10.59 -13.85 -17.29
CA VAL A 109 9.93 -14.38 -18.48
C VAL A 109 10.90 -14.26 -19.65
N ASN A 110 10.92 -15.28 -20.51
CA ASN A 110 11.78 -15.30 -21.69
C ASN A 110 10.91 -15.35 -22.93
N SER A 111 11.13 -14.40 -23.84
CA SER A 111 10.43 -14.38 -25.13
C SER A 111 8.96 -14.74 -24.95
N SER A 112 8.41 -15.52 -25.87
CA SER A 112 7.08 -16.08 -25.69
C SER A 112 7.17 -17.38 -24.90
N GLY A 113 7.58 -17.25 -23.63
CA GLY A 113 7.90 -18.42 -22.84
C GLY A 113 7.31 -18.44 -21.45
N HIS A 114 7.86 -19.29 -20.61
CA HIS A 114 7.33 -19.59 -19.29
C HIS A 114 8.10 -18.77 -18.25
N CYS A 115 7.83 -19.03 -16.97
CA CYS A 115 8.35 -18.22 -15.88
C CYS A 115 9.14 -19.07 -14.88
N GLN A 116 9.92 -18.37 -14.06
CA GLN A 116 10.68 -18.97 -12.97
C GLN A 116 10.55 -18.08 -11.75
N TYR A 117 10.21 -18.67 -10.61
CA TYR A 117 9.90 -17.90 -9.40
C TYR A 117 10.72 -18.39 -8.21
N LEU A 118 12.04 -18.48 -8.39
CA LEU A 118 12.95 -18.92 -7.33
C LEU A 118 12.85 -18.04 -6.09
N PRO A 119 12.23 -18.51 -5.01
CA PRO A 119 12.29 -17.77 -3.75
C PRO A 119 13.33 -18.38 -2.82
N PRO A 120 14.10 -17.56 -2.10
CA PRO A 120 14.91 -18.09 -1.01
C PRO A 120 14.20 -17.99 0.32
N GLY A 121 14.67 -18.77 1.29
CA GLY A 121 14.17 -18.59 2.63
C GLY A 121 14.73 -19.61 3.59
N ILE A 122 14.39 -19.41 4.87
CA ILE A 122 14.66 -20.35 5.94
C ILE A 122 13.33 -20.73 6.55
N PHE A 123 13.08 -22.03 6.68
CA PHE A 123 11.78 -22.53 7.08
C PHE A 123 11.87 -23.21 8.44
N LYS A 124 11.04 -22.76 9.38
CA LYS A 124 10.90 -23.38 10.69
C LYS A 124 9.62 -24.20 10.66
N SER A 125 9.78 -25.50 10.47
CA SER A 125 8.66 -26.39 10.22
C SER A 125 8.59 -27.46 11.31
N SER A 126 7.37 -27.87 11.64
CA SER A 126 7.16 -28.86 12.68
C SER A 126 7.44 -30.27 12.18
N CYS A 127 7.83 -31.13 13.11
CA CYS A 127 8.14 -32.53 12.81
C CYS A 127 7.65 -33.38 13.97
N TYR A 128 8.10 -34.63 14.01
CA TYR A 128 7.78 -35.57 15.08
C TYR A 128 9.10 -36.15 15.55
N ILE A 129 9.74 -35.50 16.51
CA ILE A 129 11.01 -35.94 17.05
C ILE A 129 10.67 -36.82 18.24
N ASP A 130 10.43 -38.10 17.97
CA ASP A 130 10.05 -39.09 18.96
C ASP A 130 10.85 -40.36 18.77
N VAL A 131 12.15 -40.21 18.63
CA VAL A 131 13.04 -41.31 18.27
C VAL A 131 13.68 -41.82 19.55
N ARG A 132 12.99 -41.63 20.67
CA ARG A 132 13.48 -42.11 21.95
C ARG A 132 13.55 -43.62 22.03
N TRP A 133 13.17 -44.35 20.98
CA TRP A 133 13.42 -45.78 20.96
C TRP A 133 14.87 -46.07 21.31
N PHE A 134 15.79 -45.38 20.65
CA PHE A 134 17.20 -45.40 21.01
C PHE A 134 17.85 -44.15 20.44
N PRO A 135 18.70 -43.46 21.20
CA PRO A 135 19.38 -42.29 20.66
C PRO A 135 19.83 -42.44 19.21
N PHE A 136 20.25 -43.64 18.81
CA PHE A 136 20.69 -43.88 17.43
C PHE A 136 19.52 -44.46 16.65
N ASP A 137 18.62 -43.56 16.24
CA ASP A 137 17.44 -43.93 15.47
C ASP A 137 17.27 -42.93 14.33
N VAL A 138 16.92 -43.44 13.15
CA VAL A 138 16.74 -42.59 11.98
C VAL A 138 15.41 -41.86 12.11
N GLN A 139 15.45 -40.54 12.01
CA GLN A 139 14.28 -39.69 12.10
C GLN A 139 13.88 -39.25 10.71
N HIS A 140 12.59 -39.38 10.41
CA HIS A 140 12.00 -38.93 9.16
C HIS A 140 11.13 -37.71 9.45
N CYS A 141 11.49 -36.58 8.87
CA CYS A 141 10.73 -35.34 9.02
C CYS A 141 10.15 -34.97 7.67
N LYS A 142 8.90 -34.49 7.69
CA LYS A 142 8.12 -34.28 6.48
C LYS A 142 7.91 -32.79 6.25
N LEU A 143 8.14 -32.36 5.01
CA LEU A 143 7.80 -31.02 4.55
C LEU A 143 6.68 -31.16 3.54
N LYS A 144 5.53 -30.58 3.86
CA LYS A 144 4.31 -30.75 3.07
C LYS A 144 4.01 -29.44 2.35
N PHE A 145 4.15 -29.45 1.03
CA PHE A 145 3.86 -28.30 0.19
C PHE A 145 2.62 -28.57 -0.65
N GLY A 146 2.00 -27.49 -1.10
CA GLY A 146 0.83 -27.59 -1.95
C GLY A 146 0.07 -26.30 -1.99
N SER A 147 -0.91 -26.26 -2.89
CA SER A 147 -1.73 -25.07 -3.04
C SER A 147 -2.66 -24.92 -1.84
N TRP A 148 -3.10 -23.68 -1.62
CA TRP A 148 -3.98 -23.35 -0.51
C TRP A 148 -5.41 -23.05 -0.90
N SER A 149 -5.62 -22.47 -2.08
CA SER A 149 -6.96 -22.24 -2.61
C SER A 149 -7.20 -23.01 -3.90
N TYR A 150 -6.33 -22.86 -4.88
CA TYR A 150 -6.47 -23.60 -6.13
C TYR A 150 -6.21 -25.08 -5.90
N GLY A 151 -7.01 -25.92 -6.54
CA GLY A 151 -6.77 -27.35 -6.51
C GLY A 151 -7.81 -28.14 -7.26
N GLY A 152 -7.36 -29.07 -8.10
CA GLY A 152 -8.25 -29.95 -8.80
C GLY A 152 -8.76 -29.35 -10.08
N TRP A 153 -8.45 -29.98 -11.22
CA TRP A 153 -8.95 -29.55 -12.52
C TRP A 153 -8.51 -28.13 -12.87
N SER A 154 -7.68 -27.52 -12.03
CA SER A 154 -7.18 -26.18 -12.30
C SER A 154 -5.67 -26.10 -12.21
N LEU A 155 -5.05 -26.79 -11.25
CA LEU A 155 -3.61 -26.80 -11.08
C LEU A 155 -3.16 -28.24 -10.87
N ASP A 156 -2.55 -28.83 -11.90
CA ASP A 156 -2.03 -30.19 -11.80
C ASP A 156 -0.55 -30.18 -11.39
N LEU A 157 -0.29 -29.56 -10.25
CA LEU A 157 1.07 -29.41 -9.73
C LEU A 157 1.83 -30.73 -9.80
N GLN A 158 2.97 -30.70 -10.48
CA GLN A 158 3.85 -31.85 -10.63
C GLN A 158 5.04 -31.72 -9.69
N MET A 159 5.98 -32.64 -9.79
CA MET A 159 7.14 -32.68 -8.92
C MET A 159 8.40 -32.92 -9.73
N GLN A 160 9.49 -32.25 -9.33
CA GLN A 160 10.81 -32.52 -9.87
C GLN A 160 11.76 -32.79 -8.72
N GLU A 161 12.80 -33.56 -9.00
CA GLU A 161 13.70 -34.00 -7.94
C GLU A 161 14.43 -32.80 -7.33
N ALA A 162 14.80 -32.96 -6.06
CA ALA A 162 15.50 -31.90 -5.34
C ALA A 162 16.98 -31.92 -5.73
N ASP A 163 17.75 -31.06 -5.07
CA ASP A 163 19.17 -30.90 -5.36
C ASP A 163 20.01 -31.41 -4.21
N ILE A 164 21.21 -31.90 -4.56
CA ILE A 164 22.12 -32.51 -3.61
C ILE A 164 23.44 -31.75 -3.64
N SER A 165 23.37 -30.44 -3.84
CA SER A 165 24.57 -29.61 -4.00
C SER A 165 25.24 -29.41 -2.66
N GLY A 166 26.13 -28.42 -2.57
CA GLY A 166 27.06 -28.34 -1.47
C GLY A 166 26.40 -28.05 -0.14
N TYR A 167 25.71 -29.06 0.38
CA TYR A 167 24.95 -28.96 1.62
C TYR A 167 25.87 -29.04 2.85
N ILE A 168 26.86 -28.16 2.87
CA ILE A 168 27.48 -27.66 4.10
C ILE A 168 27.43 -28.71 5.20
N PRO A 169 28.16 -29.80 5.09
CA PRO A 169 28.03 -30.90 6.06
C PRO A 169 27.92 -30.43 7.50
N ASN A 170 26.84 -30.83 8.17
CA ASN A 170 26.64 -30.46 9.56
C ASN A 170 27.55 -31.28 10.47
N GLY A 171 27.77 -30.75 11.67
CA GLY A 171 28.60 -31.39 12.65
C GLY A 171 27.90 -32.34 13.59
N GLU A 172 26.57 -32.43 13.51
CA GLU A 172 25.80 -33.30 14.40
C GLU A 172 24.77 -34.17 13.70
N TRP A 173 24.39 -33.85 12.47
CA TRP A 173 23.39 -34.64 11.75
C TRP A 173 23.81 -34.81 10.30
N ASP A 174 23.57 -36.00 9.77
CA ASP A 174 23.86 -36.34 8.39
C ASP A 174 22.64 -36.99 7.79
N LEU A 175 22.39 -36.73 6.51
CA LEU A 175 21.18 -37.17 5.84
C LEU A 175 21.48 -38.31 4.87
N VAL A 176 20.55 -39.24 4.78
CA VAL A 176 20.68 -40.36 3.86
C VAL A 176 20.17 -40.00 2.48
N GLY A 177 19.08 -39.25 2.41
CA GLY A 177 18.53 -38.83 1.13
C GLY A 177 17.34 -37.93 1.36
N ILE A 178 16.84 -37.39 0.25
CA ILE A 178 15.69 -36.48 0.29
C ILE A 178 14.67 -36.91 -0.76
N PRO A 179 13.96 -38.02 -0.57
CA PRO A 179 12.91 -38.40 -1.51
C PRO A 179 11.69 -37.51 -1.38
N GLY A 180 10.89 -37.54 -2.43
CA GLY A 180 9.65 -36.78 -2.46
C GLY A 180 8.58 -37.57 -3.19
N LYS A 181 7.32 -37.28 -2.83
CA LYS A 181 6.20 -38.01 -3.39
C LYS A 181 5.00 -37.10 -3.51
N ARG A 182 4.28 -37.21 -4.62
CA ARG A 182 3.03 -36.52 -4.80
C ARG A 182 1.89 -37.36 -4.23
N SER A 183 0.91 -36.69 -3.66
CA SER A 183 -0.20 -37.35 -3.00
C SER A 183 -1.49 -36.62 -3.34
N GLU A 184 -2.61 -37.30 -3.09
CA GLU A 184 -3.92 -36.78 -3.42
C GLU A 184 -4.82 -36.84 -2.20
N ARG A 185 -5.78 -35.92 -2.13
CA ARG A 185 -6.73 -35.86 -1.04
C ARG A 185 -8.14 -35.76 -1.61
N PHE A 186 -8.94 -36.80 -1.42
CA PHE A 186 -10.31 -36.78 -1.88
C PHE A 186 -11.16 -35.88 -0.98
N TYR A 187 -12.32 -35.48 -1.50
CA TYR A 187 -13.20 -34.56 -0.81
C TYR A 187 -14.53 -35.24 -0.50
N GLU A 188 -15.35 -34.56 0.29
CA GLU A 188 -16.64 -35.12 0.68
C GLU A 188 -17.55 -35.28 -0.52
N CYS A 189 -17.74 -34.21 -1.30
CA CYS A 189 -18.58 -34.23 -2.48
C CYS A 189 -17.79 -33.61 -3.63
N CYS A 190 -17.00 -34.44 -4.32
CA CYS A 190 -16.29 -34.00 -5.50
C CYS A 190 -15.43 -35.15 -6.00
N LYS A 191 -15.02 -35.06 -7.27
CA LYS A 191 -14.05 -35.97 -7.84
C LYS A 191 -12.74 -35.27 -8.17
N GLU A 192 -12.58 -34.02 -7.77
CA GLU A 192 -11.38 -33.26 -8.08
C GLU A 192 -10.21 -33.80 -7.25
N PRO A 193 -9.11 -34.24 -7.87
CA PRO A 193 -7.98 -34.77 -7.08
C PRO A 193 -7.06 -33.68 -6.52
N TYR A 194 -7.45 -33.14 -5.36
CA TYR A 194 -6.65 -32.12 -4.71
C TYR A 194 -5.24 -32.65 -4.48
N PRO A 195 -4.23 -32.12 -5.16
CA PRO A 195 -2.87 -32.65 -5.01
C PRO A 195 -2.10 -31.99 -3.87
N ASP A 196 -0.98 -32.63 -3.53
CA ASP A 196 0.00 -32.05 -2.63
C ASP A 196 1.31 -32.81 -2.83
N VAL A 197 2.38 -32.28 -2.25
CA VAL A 197 3.70 -32.89 -2.34
C VAL A 197 4.27 -33.01 -0.95
N THR A 198 4.92 -34.13 -0.67
CA THR A 198 5.57 -34.36 0.61
C THR A 198 7.02 -34.76 0.37
N PHE A 199 7.93 -34.03 0.99
CA PHE A 199 9.35 -34.32 0.90
C PHE A 199 9.82 -34.83 2.26
N THR A 200 10.56 -35.94 2.25
CA THR A 200 11.01 -36.58 3.47
C THR A 200 12.51 -36.37 3.63
N VAL A 201 12.93 -35.91 4.81
CA VAL A 201 14.34 -35.79 5.16
C VAL A 201 14.60 -36.79 6.27
N THR A 202 15.56 -37.68 6.04
CA THR A 202 15.89 -38.75 6.98
C THR A 202 17.31 -38.54 7.47
N MET A 203 17.50 -38.61 8.78
CA MET A 203 18.84 -38.48 9.34
C MET A 203 18.93 -39.26 10.64
N ARG A 204 20.07 -39.91 10.85
CA ARG A 204 20.28 -40.72 12.04
C ARG A 204 21.02 -39.95 13.13
N ARG A 205 22.27 -39.58 12.88
CA ARG A 205 23.06 -38.79 13.82
C ARG A 205 24.43 -38.58 13.20
N ARG A 206 25.25 -37.79 13.88
CA ARG A 206 26.65 -37.60 13.50
C ARG A 206 27.50 -37.29 14.72
N GLU B 1 -10.28 -15.24 -20.86
CA GLU B 1 -11.35 -14.57 -21.65
C GLU B 1 -12.58 -14.32 -20.79
N PHE B 2 -13.40 -15.35 -20.63
CA PHE B 2 -14.59 -15.23 -19.79
C PHE B 2 -14.20 -14.94 -18.35
N GLN B 3 -13.10 -15.54 -17.90
CA GLN B 3 -12.61 -15.27 -16.55
C GLN B 3 -12.30 -13.78 -16.37
N ARG B 4 -11.58 -13.20 -17.34
CA ARG B 4 -11.25 -11.78 -17.26
C ARG B 4 -12.50 -10.92 -17.31
N LYS B 5 -13.44 -11.26 -18.19
CA LYS B 5 -14.67 -10.48 -18.27
C LYS B 5 -15.41 -10.48 -16.94
N LEU B 6 -15.53 -11.66 -16.33
CA LEU B 6 -16.21 -11.77 -15.04
C LEU B 6 -15.48 -10.98 -13.97
N TYR B 7 -14.15 -11.12 -13.92
CA TYR B 7 -13.39 -10.44 -12.87
C TYR B 7 -13.48 -8.93 -13.01
N LYS B 8 -13.49 -8.42 -14.24
CA LYS B 8 -13.56 -6.99 -14.45
C LYS B 8 -14.96 -6.44 -14.22
N GLU B 9 -15.99 -7.21 -14.58
CA GLU B 9 -17.36 -6.72 -14.53
C GLU B 9 -18.04 -6.97 -13.19
N LEU B 10 -17.48 -7.81 -12.34
CA LEU B 10 -18.15 -8.16 -11.08
C LEU B 10 -17.97 -7.12 -9.99
N VAL B 11 -17.03 -6.18 -10.13
CA VAL B 11 -16.67 -5.28 -9.04
C VAL B 11 -16.97 -3.83 -9.42
N LYS B 12 -18.02 -3.61 -10.20
CA LYS B 12 -18.34 -2.26 -10.63
C LYS B 12 -18.62 -1.36 -9.43
N ASN B 13 -19.52 -1.79 -8.54
CA ASN B 13 -19.92 -1.01 -7.38
C ASN B 13 -19.87 -1.92 -6.15
N TYR B 14 -18.70 -2.01 -5.53
CA TYR B 14 -18.47 -2.89 -4.40
C TYR B 14 -17.68 -2.18 -3.30
N ASN B 15 -18.15 -1.02 -2.87
CA ASN B 15 -17.51 -0.34 -1.74
C ASN B 15 -17.16 -1.35 -0.66
N PRO B 16 -15.88 -1.60 -0.38
CA PRO B 16 -15.50 -2.75 0.46
C PRO B 16 -15.96 -2.65 1.91
N LEU B 17 -16.56 -1.56 2.33
CA LEU B 17 -17.01 -1.38 3.71
C LEU B 17 -18.48 -1.74 3.88
N GLU B 18 -18.96 -2.71 3.12
CA GLU B 18 -20.37 -3.03 3.02
C GLU B 18 -20.73 -4.20 3.94
N ARG B 19 -22.04 -4.40 4.08
CA ARG B 19 -22.62 -5.54 4.79
C ARG B 19 -23.63 -6.18 3.85
N PRO B 20 -23.17 -7.07 2.96
CA PRO B 20 -24.06 -7.55 1.90
C PRO B 20 -25.29 -8.25 2.45
N VAL B 21 -26.46 -7.69 2.11
CA VAL B 21 -27.74 -8.26 2.52
C VAL B 21 -28.83 -7.62 1.70
N ALA B 22 -29.85 -8.40 1.33
CA ALA B 22 -30.93 -7.86 0.51
C ALA B 22 -31.71 -6.79 1.27
N ASN B 23 -32.01 -7.03 2.53
CA ASN B 23 -32.78 -6.11 3.36
C ASN B 23 -31.92 -5.68 4.54
N ASP B 24 -31.89 -4.38 4.81
CA ASP B 24 -31.01 -3.83 5.83
C ASP B 24 -31.45 -4.16 7.24
N SER B 25 -32.65 -4.72 7.42
CA SER B 25 -33.13 -5.09 8.75
C SER B 25 -32.77 -6.53 9.11
N GLN B 26 -32.78 -7.43 8.15
CA GLN B 26 -32.52 -8.82 8.44
C GLN B 26 -31.04 -9.01 8.79
N PRO B 27 -30.72 -9.73 9.86
CA PRO B 27 -29.32 -9.92 10.22
C PRO B 27 -28.60 -10.88 9.27
N LEU B 28 -27.31 -11.09 9.50
CA LEU B 28 -26.49 -11.95 8.67
C LEU B 28 -25.98 -13.12 9.50
N THR B 29 -26.08 -14.32 8.93
CA THR B 29 -25.63 -15.54 9.60
C THR B 29 -24.19 -15.84 9.19
N VAL B 30 -23.34 -16.02 10.19
CA VAL B 30 -21.93 -16.34 9.98
C VAL B 30 -21.64 -17.62 10.74
N TYR B 31 -21.21 -18.66 10.02
CA TYR B 31 -20.89 -19.94 10.61
C TYR B 31 -19.41 -20.01 10.94
N PHE B 32 -19.11 -20.43 12.17
CA PHE B 32 -17.76 -20.42 12.71
C PHE B 32 -17.39 -21.83 13.17
N SER B 33 -16.20 -22.29 12.77
CA SER B 33 -15.68 -23.54 13.29
C SER B 33 -14.16 -23.50 13.21
N LEU B 34 -13.49 -23.92 14.28
CA LEU B 34 -12.04 -23.94 14.32
C LEU B 34 -11.53 -25.38 14.27
N SER B 35 -10.25 -25.52 13.95
CA SER B 35 -9.60 -26.82 13.90
C SER B 35 -8.19 -26.66 14.43
N LEU B 36 -7.92 -27.23 15.60
CA LEU B 36 -6.59 -27.17 16.18
C LEU B 36 -5.74 -28.31 15.65
N LEU B 37 -4.45 -28.06 15.48
CA LEU B 37 -3.53 -29.04 14.94
C LEU B 37 -2.48 -29.49 15.94
N GLN B 38 -2.06 -28.63 16.86
CA GLN B 38 -1.00 -28.97 17.78
C GLN B 38 -1.00 -28.00 18.95
N ILE B 39 -0.36 -28.41 20.03
CA ILE B 39 -0.12 -27.56 21.20
C ILE B 39 1.40 -27.48 21.38
N MET B 40 1.92 -26.26 21.34
CA MET B 40 3.38 -26.09 21.37
C MET B 40 3.91 -26.10 22.79
N ASP B 41 3.42 -25.20 23.64
CA ASP B 41 3.93 -25.13 25.00
C ASP B 41 2.87 -24.51 25.90
N VAL B 42 2.99 -24.82 27.19
CA VAL B 42 2.11 -24.25 28.21
C VAL B 42 2.78 -23.10 28.95
N ASP B 43 4.09 -22.92 28.80
CA ASP B 43 4.81 -21.80 29.39
C ASP B 43 4.81 -21.91 30.90
N GLU B 44 5.02 -20.80 31.59
CA GLU B 44 5.18 -20.76 33.04
C GLU B 44 4.07 -19.91 33.65
N LYS B 45 4.24 -19.55 34.92
CA LYS B 45 3.19 -18.95 35.73
C LYS B 45 2.53 -17.72 35.10
N ASN B 46 3.05 -17.24 33.96
CA ASN B 46 2.36 -16.16 33.27
C ASN B 46 0.93 -16.55 32.87
N GLN B 47 0.60 -17.84 32.90
CA GLN B 47 -0.74 -18.30 32.56
C GLN B 47 -1.05 -17.98 31.10
N VAL B 48 -0.26 -18.57 30.21
CA VAL B 48 -0.43 -18.39 28.77
C VAL B 48 -0.02 -19.69 28.08
N LEU B 49 -0.71 -20.02 26.99
CA LEU B 49 -0.40 -21.22 26.23
C LEU B 49 -0.43 -20.90 24.74
N THR B 50 0.27 -21.72 23.96
CA THR B 50 0.40 -21.53 22.53
C THR B 50 -0.27 -22.70 21.80
N THR B 51 -0.94 -22.39 20.69
CA THR B 51 -1.63 -23.40 19.91
C THR B 51 -1.56 -23.02 18.44
N ASN B 52 -1.71 -24.02 17.57
CA ASN B 52 -1.82 -23.84 16.14
C ASN B 52 -3.26 -24.13 15.73
N ILE B 53 -3.94 -23.13 15.18
CA ILE B 53 -5.36 -23.22 14.89
C ILE B 53 -5.62 -22.70 13.48
N TRP B 54 -6.45 -23.43 12.74
CA TRP B 54 -6.98 -22.98 11.46
C TRP B 54 -8.45 -22.69 11.65
N LEU B 55 -8.85 -21.45 11.41
CA LEU B 55 -10.24 -21.07 11.55
C LEU B 55 -11.00 -21.43 10.28
N GLN B 56 -12.32 -21.32 10.36
CA GLN B 56 -13.18 -21.63 9.22
C GLN B 56 -14.43 -20.79 9.36
N MET B 57 -14.56 -19.82 8.46
CA MET B 57 -15.66 -18.87 8.46
C MET B 57 -16.42 -19.01 7.16
N SER B 58 -17.75 -19.12 7.28
CA SER B 58 -18.62 -19.33 6.13
C SER B 58 -19.80 -18.39 6.21
N TRP B 59 -20.09 -17.70 5.10
CA TRP B 59 -21.26 -16.83 5.02
C TRP B 59 -21.76 -16.82 3.58
N THR B 60 -22.88 -16.13 3.38
CA THR B 60 -23.53 -16.06 2.08
C THR B 60 -23.64 -14.61 1.64
N ASP B 61 -23.25 -14.34 0.40
CA ASP B 61 -23.19 -12.99 -0.12
C ASP B 61 -24.20 -12.82 -1.25
N HIS B 62 -24.69 -11.59 -1.40
CA HIS B 62 -25.75 -11.28 -2.35
C HIS B 62 -25.28 -10.48 -3.55
N TYR B 63 -24.16 -9.77 -3.45
CA TYR B 63 -23.65 -8.95 -4.54
C TYR B 63 -22.69 -9.70 -5.44
N LEU B 64 -22.42 -10.97 -5.17
CA LEU B 64 -21.53 -11.80 -5.98
C LEU B 64 -22.38 -12.93 -6.55
N GLN B 65 -23.01 -12.68 -7.69
CA GLN B 65 -23.96 -13.62 -8.27
C GLN B 65 -23.80 -13.66 -9.78
N TRP B 66 -24.05 -14.85 -10.33
CA TRP B 66 -24.13 -15.07 -11.77
C TRP B 66 -24.62 -16.50 -11.96
N ASN B 67 -24.69 -16.94 -13.22
CA ASN B 67 -25.00 -18.33 -13.50
C ASN B 67 -24.14 -18.80 -14.66
N VAL B 68 -23.68 -20.05 -14.55
CA VAL B 68 -22.57 -20.55 -15.37
C VAL B 68 -22.94 -20.74 -16.83
N SER B 69 -24.21 -20.68 -17.18
CA SER B 69 -24.61 -20.97 -18.55
C SER B 69 -23.92 -20.04 -19.53
N GLU B 70 -23.91 -18.74 -19.23
CA GLU B 70 -23.31 -17.74 -20.11
C GLU B 70 -21.84 -17.49 -19.82
N TYR B 71 -21.29 -18.13 -18.78
CA TYR B 71 -19.88 -18.01 -18.42
C TYR B 71 -19.31 -19.41 -18.29
N PRO B 72 -19.15 -20.12 -19.41
CA PRO B 72 -18.64 -21.49 -19.33
C PRO B 72 -17.25 -21.52 -18.74
N GLY B 73 -16.96 -22.61 -18.03
CA GLY B 73 -15.68 -22.73 -17.36
C GLY B 73 -15.73 -22.28 -15.91
N VAL B 74 -15.37 -21.01 -15.68
CA VAL B 74 -15.20 -20.50 -14.33
C VAL B 74 -16.34 -20.95 -13.44
N LYS B 75 -15.98 -21.53 -12.30
CA LYS B 75 -16.93 -21.90 -11.26
C LYS B 75 -16.56 -21.35 -9.89
N THR B 76 -15.31 -21.03 -9.63
CA THR B 76 -14.87 -20.46 -8.37
C THR B 76 -14.05 -19.22 -8.65
N VAL B 77 -14.44 -18.10 -8.07
CA VAL B 77 -13.68 -16.85 -8.15
C VAL B 77 -12.97 -16.67 -6.82
N ARG B 78 -11.85 -15.96 -6.86
CA ARG B 78 -11.00 -15.78 -5.69
C ARG B 78 -10.62 -14.31 -5.58
N PHE B 79 -10.73 -13.77 -4.37
CA PHE B 79 -10.43 -12.36 -4.16
C PHE B 79 -9.36 -12.21 -3.09
N PRO B 80 -8.47 -11.20 -3.23
CA PRO B 80 -7.42 -11.01 -2.23
C PRO B 80 -7.92 -10.27 -1.00
N ASP B 81 -7.01 -9.91 -0.11
CA ASP B 81 -7.36 -9.20 1.12
C ASP B 81 -7.49 -7.71 0.83
N GLY B 82 -8.67 -7.16 1.08
CA GLY B 82 -8.88 -5.73 0.95
C GLY B 82 -10.04 -5.36 0.06
N GLN B 83 -10.25 -6.11 -1.01
CA GLN B 83 -11.30 -5.83 -1.98
C GLN B 83 -12.59 -6.59 -1.70
N ILE B 84 -12.60 -7.44 -0.67
CA ILE B 84 -13.76 -8.27 -0.34
C ILE B 84 -14.06 -8.11 1.13
N TRP B 85 -15.34 -7.97 1.46
CA TRP B 85 -15.74 -7.81 2.84
C TRP B 85 -15.39 -9.06 3.64
N LYS B 86 -14.89 -8.86 4.85
CA LYS B 86 -14.57 -9.95 5.76
C LYS B 86 -15.09 -9.55 7.14
N PRO B 87 -15.84 -10.41 7.81
CA PRO B 87 -16.28 -10.09 9.17
C PRO B 87 -15.08 -9.92 10.09
N ASP B 88 -15.20 -8.95 11.00
CA ASP B 88 -14.11 -8.63 11.92
C ASP B 88 -14.30 -9.45 13.19
N ILE B 89 -13.99 -10.74 13.08
CA ILE B 89 -14.10 -11.70 14.17
C ILE B 89 -12.70 -12.06 14.62
N LEU B 90 -12.45 -11.95 15.92
CA LEU B 90 -11.13 -12.26 16.47
C LEU B 90 -11.28 -12.70 17.91
N LEU B 91 -10.16 -12.82 18.60
CA LEU B 91 -10.08 -13.38 19.95
C LEU B 91 -10.06 -12.26 20.98
N TYR B 92 -10.85 -12.43 22.04
CA TYR B 92 -10.95 -11.40 23.06
C TYR B 92 -9.74 -11.42 24.00
N ASN B 93 -9.52 -12.54 24.69
CA ASN B 93 -8.44 -12.64 25.67
C ASN B 93 -7.14 -13.08 24.99
N SER B 94 -6.69 -12.25 24.06
CA SER B 94 -5.45 -12.50 23.33
C SER B 94 -4.28 -11.92 24.12
N ALA B 95 -3.22 -12.72 24.26
CA ALA B 95 -2.04 -12.31 25.00
C ALA B 95 -0.84 -12.06 24.11
N ASP B 96 -0.98 -12.22 22.80
CA ASP B 96 0.13 -11.96 21.89
C ASP B 96 0.33 -10.45 21.72
N GLU B 97 1.56 -10.08 21.37
CA GLU B 97 1.89 -8.67 21.24
C GLU B 97 1.24 -8.04 20.02
N ARG B 98 0.88 -8.83 19.01
CA ARG B 98 0.28 -8.30 17.80
C ARG B 98 -1.24 -8.36 17.80
N PHE B 99 -1.84 -9.14 18.69
CA PHE B 99 -3.28 -9.25 18.86
C PHE B 99 -3.96 -9.94 17.70
N ASP B 100 -3.24 -10.30 16.64
CA ASP B 100 -3.82 -10.94 15.47
C ASP B 100 -2.73 -11.76 14.81
N ALA B 101 -2.79 -13.08 14.98
CA ALA B 101 -1.82 -13.98 14.39
C ALA B 101 -2.34 -14.63 13.12
N THR B 102 -3.33 -14.03 12.48
CA THR B 102 -3.95 -14.60 11.29
C THR B 102 -3.14 -14.21 10.07
N PHE B 103 -2.68 -15.21 9.32
CA PHE B 103 -2.03 -15.00 8.04
C PHE B 103 -3.12 -14.84 6.99
N HIS B 104 -3.36 -13.61 6.56
CA HIS B 104 -4.51 -13.33 5.72
C HIS B 104 -4.44 -14.15 4.43
N THR B 105 -5.62 -14.48 3.91
CA THR B 105 -5.75 -15.43 2.82
C THR B 105 -6.80 -14.93 1.82
N ASN B 106 -6.80 -15.54 0.64
CA ASN B 106 -7.81 -15.24 -0.36
C ASN B 106 -9.17 -15.78 0.06
N VAL B 107 -10.21 -15.26 -0.57
CA VAL B 107 -11.59 -15.66 -0.29
C VAL B 107 -12.17 -16.30 -1.54
N LEU B 108 -12.82 -17.45 -1.37
CA LEU B 108 -13.36 -18.24 -2.46
C LEU B 108 -14.87 -18.04 -2.55
N VAL B 109 -15.38 -17.84 -3.76
CA VAL B 109 -16.82 -17.71 -3.99
C VAL B 109 -17.21 -18.56 -5.18
N ASN B 110 -18.48 -18.98 -5.19
CA ASN B 110 -19.04 -19.76 -6.28
C ASN B 110 -20.23 -19.00 -6.87
N SER B 111 -20.95 -19.66 -7.79
CA SER B 111 -21.99 -18.97 -8.55
C SER B 111 -22.99 -18.30 -7.63
N SER B 112 -23.58 -19.06 -6.70
CA SER B 112 -24.61 -18.49 -5.83
C SER B 112 -24.04 -17.43 -4.90
N GLY B 113 -22.94 -17.75 -4.22
CA GLY B 113 -22.26 -16.75 -3.42
C GLY B 113 -21.65 -17.21 -2.11
N HIS B 114 -21.81 -18.48 -1.76
CA HIS B 114 -21.26 -18.97 -0.51
C HIS B 114 -19.76 -18.74 -0.47
N CYS B 115 -19.25 -18.31 0.70
CA CYS B 115 -17.86 -17.93 0.87
C CYS B 115 -17.18 -18.79 1.92
N GLN B 116 -15.86 -18.88 1.82
CA GLN B 116 -15.02 -19.57 2.78
C GLN B 116 -13.78 -18.71 3.05
N TYR B 117 -13.43 -18.53 4.32
CA TYR B 117 -12.32 -17.63 4.67
C TYR B 117 -11.38 -18.30 5.67
N LEU B 118 -10.93 -19.51 5.35
CA LEU B 118 -10.05 -20.29 6.23
C LEU B 118 -8.70 -19.62 6.44
N PRO B 119 -8.43 -19.02 7.61
CA PRO B 119 -7.09 -18.53 7.90
C PRO B 119 -6.33 -19.50 8.78
N PRO B 120 -5.02 -19.65 8.58
CA PRO B 120 -4.18 -20.32 9.57
C PRO B 120 -3.56 -19.34 10.55
N GLY B 121 -3.19 -19.85 11.72
CA GLY B 121 -2.54 -18.99 12.69
C GLY B 121 -1.96 -19.76 13.86
N ILE B 122 -1.05 -19.09 14.57
CA ILE B 122 -0.49 -19.55 15.83
C ILE B 122 -0.98 -18.58 16.90
N PHE B 123 -1.80 -19.07 17.81
CA PHE B 123 -2.48 -18.22 18.79
C PHE B 123 -1.84 -18.43 20.16
N LYS B 124 -1.35 -17.33 20.74
CA LYS B 124 -0.86 -17.31 22.11
C LYS B 124 -1.91 -16.62 22.95
N SER B 125 -2.60 -17.38 23.80
CA SER B 125 -3.74 -16.88 24.56
C SER B 125 -3.55 -17.21 26.03
N SER B 126 -4.12 -16.36 26.88
CA SER B 126 -3.97 -16.50 28.31
C SER B 126 -4.92 -17.58 28.85
N CYS B 127 -4.62 -18.05 30.05
CA CYS B 127 -5.45 -19.05 30.72
C CYS B 127 -5.34 -18.81 32.23
N TYR B 128 -5.74 -19.80 33.02
CA TYR B 128 -5.69 -19.72 34.47
C TYR B 128 -5.24 -21.08 34.99
N ILE B 129 -3.94 -21.21 35.23
CA ILE B 129 -3.38 -22.45 35.78
C ILE B 129 -2.91 -22.18 37.20
N ASP B 130 -3.82 -22.36 38.15
CA ASP B 130 -3.53 -22.15 39.57
C ASP B 130 -4.20 -23.22 40.40
N VAL B 131 -4.11 -24.47 39.95
CA VAL B 131 -4.77 -25.58 40.63
C VAL B 131 -3.86 -26.03 41.77
N ARG B 132 -4.02 -25.40 42.93
CA ARG B 132 -3.20 -25.74 44.08
C ARG B 132 -3.73 -26.95 44.84
N TRP B 133 -5.03 -27.21 44.73
CA TRP B 133 -5.60 -28.32 45.48
C TRP B 133 -4.94 -29.63 45.09
N PHE B 134 -4.77 -29.86 43.79
CA PHE B 134 -4.16 -31.09 43.31
C PHE B 134 -3.26 -30.79 42.13
N PRO B 135 -1.94 -30.98 42.24
CA PRO B 135 -1.07 -30.73 41.08
C PRO B 135 -1.43 -31.58 39.86
N PHE B 136 -1.99 -32.78 40.07
CA PHE B 136 -2.46 -33.62 38.98
C PHE B 136 -3.96 -33.42 38.83
N ASP B 137 -4.33 -32.36 38.10
CA ASP B 137 -5.73 -32.02 37.90
C ASP B 137 -5.93 -31.56 36.46
N VAL B 138 -7.11 -31.84 35.92
CA VAL B 138 -7.42 -31.46 34.55
C VAL B 138 -7.62 -29.94 34.48
N GLN B 139 -7.01 -29.33 33.48
CA GLN B 139 -7.08 -27.88 33.29
C GLN B 139 -8.01 -27.55 32.13
N HIS B 140 -8.91 -26.60 32.37
CA HIS B 140 -9.88 -26.14 31.38
C HIS B 140 -9.48 -24.73 30.97
N CYS B 141 -9.01 -24.58 29.73
CA CYS B 141 -8.63 -23.28 29.19
C CYS B 141 -9.70 -22.81 28.22
N LYS B 142 -10.06 -21.53 28.32
CA LYS B 142 -11.16 -20.96 27.56
C LYS B 142 -10.62 -20.07 26.45
N LEU B 143 -11.19 -20.23 25.26
CA LEU B 143 -10.97 -19.34 24.13
C LEU B 143 -12.29 -18.67 23.78
N LYS B 144 -12.30 -17.34 23.76
CA LYS B 144 -13.51 -16.56 23.58
C LYS B 144 -13.41 -15.81 22.26
N PHE B 145 -14.20 -16.24 21.28
CA PHE B 145 -14.21 -15.63 19.95
C PHE B 145 -15.50 -14.86 19.75
N GLY B 146 -15.42 -13.81 18.94
CA GLY B 146 -16.58 -13.01 18.64
C GLY B 146 -16.17 -11.74 17.92
N SER B 147 -17.18 -10.99 17.52
CA SER B 147 -16.96 -9.77 16.77
C SER B 147 -16.37 -8.68 17.67
N TRP B 148 -15.90 -7.61 17.03
CA TRP B 148 -15.30 -6.49 17.73
C TRP B 148 -16.02 -5.18 17.49
N SER B 149 -16.58 -4.96 16.30
CA SER B 149 -17.35 -3.77 15.98
C SER B 149 -18.81 -4.05 15.75
N TYR B 150 -19.12 -5.04 14.91
CA TYR B 150 -20.50 -5.46 14.72
C TYR B 150 -21.01 -6.14 15.99
N GLY B 151 -22.30 -5.98 16.25
CA GLY B 151 -22.92 -6.73 17.31
C GLY B 151 -24.42 -6.53 17.41
N GLY B 152 -25.16 -7.64 17.44
CA GLY B 152 -26.58 -7.60 17.68
C GLY B 152 -27.37 -7.24 16.44
N TRP B 153 -28.35 -8.06 16.09
CA TRP B 153 -29.32 -7.76 15.04
C TRP B 153 -28.68 -7.47 13.70
N SER B 154 -27.38 -7.64 13.58
CA SER B 154 -26.67 -7.42 12.33
C SER B 154 -25.83 -8.62 11.92
N LEU B 155 -25.17 -9.28 12.88
CA LEU B 155 -24.34 -10.44 12.62
C LEU B 155 -24.55 -11.42 13.76
N ASP B 156 -25.35 -12.47 13.52
CA ASP B 156 -25.65 -13.46 14.55
C ASP B 156 -24.75 -14.68 14.33
N LEU B 157 -23.71 -14.77 15.14
CA LEU B 157 -22.75 -15.85 15.02
C LEU B 157 -23.39 -17.20 15.34
N GLN B 158 -23.10 -18.20 14.52
CA GLN B 158 -23.51 -19.57 14.80
C GLN B 158 -22.28 -20.46 14.77
N MET B 159 -22.33 -21.53 15.56
CA MET B 159 -21.18 -22.38 15.84
C MET B 159 -21.39 -23.74 15.20
N GLN B 160 -20.31 -24.30 14.63
CA GLN B 160 -20.30 -25.66 14.13
C GLN B 160 -19.32 -26.49 14.95
N GLU B 161 -19.50 -27.80 14.89
CA GLU B 161 -18.66 -28.69 15.68
C GLU B 161 -17.21 -28.57 15.24
N ALA B 162 -16.31 -28.71 16.21
CA ALA B 162 -14.89 -28.50 15.98
C ALA B 162 -14.31 -29.72 15.27
N ASP B 163 -12.98 -29.78 15.18
CA ASP B 163 -12.27 -30.82 14.46
C ASP B 163 -11.32 -31.55 15.39
N ILE B 164 -11.23 -32.87 15.21
CA ILE B 164 -10.44 -33.75 16.08
C ILE B 164 -9.41 -34.46 15.21
N SER B 165 -8.88 -33.75 14.22
CA SER B 165 -8.04 -34.36 13.20
C SER B 165 -6.65 -34.66 13.77
N GLY B 166 -5.69 -34.90 12.89
CA GLY B 166 -4.43 -35.51 13.28
C GLY B 166 -3.60 -34.62 14.17
N TYR B 167 -4.05 -34.47 15.42
CA TYR B 167 -3.45 -33.57 16.39
C TYR B 167 -2.17 -34.19 16.98
N ILE B 168 -1.25 -34.61 16.11
CA ILE B 168 0.17 -34.72 16.45
C ILE B 168 0.36 -35.16 17.90
N PRO B 169 0.12 -36.43 18.24
CA PRO B 169 0.17 -36.85 19.64
C PRO B 169 1.31 -36.22 20.42
N ASN B 170 0.97 -35.48 21.47
CA ASN B 170 1.95 -34.75 22.25
C ASN B 170 2.67 -35.69 23.21
N GLY B 171 3.56 -35.13 24.02
CA GLY B 171 4.38 -35.93 24.90
C GLY B 171 4.29 -35.54 26.37
N GLU B 172 3.54 -34.49 26.69
CA GLU B 172 3.41 -34.06 28.08
C GLU B 172 1.97 -33.82 28.49
N TRP B 173 1.11 -33.50 27.52
CA TRP B 173 -0.28 -33.17 27.82
C TRP B 173 -1.18 -33.89 26.83
N ASP B 174 -2.33 -34.37 27.31
CA ASP B 174 -3.30 -35.03 26.45
C ASP B 174 -4.68 -34.48 26.76
N LEU B 175 -5.43 -34.16 25.72
CA LEU B 175 -6.73 -33.53 25.86
C LEU B 175 -7.84 -34.56 25.72
N VAL B 176 -8.96 -34.29 26.38
CA VAL B 176 -10.12 -35.17 26.29
C VAL B 176 -11.03 -34.77 25.13
N GLY B 177 -11.28 -33.49 24.98
CA GLY B 177 -12.10 -33.00 23.89
C GLY B 177 -12.17 -31.49 23.95
N ILE B 178 -12.84 -30.92 22.96
CA ILE B 178 -12.97 -29.47 22.87
C ILE B 178 -14.43 -29.10 22.70
N PRO B 179 -15.21 -29.09 23.77
CA PRO B 179 -16.58 -28.58 23.68
C PRO B 179 -16.59 -27.07 23.46
N GLY B 180 -17.68 -26.61 22.87
CA GLY B 180 -17.88 -25.19 22.65
C GLY B 180 -19.35 -24.87 22.71
N LYS B 181 -19.65 -23.62 23.06
CA LYS B 181 -21.05 -23.20 23.16
C LYS B 181 -21.16 -21.71 22.91
N ARG B 182 -22.34 -21.31 22.45
CA ARG B 182 -22.63 -19.90 22.21
C ARG B 182 -23.11 -19.25 23.50
N SER B 183 -22.68 -18.02 23.71
CA SER B 183 -23.05 -17.26 24.89
C SER B 183 -23.41 -15.84 24.48
N GLU B 184 -24.05 -15.12 25.39
CA GLU B 184 -24.48 -13.76 25.16
C GLU B 184 -24.14 -12.93 26.39
N ARG B 185 -23.80 -11.66 26.15
CA ARG B 185 -23.48 -10.73 27.23
C ARG B 185 -24.29 -9.44 27.08
N PHE B 186 -25.60 -9.61 26.91
CA PHE B 186 -26.46 -8.49 26.54
C PHE B 186 -26.26 -7.32 27.51
N TYR B 187 -26.13 -6.13 26.95
CA TYR B 187 -25.84 -4.93 27.72
C TYR B 187 -27.12 -4.34 28.31
N GLU B 188 -26.93 -3.40 29.24
CA GLU B 188 -28.06 -2.69 29.84
C GLU B 188 -28.69 -1.71 28.86
N CYS B 189 -27.87 -0.94 28.14
CA CYS B 189 -28.40 0.01 27.17
C CYS B 189 -29.06 -0.73 26.02
N CYS B 190 -30.27 -0.30 25.66
CA CYS B 190 -30.99 -0.92 24.54
C CYS B 190 -31.19 -2.40 24.81
N LYS B 191 -31.63 -3.14 23.80
CA LYS B 191 -31.93 -4.56 23.93
C LYS B 191 -31.32 -5.34 22.77
N GLU B 192 -30.12 -4.94 22.36
CA GLU B 192 -29.42 -5.61 21.26
C GLU B 192 -28.43 -6.61 21.85
N PRO B 193 -28.61 -7.90 21.61
CA PRO B 193 -27.67 -8.88 22.17
C PRO B 193 -26.22 -8.61 21.81
N TYR B 194 -25.30 -9.24 22.53
CA TYR B 194 -23.88 -9.24 22.23
C TYR B 194 -23.44 -10.70 22.24
N PRO B 195 -23.48 -11.37 21.09
CA PRO B 195 -23.16 -12.80 21.06
C PRO B 195 -21.66 -13.05 21.00
N ASP B 196 -21.31 -14.30 21.34
CA ASP B 196 -19.93 -14.76 21.21
C ASP B 196 -19.94 -16.28 21.35
N VAL B 197 -18.79 -16.89 21.10
CA VAL B 197 -18.64 -18.34 21.23
C VAL B 197 -17.47 -18.60 22.17
N THR B 198 -17.64 -19.59 23.04
CA THR B 198 -16.62 -19.96 24.02
C THR B 198 -16.28 -21.43 23.82
N PHE B 199 -15.00 -21.71 23.61
CA PHE B 199 -14.50 -23.07 23.45
C PHE B 199 -13.62 -23.42 24.63
N THR B 200 -13.91 -24.55 25.27
CA THR B 200 -13.14 -25.01 26.42
C THR B 200 -12.30 -26.20 25.99
N VAL B 201 -10.98 -26.08 26.18
CA VAL B 201 -10.06 -27.18 25.91
C VAL B 201 -9.64 -27.75 27.25
N THR B 202 -9.91 -29.04 27.45
CA THR B 202 -9.69 -29.72 28.72
C THR B 202 -8.56 -30.72 28.52
N MET B 203 -7.49 -30.54 29.29
CA MET B 203 -6.30 -31.37 29.15
C MET B 203 -5.80 -31.83 30.50
N ARG B 204 -5.21 -33.03 30.51
CA ARG B 204 -4.62 -33.61 31.70
C ARG B 204 -3.21 -34.07 31.36
N ARG B 205 -2.36 -34.14 32.38
CA ARG B 205 -0.97 -34.52 32.19
C ARG B 205 -0.86 -35.86 31.47
N ARG B 206 0.33 -36.17 30.96
CA ARG B 206 0.55 -37.42 30.25
C ARG B 206 1.72 -38.19 30.86
N GLU C 1 -30.53 0.08 -2.39
CA GLU C 1 -29.97 -0.14 -1.03
C GLU C 1 -29.51 1.18 -0.46
N PHE C 2 -29.50 1.29 0.87
CA PHE C 2 -29.28 2.55 1.56
C PHE C 2 -27.87 2.68 2.13
N GLN C 3 -27.30 1.58 2.63
CA GLN C 3 -25.97 1.64 3.20
C GLN C 3 -24.94 2.08 2.16
N ARG C 4 -25.08 1.56 0.93
CA ARG C 4 -24.16 1.92 -0.13
C ARG C 4 -24.21 3.41 -0.44
N LYS C 5 -25.42 3.96 -0.54
CA LYS C 5 -25.57 5.38 -0.81
C LYS C 5 -24.98 6.21 0.33
N LEU C 6 -25.25 5.81 1.57
CA LEU C 6 -24.73 6.54 2.71
C LEU C 6 -23.20 6.56 2.69
N TYR C 7 -22.59 5.40 2.42
CA TYR C 7 -21.14 5.32 2.40
C TYR C 7 -20.56 6.15 1.26
N LYS C 8 -21.18 6.12 0.09
CA LYS C 8 -20.65 6.87 -1.04
C LYS C 8 -20.87 8.36 -0.88
N GLU C 9 -21.90 8.76 -0.13
CA GLU C 9 -22.24 10.17 0.01
C GLU C 9 -21.52 10.85 1.15
N LEU C 10 -21.17 10.12 2.21
CA LEU C 10 -20.60 10.76 3.39
C LEU C 10 -19.12 11.08 3.27
N VAL C 11 -18.47 10.67 2.18
CA VAL C 11 -17.02 10.84 2.04
C VAL C 11 -16.70 11.72 0.84
N LYS C 12 -17.58 12.66 0.52
CA LYS C 12 -17.35 13.51 -0.64
C LYS C 12 -16.12 14.38 -0.46
N ASN C 13 -16.00 15.05 0.69
CA ASN C 13 -14.84 15.88 1.02
C ASN C 13 -14.57 15.72 2.52
N TYR C 14 -13.71 14.78 2.86
CA TYR C 14 -13.39 14.48 4.26
C TYR C 14 -11.89 14.32 4.45
N ASN C 15 -11.12 15.31 4.01
CA ASN C 15 -9.67 15.27 4.16
C ASN C 15 -9.32 14.72 5.54
N PRO C 16 -8.68 13.54 5.62
CA PRO C 16 -8.55 12.85 6.91
C PRO C 16 -7.81 13.66 7.97
N LEU C 17 -6.89 14.53 7.58
CA LEU C 17 -6.05 15.24 8.54
C LEU C 17 -6.63 16.58 8.97
N GLU C 18 -7.95 16.71 8.97
CA GLU C 18 -8.63 17.91 9.41
C GLU C 18 -9.11 17.77 10.84
N ARG C 19 -9.54 18.89 11.42
CA ARG C 19 -10.14 18.92 12.74
C ARG C 19 -11.60 19.32 12.62
N PRO C 20 -12.54 18.37 12.63
CA PRO C 20 -13.95 18.70 12.40
C PRO C 20 -14.60 19.34 13.61
N VAL C 21 -14.85 20.64 13.53
CA VAL C 21 -15.54 21.37 14.59
C VAL C 21 -16.41 22.43 13.93
N ALA C 22 -17.54 22.73 14.58
CA ALA C 22 -18.43 23.76 14.06
C ALA C 22 -17.74 25.12 14.02
N ASN C 23 -16.99 25.44 15.08
CA ASN C 23 -16.29 26.70 15.19
C ASN C 23 -14.80 26.45 15.26
N ASP C 24 -14.03 27.27 14.53
CA ASP C 24 -12.58 27.10 14.48
C ASP C 24 -11.90 27.63 15.72
N SER C 25 -12.57 28.46 16.52
CA SER C 25 -12.00 28.98 17.76
C SER C 25 -12.39 28.15 18.97
N GLN C 26 -13.53 27.48 18.92
CA GLN C 26 -13.98 26.68 20.05
C GLN C 26 -13.18 25.39 20.12
N PRO C 27 -12.68 25.00 21.30
CA PRO C 27 -11.97 23.73 21.40
C PRO C 27 -12.90 22.54 21.24
N LEU C 28 -12.38 21.33 21.40
CA LEU C 28 -13.15 20.11 21.24
C LEU C 28 -13.00 19.25 22.48
N THR C 29 -14.04 18.49 22.76
CA THR C 29 -14.13 17.66 23.96
C THR C 29 -13.83 16.22 23.60
N VAL C 30 -12.85 15.63 24.29
CA VAL C 30 -12.52 14.23 24.16
C VAL C 30 -12.52 13.62 25.55
N TYR C 31 -13.16 12.46 25.69
CA TYR C 31 -13.27 11.73 26.94
C TYR C 31 -12.39 10.48 26.87
N PHE C 32 -11.64 10.24 27.95
CA PHE C 32 -10.66 9.17 28.02
C PHE C 32 -10.89 8.34 29.27
N SER C 33 -10.93 7.01 29.11
CA SER C 33 -11.15 6.09 30.21
C SER C 33 -10.59 4.72 29.84
N LEU C 34 -9.41 4.39 30.34
CA LEU C 34 -8.86 3.08 30.04
C LEU C 34 -9.51 2.01 30.90
N SER C 35 -9.37 0.76 30.46
CA SER C 35 -9.88 -0.40 31.18
C SER C 35 -8.77 -1.44 31.21
N LEU C 36 -8.21 -1.68 32.39
CA LEU C 36 -7.10 -2.59 32.56
C LEU C 36 -7.64 -4.00 32.78
N LEU C 37 -7.15 -4.96 32.00
CA LEU C 37 -7.64 -6.32 32.09
C LEU C 37 -6.71 -7.24 32.86
N GLN C 38 -5.42 -6.94 32.88
CA GLN C 38 -4.44 -7.80 33.54
C GLN C 38 -3.08 -7.11 33.49
N ILE C 39 -2.27 -7.37 34.50
CA ILE C 39 -0.85 -7.00 34.48
C ILE C 39 -0.07 -8.27 34.20
N MET C 40 0.79 -8.21 33.18
CA MET C 40 1.48 -9.42 32.75
C MET C 40 2.71 -9.70 33.61
N ASP C 41 3.49 -8.66 33.92
CA ASP C 41 4.71 -8.86 34.68
C ASP C 41 5.26 -7.51 35.11
N VAL C 42 5.78 -7.44 36.34
CA VAL C 42 6.47 -6.25 36.79
C VAL C 42 7.94 -6.26 36.41
N ASP C 43 8.47 -7.40 35.95
CA ASP C 43 9.79 -7.48 35.35
C ASP C 43 10.90 -7.21 36.34
N GLU C 44 12.12 -7.09 35.84
CA GLU C 44 13.32 -6.97 36.65
C GLU C 44 13.50 -5.52 37.12
N LYS C 45 14.68 -5.22 37.66
CA LYS C 45 15.03 -3.90 38.18
C LYS C 45 15.27 -2.89 37.09
N ASN C 46 14.98 -3.20 35.83
CA ASN C 46 15.10 -2.23 34.76
C ASN C 46 14.00 -1.18 34.79
N GLN C 47 13.04 -1.32 35.69
CA GLN C 47 11.92 -0.38 35.80
C GLN C 47 11.07 -0.43 34.53
N VAL C 48 10.61 -1.64 34.21
CA VAL C 48 9.67 -1.86 33.12
C VAL C 48 8.56 -2.76 33.65
N LEU C 49 7.38 -2.64 33.03
CA LEU C 49 6.24 -3.47 33.40
C LEU C 49 5.36 -3.66 32.19
N THR C 50 4.81 -4.86 32.04
CA THR C 50 3.96 -5.23 30.92
C THR C 50 2.54 -5.42 31.42
N THR C 51 1.60 -4.71 30.80
CA THR C 51 0.20 -4.75 31.22
C THR C 51 -0.69 -4.86 30.00
N ASN C 52 -1.90 -5.36 30.22
CA ASN C 52 -2.91 -5.54 29.18
C ASN C 52 -4.01 -4.51 29.40
N ILE C 53 -4.16 -3.59 28.45
CA ILE C 53 -5.07 -2.46 28.62
C ILE C 53 -5.88 -2.27 27.35
N TRP C 54 -7.18 -2.03 27.51
CA TRP C 54 -8.04 -1.59 26.41
C TRP C 54 -8.36 -0.12 26.65
N LEU C 55 -7.91 0.74 25.75
CA LEU C 55 -8.17 2.16 25.92
C LEU C 55 -9.59 2.48 25.48
N GLN C 56 -9.98 3.73 25.66
CA GLN C 56 -11.31 4.19 25.29
C GLN C 56 -11.25 5.66 24.93
N MET C 57 -11.94 6.02 23.86
CA MET C 57 -11.95 7.38 23.36
C MET C 57 -13.38 7.75 23.03
N SER C 58 -13.76 9.00 23.28
CA SER C 58 -15.05 9.49 22.82
C SER C 58 -14.93 10.94 22.40
N TRP C 59 -15.53 11.26 21.25
CA TRP C 59 -15.55 12.63 20.76
C TRP C 59 -16.76 12.79 19.84
N THR C 60 -17.08 14.05 19.54
CA THR C 60 -18.22 14.41 18.71
C THR C 60 -17.75 14.94 17.37
N ASP C 61 -18.45 14.55 16.31
CA ASP C 61 -18.10 14.93 14.94
C ASP C 61 -19.21 15.77 14.33
N HIS C 62 -18.81 16.67 13.42
CA HIS C 62 -19.73 17.59 12.78
C HIS C 62 -19.97 17.29 11.31
N TYR C 63 -19.12 16.49 10.68
CA TYR C 63 -19.24 16.19 9.26
C TYR C 63 -19.92 14.86 8.98
N LEU C 64 -20.30 14.12 10.01
CA LEU C 64 -20.99 12.84 9.87
C LEU C 64 -22.35 12.97 10.55
N GLN C 65 -23.33 13.48 9.81
CA GLN C 65 -24.70 13.57 10.29
C GLN C 65 -25.65 13.15 9.20
N TRP C 66 -26.71 12.46 9.59
CA TRP C 66 -27.80 12.13 8.69
C TRP C 66 -29.07 12.03 9.53
N ASN C 67 -30.19 11.87 8.85
CA ASN C 67 -31.48 11.68 9.51
C ASN C 67 -31.94 10.26 9.22
N VAL C 68 -32.20 9.50 10.29
CA VAL C 68 -32.52 8.07 10.16
C VAL C 68 -33.93 7.82 9.69
N SER C 69 -34.76 8.86 9.58
CA SER C 69 -36.14 8.66 9.15
C SER C 69 -36.20 8.10 7.73
N GLU C 70 -35.38 8.62 6.83
CA GLU C 70 -35.38 8.19 5.43
C GLU C 70 -34.40 7.06 5.16
N TYR C 71 -33.71 6.56 6.18
CA TYR C 71 -32.74 5.48 6.04
C TYR C 71 -33.08 4.40 7.05
N PRO C 72 -34.19 3.69 6.85
CA PRO C 72 -34.53 2.60 7.77
C PRO C 72 -33.47 1.51 7.74
N GLY C 73 -33.27 0.87 8.89
CA GLY C 73 -32.24 -0.14 9.01
C GLY C 73 -30.95 0.41 9.56
N VAL C 74 -30.01 0.75 8.67
CA VAL C 74 -28.68 1.17 9.09
C VAL C 74 -28.79 2.30 10.12
N LYS C 75 -28.13 2.10 11.26
CA LYS C 75 -28.05 3.12 12.29
C LYS C 75 -26.64 3.38 12.76
N THR C 76 -25.70 2.45 12.58
CA THR C 76 -24.31 2.62 12.95
C THR C 76 -23.44 2.30 11.76
N VAL C 77 -22.49 3.20 11.47
CA VAL C 77 -21.50 2.97 10.42
C VAL C 77 -20.15 2.83 11.08
N ARG C 78 -19.22 2.24 10.33
CA ARG C 78 -17.88 2.01 10.84
C ARG C 78 -16.87 2.30 9.75
N PHE C 79 -15.74 2.89 10.15
CA PHE C 79 -14.71 3.26 9.20
C PHE C 79 -13.38 2.63 9.58
N PRO C 80 -12.57 2.21 8.61
CA PRO C 80 -11.27 1.63 8.94
C PRO C 80 -10.26 2.69 9.36
N ASP C 81 -9.00 2.28 9.53
CA ASP C 81 -7.93 3.19 9.92
C ASP C 81 -7.30 3.79 8.68
N GLY C 82 -7.41 5.10 8.54
CA GLY C 82 -6.82 5.80 7.40
C GLY C 82 -7.73 6.83 6.76
N GLN C 83 -9.04 6.58 6.81
CA GLN C 83 -10.02 7.47 6.20
C GLN C 83 -10.74 8.37 7.19
N ILE C 84 -10.72 8.03 8.47
CA ILE C 84 -11.43 8.79 9.50
C ILE C 84 -10.40 9.42 10.43
N TRP C 85 -10.73 10.61 10.92
CA TRP C 85 -9.85 11.29 11.86
C TRP C 85 -9.82 10.54 13.19
N LYS C 86 -8.63 10.45 13.78
CA LYS C 86 -8.47 9.84 15.08
C LYS C 86 -7.44 10.67 15.86
N PRO C 87 -7.74 11.07 17.09
CA PRO C 87 -6.78 11.86 17.85
C PRO C 87 -5.49 11.12 18.10
N ASP C 88 -4.39 11.89 18.19
CA ASP C 88 -3.07 11.33 18.45
C ASP C 88 -2.77 11.41 19.95
N ILE C 89 -3.48 10.59 20.70
CA ILE C 89 -3.31 10.48 22.15
C ILE C 89 -2.67 9.12 22.42
N LEU C 90 -1.54 9.13 23.10
CA LEU C 90 -0.79 7.91 23.33
C LEU C 90 -0.01 8.04 24.65
N LEU C 91 0.86 7.07 24.90
CA LEU C 91 1.60 6.97 26.15
C LEU C 91 2.91 7.75 26.06
N TYR C 92 3.27 8.42 27.15
CA TYR C 92 4.47 9.24 27.19
C TYR C 92 5.70 8.44 27.60
N ASN C 93 5.67 7.85 28.80
CA ASN C 93 6.81 7.08 29.31
C ASN C 93 6.82 5.69 28.70
N SER C 94 6.87 5.65 27.37
CA SER C 94 6.85 4.39 26.65
C SER C 94 8.25 3.80 26.57
N ALA C 95 8.36 2.51 26.89
CA ALA C 95 9.63 1.79 26.82
C ALA C 95 9.64 0.76 25.71
N ASP C 96 8.54 0.58 25.00
CA ASP C 96 8.50 -0.38 23.91
C ASP C 96 9.36 0.09 22.75
N GLU C 97 9.91 -0.87 22.01
CA GLU C 97 10.79 -0.53 20.90
C GLU C 97 10.04 0.19 19.80
N ARG C 98 8.80 -0.21 19.53
CA ARG C 98 7.96 0.45 18.54
C ARG C 98 7.10 1.55 19.13
N PHE C 99 7.25 1.82 20.42
CA PHE C 99 6.59 2.96 21.06
C PHE C 99 5.10 2.72 21.22
N ASP C 100 4.37 2.65 20.11
CA ASP C 100 2.92 2.46 20.12
C ASP C 100 2.61 1.00 19.80
N ALA C 101 2.03 0.30 20.76
CA ALA C 101 1.69 -1.11 20.63
C ALA C 101 0.20 -1.34 20.39
N THR C 102 -0.50 -0.32 19.91
CA THR C 102 -1.94 -0.44 19.70
C THR C 102 -2.23 -1.16 18.39
N PHE C 103 -3.14 -2.11 18.45
CA PHE C 103 -3.71 -2.74 17.27
C PHE C 103 -4.87 -1.88 16.80
N HIS C 104 -4.69 -1.20 15.67
CA HIS C 104 -5.68 -0.21 15.26
C HIS C 104 -7.02 -0.88 14.98
N THR C 105 -8.09 -0.12 15.19
CA THR C 105 -9.45 -0.65 15.14
C THR C 105 -10.34 0.30 14.36
N ASN C 106 -11.45 -0.25 13.86
CA ASN C 106 -12.45 0.56 13.18
C ASN C 106 -13.11 1.52 14.16
N VAL C 107 -13.61 2.63 13.62
CA VAL C 107 -14.25 3.68 14.40
C VAL C 107 -15.75 3.64 14.13
N LEU C 108 -16.54 3.70 15.19
CA LEU C 108 -17.99 3.52 15.12
C LEU C 108 -18.69 4.86 15.26
N VAL C 109 -19.65 5.13 14.37
CA VAL C 109 -20.42 6.37 14.38
C VAL C 109 -21.90 6.00 14.38
N ASN C 110 -22.68 6.70 15.22
CA ASN C 110 -24.10 6.45 15.35
C ASN C 110 -24.88 7.71 15.03
N SER C 111 -25.84 7.58 14.11
CA SER C 111 -26.72 8.69 13.74
C SER C 111 -25.90 9.96 13.55
N SER C 112 -26.42 11.10 14.00
CA SER C 112 -25.65 12.34 14.04
C SER C 112 -24.87 12.41 15.36
N GLY C 113 -23.99 11.42 15.53
CA GLY C 113 -23.43 11.18 16.85
C GLY C 113 -21.92 11.13 16.93
N HIS C 114 -21.46 10.40 17.94
CA HIS C 114 -20.10 10.47 18.41
C HIS C 114 -19.29 9.32 17.81
N CYS C 115 -18.05 9.20 18.25
CA CYS C 115 -17.19 8.11 17.81
C CYS C 115 -16.63 7.36 19.00
N GLN C 116 -16.41 6.06 18.81
CA GLN C 116 -15.77 5.21 19.81
C GLN C 116 -14.61 4.47 19.17
N TYR C 117 -13.45 4.54 19.81
CA TYR C 117 -12.22 3.93 19.32
C TYR C 117 -11.64 3.10 20.44
N LEU C 118 -11.86 1.78 20.39
CA LEU C 118 -11.45 0.85 21.43
C LEU C 118 -10.21 0.10 20.97
N PRO C 119 -9.00 0.54 21.33
CA PRO C 119 -7.81 -0.21 20.97
C PRO C 119 -7.38 -1.14 22.09
N PRO C 120 -7.01 -2.37 21.78
CA PRO C 120 -6.34 -3.21 22.77
C PRO C 120 -4.83 -3.11 22.64
N GLY C 121 -4.14 -3.32 23.76
CA GLY C 121 -2.70 -3.19 23.74
C GLY C 121 -2.03 -3.84 24.91
N ILE C 122 -0.76 -4.18 24.70
CA ILE C 122 0.14 -4.68 25.72
C ILE C 122 1.23 -3.64 25.86
N PHE C 123 1.23 -2.91 26.99
CA PHE C 123 2.06 -1.73 27.15
C PHE C 123 3.26 -2.04 28.03
N LYS C 124 4.45 -1.77 27.52
CA LYS C 124 5.69 -1.87 28.27
C LYS C 124 6.05 -0.46 28.74
N SER C 125 5.60 -0.12 29.93
CA SER C 125 5.82 1.20 30.51
C SER C 125 6.93 1.14 31.55
N SER C 126 7.46 2.31 31.89
CA SER C 126 8.56 2.45 32.83
C SER C 126 8.14 3.39 33.95
N CYS C 127 8.37 2.97 35.18
CA CYS C 127 8.02 3.77 36.35
C CYS C 127 9.18 3.77 37.33
N TYR C 128 8.96 4.25 38.55
CA TYR C 128 10.00 4.45 39.54
C TYR C 128 9.91 3.33 40.57
N ILE C 129 10.65 2.25 40.33
CA ILE C 129 10.69 1.10 41.23
C ILE C 129 11.97 1.25 42.05
N ASP C 130 11.88 2.02 43.13
CA ASP C 130 13.00 2.32 44.00
C ASP C 130 12.53 2.32 45.45
N VAL C 131 11.83 1.26 45.85
CA VAL C 131 11.13 1.22 47.13
C VAL C 131 12.03 1.74 48.25
N ARG C 132 11.52 2.75 48.96
CA ARG C 132 12.29 3.43 50.01
C ARG C 132 12.69 2.47 51.11
N TRP C 133 11.77 1.63 51.56
CA TRP C 133 12.07 0.73 52.65
C TRP C 133 12.70 -0.51 52.07
N PHE C 134 12.88 -1.55 52.88
CA PHE C 134 13.35 -2.81 52.35
C PHE C 134 12.47 -3.28 51.20
N PRO C 135 12.89 -4.29 50.45
CA PRO C 135 12.19 -4.57 49.18
C PRO C 135 10.68 -4.71 49.30
N PHE C 136 10.16 -5.07 50.47
CA PHE C 136 8.72 -5.22 50.67
C PHE C 136 8.13 -3.86 51.02
N ASP C 137 7.65 -3.16 49.99
CA ASP C 137 7.05 -1.85 50.19
C ASP C 137 6.04 -1.60 49.07
N VAL C 138 5.18 -0.61 49.29
CA VAL C 138 4.11 -0.28 48.36
C VAL C 138 4.70 0.59 47.25
N GLN C 139 4.70 0.07 46.03
CA GLN C 139 5.18 0.80 44.87
C GLN C 139 4.00 1.38 44.10
N HIS C 140 4.15 2.64 43.68
CA HIS C 140 3.15 3.34 42.88
C HIS C 140 3.78 3.69 41.54
N CYS C 141 3.31 3.06 40.47
CA CYS C 141 3.76 3.35 39.13
C CYS C 141 2.74 4.24 38.44
N LYS C 142 3.23 5.05 37.50
CA LYS C 142 2.44 6.10 36.87
C LYS C 142 2.40 5.87 35.37
N LEU C 143 1.21 5.96 34.79
CA LEU C 143 1.01 5.87 33.35
C LEU C 143 0.50 7.21 32.84
N LYS C 144 1.20 7.79 31.89
CA LYS C 144 0.92 9.12 31.38
C LYS C 144 0.29 9.01 30.00
N PHE C 145 -0.82 9.73 29.80
CA PHE C 145 -1.53 9.73 28.53
C PHE C 145 -1.85 11.17 28.15
N GLY C 146 -1.55 11.52 26.91
CA GLY C 146 -1.84 12.85 26.41
C GLY C 146 -1.54 12.91 24.93
N SER C 147 -1.96 14.02 24.33
CA SER C 147 -1.73 14.23 22.91
C SER C 147 -0.29 14.66 22.67
N TRP C 148 0.16 14.44 21.44
CA TRP C 148 1.53 14.77 21.04
C TRP C 148 1.59 16.05 20.22
N SER C 149 0.81 16.13 19.15
CA SER C 149 0.77 17.32 18.30
C SER C 149 -0.37 18.26 18.68
N TYR C 150 -1.54 17.72 19.02
CA TYR C 150 -2.63 18.53 19.52
C TYR C 150 -2.40 18.85 20.99
N GLY C 151 -2.69 20.09 21.37
CA GLY C 151 -2.63 20.45 22.77
C GLY C 151 -2.96 21.90 23.05
N GLY C 152 -3.85 22.10 24.02
CA GLY C 152 -4.21 23.44 24.45
C GLY C 152 -5.20 24.09 23.52
N TRP C 153 -6.31 24.56 24.06
CA TRP C 153 -7.33 25.31 23.33
C TRP C 153 -7.88 24.55 22.14
N SER C 154 -7.52 23.28 21.97
CA SER C 154 -8.00 22.48 20.86
C SER C 154 -8.61 21.17 21.30
N LEU C 155 -8.03 20.51 22.31
CA LEU C 155 -8.55 19.27 22.86
C LEU C 155 -8.50 19.39 24.38
N ASP C 156 -9.66 19.65 25.01
CA ASP C 156 -9.70 19.72 26.47
C ASP C 156 -9.92 18.30 27.02
N LEU C 157 -8.87 17.51 26.93
CA LEU C 157 -8.92 16.11 27.32
C LEU C 157 -9.47 15.95 28.72
N GLN C 158 -10.49 15.12 28.87
CA GLN C 158 -11.13 14.88 30.15
C GLN C 158 -11.02 13.41 30.53
N MET C 159 -11.04 13.18 31.84
CA MET C 159 -10.78 11.87 32.42
C MET C 159 -12.06 11.28 32.98
N GLN C 160 -12.19 9.97 32.85
CA GLN C 160 -13.26 9.22 33.51
C GLN C 160 -12.65 8.02 34.22
N GLU C 161 -13.32 7.58 35.29
CA GLU C 161 -12.76 6.56 36.15
C GLU C 161 -12.51 5.27 35.37
N ALA C 162 -11.46 4.56 35.78
CA ALA C 162 -11.05 3.33 35.12
C ALA C 162 -12.01 2.21 35.51
N ASP C 163 -11.69 0.99 35.09
CA ASP C 163 -12.54 -0.18 35.32
C ASP C 163 -11.82 -1.19 36.17
N ILE C 164 -12.62 -1.93 36.96
CA ILE C 164 -12.11 -2.93 37.89
C ILE C 164 -12.70 -4.27 37.50
N SER C 165 -12.91 -4.48 36.20
CA SER C 165 -13.54 -5.69 35.71
C SER C 165 -12.59 -6.87 35.93
N GLY C 166 -12.94 -8.03 35.38
CA GLY C 166 -12.18 -9.24 35.63
C GLY C 166 -10.69 -9.03 35.48
N TYR C 167 -9.98 -9.11 36.59
CA TYR C 167 -8.58 -8.76 36.66
C TYR C 167 -7.64 -9.95 36.52
N ILE C 168 -8.18 -11.17 36.45
CA ILE C 168 -7.33 -12.35 36.27
C ILE C 168 -6.31 -12.37 37.38
N PRO C 169 -6.71 -12.67 38.62
CA PRO C 169 -5.78 -12.56 39.74
C PRO C 169 -4.43 -13.24 39.49
N ASN C 170 -3.37 -12.44 39.43
CA ASN C 170 -2.03 -13.00 39.34
C ASN C 170 -1.67 -13.67 40.66
N GLY C 171 -0.47 -14.23 40.71
CA GLY C 171 -0.08 -15.05 41.84
C GLY C 171 1.00 -14.46 42.73
N GLU C 172 1.52 -13.30 42.38
CA GLU C 172 2.62 -12.72 43.15
C GLU C 172 2.49 -11.23 43.41
N TRP C 173 1.41 -10.58 43.00
CA TRP C 173 1.24 -9.17 43.26
C TRP C 173 -0.25 -8.86 43.36
N ASP C 174 -0.61 -8.03 44.34
CA ASP C 174 -1.98 -7.61 44.56
C ASP C 174 -2.05 -6.08 44.48
N LEU C 175 -3.09 -5.59 43.83
CA LEU C 175 -3.29 -4.16 43.66
C LEU C 175 -4.26 -3.63 44.71
N VAL C 176 -4.16 -2.34 44.98
CA VAL C 176 -5.05 -1.66 45.90
C VAL C 176 -6.13 -0.89 45.15
N GLY C 177 -5.77 -0.23 44.06
CA GLY C 177 -6.73 0.51 43.27
C GLY C 177 -6.03 1.14 42.09
N ILE C 178 -6.84 1.74 41.23
CA ILE C 178 -6.32 2.43 40.04
C ILE C 178 -6.99 3.80 39.93
N PRO C 179 -6.59 4.77 40.73
CA PRO C 179 -7.09 6.14 40.54
C PRO C 179 -6.37 6.84 39.40
N GLY C 180 -6.96 7.97 38.98
CA GLY C 180 -6.38 8.79 37.95
C GLY C 180 -6.52 10.26 38.30
N LYS C 181 -5.81 11.10 37.54
CA LYS C 181 -5.80 12.52 37.81
C LYS C 181 -5.52 13.28 36.52
N ARG C 182 -6.31 14.31 36.27
CA ARG C 182 -6.12 15.20 35.14
C ARG C 182 -5.33 16.42 35.62
N SER C 183 -4.28 16.77 34.89
CA SER C 183 -3.41 17.87 35.27
C SER C 183 -3.19 18.80 34.08
N GLU C 184 -3.42 20.09 34.29
CA GLU C 184 -3.18 21.11 33.27
C GLU C 184 -1.80 21.73 33.43
N ARG C 185 -0.80 20.86 33.44
CA ARG C 185 0.57 21.27 33.73
C ARG C 185 1.29 21.70 32.45
N PHE C 186 2.54 22.11 32.61
CA PHE C 186 3.40 22.48 31.49
C PHE C 186 2.79 23.62 30.68
N TYR C 187 2.38 24.68 31.37
CA TYR C 187 1.94 25.91 30.73
C TYR C 187 3.18 26.71 30.36
N GLU C 188 3.59 26.62 29.11
CA GLU C 188 4.86 27.17 28.66
C GLU C 188 4.67 28.62 28.25
N CYS C 189 5.65 29.19 27.54
CA CYS C 189 5.54 30.57 27.08
C CYS C 189 4.27 30.79 26.27
N CYS C 190 3.89 29.81 25.45
CA CYS C 190 2.63 29.91 24.73
C CYS C 190 1.47 30.03 25.72
N LYS C 191 0.48 30.86 25.37
CA LYS C 191 -0.61 31.11 26.30
C LYS C 191 -1.40 29.86 26.61
N GLU C 192 -1.65 29.02 25.61
CA GLU C 192 -2.50 27.86 25.81
C GLU C 192 -1.86 26.89 26.81
N PRO C 193 -2.67 26.07 27.48
CA PRO C 193 -2.12 25.07 28.40
C PRO C 193 -1.67 23.79 27.70
N TYR C 194 -1.31 22.78 28.49
CA TYR C 194 -0.98 21.46 27.97
C TYR C 194 -1.54 20.40 28.90
N PRO C 195 -2.79 20.00 28.70
CA PRO C 195 -3.40 19.01 29.61
C PRO C 195 -2.81 17.62 29.45
N ASP C 196 -2.94 16.83 30.51
CA ASP C 196 -2.42 15.47 30.55
C ASP C 196 -3.25 14.67 31.57
N VAL C 197 -3.19 13.34 31.44
CA VAL C 197 -3.90 12.45 32.35
C VAL C 197 -2.92 11.41 32.86
N THR C 198 -2.81 11.29 34.17
CA THR C 198 -1.87 10.35 34.80
C THR C 198 -2.65 9.39 35.69
N PHE C 199 -2.46 8.09 35.44
CA PHE C 199 -3.10 7.03 36.21
C PHE C 199 -2.06 6.40 37.14
N THR C 200 -2.49 6.05 38.35
CA THR C 200 -1.60 5.48 39.35
C THR C 200 -1.99 4.05 39.64
N VAL C 201 -1.03 3.13 39.54
CA VAL C 201 -1.22 1.73 39.87
C VAL C 201 -0.36 1.44 41.09
N THR C 202 -1.00 1.02 42.18
CA THR C 202 -0.33 0.80 43.45
C THR C 202 -0.38 -0.68 43.80
N MET C 203 0.75 -1.22 44.23
CA MET C 203 0.81 -2.62 44.66
C MET C 203 1.96 -2.77 45.63
N ARG C 204 1.75 -3.54 46.70
CA ARG C 204 2.84 -3.79 47.63
C ARG C 204 3.54 -5.11 47.34
N ARG C 205 2.82 -6.22 47.52
CA ARG C 205 3.38 -7.55 47.30
C ARG C 205 2.33 -8.59 47.67
N ARG C 206 2.63 -9.86 47.44
CA ARG C 206 1.78 -10.94 47.90
C ARG C 206 2.58 -11.85 48.84
N GLU D 1 -15.87 25.71 4.41
CA GLU D 1 -15.14 25.70 5.70
C GLU D 1 -13.71 26.15 5.50
N PHE D 2 -13.23 27.01 6.41
CA PHE D 2 -11.89 27.56 6.27
C PHE D 2 -10.84 26.47 6.37
N GLN D 3 -11.02 25.52 7.29
CA GLN D 3 -10.04 24.44 7.42
C GLN D 3 -9.91 23.66 6.12
N ARG D 4 -11.03 23.25 5.55
CA ARG D 4 -10.99 22.47 4.32
C ARG D 4 -10.38 23.28 3.19
N LYS D 5 -10.76 24.55 3.06
CA LYS D 5 -10.22 25.38 2.00
C LYS D 5 -8.71 25.51 2.11
N LEU D 6 -8.22 25.77 3.33
CA LEU D 6 -6.78 25.92 3.53
C LEU D 6 -6.04 24.63 3.22
N TYR D 7 -6.55 23.50 3.72
CA TYR D 7 -5.88 22.23 3.49
C TYR D 7 -5.88 21.87 2.01
N LYS D 8 -6.97 22.15 1.31
CA LYS D 8 -7.02 21.86 -0.12
C LYS D 8 -6.08 22.75 -0.90
N GLU D 9 -6.00 24.03 -0.54
CA GLU D 9 -5.20 24.96 -1.34
C GLU D 9 -3.71 24.86 -1.07
N LEU D 10 -3.30 24.40 0.12
CA LEU D 10 -1.88 24.44 0.45
C LEU D 10 -1.06 23.38 -0.28
N VAL D 11 -1.70 22.41 -0.94
CA VAL D 11 -0.97 21.27 -1.50
C VAL D 11 -1.17 21.18 -3.00
N LYS D 12 -1.30 22.33 -3.67
CA LYS D 12 -1.46 22.32 -5.12
C LYS D 12 -0.24 21.72 -5.80
N ASN D 13 0.93 22.33 -5.61
CA ASN D 13 2.19 21.89 -6.21
C ASN D 13 3.21 21.82 -5.08
N TYR D 14 3.28 20.69 -4.39
CA TYR D 14 4.18 20.51 -3.26
C TYR D 14 4.87 19.15 -3.33
N ASN D 15 5.44 18.83 -4.48
CA ASN D 15 6.18 17.58 -4.65
C ASN D 15 7.09 17.35 -3.44
N PRO D 16 6.89 16.26 -2.67
CA PRO D 16 7.56 16.15 -1.37
C PRO D 16 9.05 15.87 -1.44
N LEU D 17 9.63 15.84 -2.63
CA LEU D 17 11.04 15.55 -2.80
C LEU D 17 11.90 16.81 -2.95
N GLU D 18 11.31 17.98 -2.72
CA GLU D 18 11.94 19.25 -3.03
C GLU D 18 12.42 19.93 -1.75
N ARG D 19 13.49 20.72 -1.89
CA ARG D 19 14.02 21.50 -0.79
C ARG D 19 13.41 22.90 -0.83
N PRO D 20 12.68 23.34 0.20
CA PRO D 20 11.97 24.62 0.11
C PRO D 20 12.90 25.79 0.37
N VAL D 21 13.06 26.64 -0.64
CA VAL D 21 13.84 27.88 -0.50
C VAL D 21 13.54 28.76 -1.69
N ALA D 22 13.49 30.08 -1.47
CA ALA D 22 13.16 31.00 -2.54
C ALA D 22 14.21 30.97 -3.65
N ASN D 23 15.49 30.97 -3.27
CA ASN D 23 16.60 30.90 -4.21
C ASN D 23 17.36 29.62 -3.93
N ASP D 24 17.49 28.77 -4.95
CA ASP D 24 18.04 27.44 -4.73
C ASP D 24 19.55 27.45 -4.49
N SER D 25 20.24 28.50 -4.88
CA SER D 25 21.68 28.58 -4.61
C SER D 25 21.95 28.80 -3.12
N GLN D 26 21.09 29.56 -2.45
CA GLN D 26 21.30 29.84 -1.05
C GLN D 26 21.12 28.56 -0.23
N PRO D 27 21.93 28.37 0.80
CA PRO D 27 21.79 27.18 1.65
C PRO D 27 20.59 27.32 2.58
N LEU D 28 20.34 26.27 3.36
CA LEU D 28 19.21 26.21 4.28
C LEU D 28 19.71 25.96 5.69
N THR D 29 19.12 26.70 6.63
CA THR D 29 19.48 26.63 8.03
C THR D 29 18.49 25.72 8.76
N VAL D 30 19.02 24.70 9.43
CA VAL D 30 18.21 23.75 10.19
C VAL D 30 18.78 23.68 11.60
N TYR D 31 17.92 23.94 12.59
CA TYR D 31 18.32 23.89 13.99
C TYR D 31 18.06 22.49 14.53
N PHE D 32 19.06 21.92 15.20
CA PHE D 32 19.01 20.55 15.69
C PHE D 32 19.40 20.50 17.16
N SER D 33 18.62 19.75 17.93
CA SER D 33 18.98 19.50 19.33
C SER D 33 18.20 18.29 19.83
N LEU D 34 18.81 17.55 20.73
CA LEU D 34 18.20 16.36 21.30
C LEU D 34 17.92 16.55 22.78
N SER D 35 17.14 15.64 23.34
CA SER D 35 16.80 15.68 24.75
C SER D 35 16.66 14.23 25.22
N LEU D 36 17.62 13.75 26.01
CA LEU D 36 17.58 12.39 26.50
C LEU D 36 16.75 12.34 27.77
N LEU D 37 15.77 11.44 27.81
CA LEU D 37 14.85 11.34 28.93
C LEU D 37 15.05 10.10 29.78
N GLN D 38 15.75 9.09 29.27
CA GLN D 38 15.92 7.85 30.01
C GLN D 38 17.14 7.12 29.47
N ILE D 39 17.68 6.23 30.28
CA ILE D 39 18.74 5.31 29.88
C ILE D 39 18.30 3.91 30.24
N MET D 40 18.34 3.01 29.27
CA MET D 40 17.81 1.66 29.47
C MET D 40 18.89 0.68 29.90
N ASP D 41 20.01 0.62 29.17
CA ASP D 41 21.05 -0.35 29.49
C ASP D 41 22.35 0.06 28.80
N VAL D 42 23.42 0.19 29.59
CA VAL D 42 24.75 0.39 29.01
C VAL D 42 25.42 -0.93 28.67
N ASP D 43 25.02 -2.03 29.30
CA ASP D 43 25.49 -3.36 28.92
C ASP D 43 26.92 -3.59 29.34
N GLU D 44 27.43 -4.78 29.01
CA GLU D 44 28.80 -5.19 29.30
C GLU D 44 29.69 -4.78 28.13
N LYS D 45 30.87 -5.36 28.04
CA LYS D 45 31.85 -5.02 27.00
C LYS D 45 31.37 -5.39 25.61
N ASN D 46 30.13 -5.81 25.41
CA ASN D 46 29.64 -6.13 24.07
C ASN D 46 29.63 -4.92 23.14
N GLN D 47 29.97 -3.73 23.64
CA GLN D 47 30.03 -2.53 22.82
C GLN D 47 28.65 -2.17 22.26
N VAL D 48 27.71 -1.97 23.19
CA VAL D 48 26.35 -1.56 22.84
C VAL D 48 25.81 -0.73 23.97
N LEU D 49 25.06 0.32 23.63
CA LEU D 49 24.45 1.21 24.61
C LEU D 49 23.04 1.56 24.14
N THR D 50 22.09 1.50 25.06
CA THR D 50 20.68 1.78 24.77
C THR D 50 20.24 3.03 25.51
N THR D 51 19.67 3.97 24.79
CA THR D 51 19.23 5.24 25.36
C THR D 51 17.87 5.61 24.81
N ASN D 52 17.14 6.42 25.58
CA ASN D 52 15.83 6.93 25.19
C ASN D 52 15.95 8.43 24.99
N ILE D 53 15.84 8.88 23.75
CA ILE D 53 16.09 10.27 23.38
C ILE D 53 14.96 10.76 22.48
N TRP D 54 14.55 12.00 22.69
CA TRP D 54 13.61 12.68 21.80
C TRP D 54 14.39 13.71 20.98
N LEU D 55 14.26 13.62 19.66
CA LEU D 55 14.94 14.57 18.80
C LEU D 55 14.17 15.88 18.73
N GLN D 56 14.78 16.88 18.10
CA GLN D 56 14.13 18.17 17.91
C GLN D 56 14.77 18.82 16.69
N MET D 57 13.98 18.96 15.63
CA MET D 57 14.42 19.59 14.39
C MET D 57 13.50 20.76 14.08
N SER D 58 14.09 21.86 13.63
CA SER D 58 13.32 23.03 13.25
C SER D 58 13.93 23.64 11.99
N TRP D 59 13.07 24.23 11.17
CA TRP D 59 13.52 24.92 9.96
C TRP D 59 12.41 25.84 9.47
N THR D 60 12.76 26.66 8.47
CA THR D 60 11.87 27.66 7.92
C THR D 60 11.52 27.30 6.49
N ASP D 61 10.23 27.29 6.18
CA ASP D 61 9.73 26.93 4.86
C ASP D 61 9.15 28.15 4.16
N HIS D 62 9.36 28.21 2.84
CA HIS D 62 8.89 29.31 2.03
C HIS D 62 7.74 28.91 1.11
N TYR D 63 7.14 27.74 1.32
CA TYR D 63 6.01 27.29 0.52
C TYR D 63 4.74 27.10 1.34
N LEU D 64 4.78 27.37 2.64
CA LEU D 64 3.62 27.29 3.51
C LEU D 64 3.47 28.68 4.14
N GLN D 65 2.78 29.57 3.45
CA GLN D 65 2.67 30.96 3.87
C GLN D 65 1.24 31.45 3.68
N TRP D 66 0.79 32.27 4.61
CA TRP D 66 -0.52 32.93 4.55
C TRP D 66 -0.56 33.93 5.70
N ASN D 67 -1.67 34.66 5.83
CA ASN D 67 -1.88 35.54 6.96
C ASN D 67 -3.29 35.36 7.49
N VAL D 68 -3.43 35.62 8.80
CA VAL D 68 -4.61 35.19 9.54
C VAL D 68 -5.87 35.97 9.18
N SER D 69 -5.73 37.17 8.62
CA SER D 69 -6.92 37.96 8.30
C SER D 69 -7.83 37.21 7.35
N GLU D 70 -7.25 36.59 6.32
CA GLU D 70 -8.03 35.83 5.36
C GLU D 70 -8.66 34.59 6.01
N TYR D 71 -7.92 33.91 6.88
CA TYR D 71 -8.34 32.67 7.51
C TYR D 71 -8.39 32.85 9.02
N PRO D 72 -9.52 33.26 9.58
CA PRO D 72 -9.61 33.41 11.03
C PRO D 72 -9.52 32.07 11.74
N GLY D 73 -8.99 32.11 12.97
CA GLY D 73 -8.97 30.95 13.83
C GLY D 73 -7.76 30.06 13.65
N VAL D 74 -7.53 29.59 12.43
CA VAL D 74 -6.47 28.60 12.20
C VAL D 74 -5.11 29.24 12.47
N LYS D 75 -4.30 28.54 13.26
CA LYS D 75 -2.93 28.97 13.54
C LYS D 75 -1.91 27.85 13.42
N THR D 76 -2.31 26.59 13.53
CA THR D 76 -1.41 25.45 13.47
C THR D 76 -1.87 24.51 12.37
N VAL D 77 -0.94 24.06 11.53
CA VAL D 77 -1.22 23.11 10.46
C VAL D 77 -0.35 21.89 10.68
N ARG D 78 -0.97 20.71 10.67
CA ARG D 78 -0.30 19.46 11.00
C ARG D 78 -0.28 18.55 9.79
N PHE D 79 0.90 18.01 9.49
CA PHE D 79 1.07 17.18 8.31
C PHE D 79 1.70 15.84 8.70
N PRO D 80 1.17 14.71 8.22
CA PRO D 80 1.80 13.42 8.52
C PRO D 80 3.04 13.17 7.69
N ASP D 81 3.59 11.97 7.79
CA ASP D 81 4.75 11.60 7.01
C ASP D 81 4.34 11.23 5.58
N GLY D 82 5.09 11.73 4.61
CA GLY D 82 4.83 11.42 3.22
C GLY D 82 4.45 12.62 2.39
N GLN D 83 3.70 13.55 2.96
CA GLN D 83 3.20 14.72 2.25
C GLN D 83 4.00 15.98 2.54
N ILE D 84 5.03 15.90 3.38
CA ILE D 84 5.82 17.06 3.79
C ILE D 84 7.28 16.67 3.77
N TRP D 85 8.12 17.56 3.26
CA TRP D 85 9.56 17.33 3.26
C TRP D 85 10.09 17.34 4.69
N LYS D 86 11.00 16.40 4.97
CA LYS D 86 11.66 16.35 6.26
C LYS D 86 13.12 15.94 6.06
N PRO D 87 14.06 16.60 6.73
CA PRO D 87 15.47 16.22 6.59
C PRO D 87 15.71 14.79 7.06
N ASP D 88 16.60 14.09 6.35
CA ASP D 88 16.97 12.72 6.70
C ASP D 88 18.29 12.75 7.45
N ILE D 89 18.21 13.14 8.72
CA ILE D 89 19.37 13.19 9.60
C ILE D 89 19.34 11.95 10.48
N LEU D 90 20.41 11.16 10.42
CA LEU D 90 20.45 9.84 11.02
C LEU D 90 21.66 9.71 11.94
N LEU D 91 21.72 8.58 12.64
CA LEU D 91 22.82 8.24 13.53
C LEU D 91 23.79 7.36 12.75
N TYR D 92 25.03 7.84 12.59
CA TYR D 92 25.99 7.15 11.74
C TYR D 92 26.39 5.79 12.33
N ASN D 93 26.78 5.78 13.60
CA ASN D 93 27.28 4.56 14.24
C ASN D 93 26.16 3.85 15.02
N SER D 94 25.17 3.40 14.28
CA SER D 94 24.03 2.69 14.85
C SER D 94 24.28 1.19 14.80
N ALA D 95 23.76 0.49 15.80
CA ALA D 95 23.89 -0.96 15.90
C ALA D 95 22.55 -1.68 15.84
N ASP D 96 21.44 -0.96 15.72
CA ASP D 96 20.14 -1.60 15.62
C ASP D 96 19.99 -2.30 14.28
N GLU D 97 19.23 -3.40 14.28
CA GLU D 97 18.99 -4.13 13.03
C GLU D 97 18.25 -3.25 12.03
N ARG D 98 17.23 -2.54 12.49
CA ARG D 98 16.47 -1.65 11.64
C ARG D 98 17.27 -0.39 11.29
N PHE D 99 18.30 -0.07 12.07
CA PHE D 99 19.20 1.04 11.81
C PHE D 99 18.54 2.38 12.08
N ASP D 100 17.24 2.38 12.36
CA ASP D 100 16.51 3.61 12.64
C ASP D 100 15.57 3.36 13.80
N ALA D 101 15.51 4.31 14.71
CA ALA D 101 14.65 4.21 15.88
C ALA D 101 13.56 5.26 15.91
N THR D 102 13.50 6.14 14.91
CA THR D 102 12.51 7.21 14.92
C THR D 102 11.12 6.64 14.73
N PHE D 103 10.19 7.07 15.58
CA PHE D 103 8.76 6.83 15.39
C PHE D 103 8.21 8.07 14.69
N HIS D 104 7.93 7.94 13.41
CA HIS D 104 7.56 9.11 12.62
C HIS D 104 6.33 9.78 13.22
N THR D 105 6.33 11.10 13.23
CA THR D 105 5.28 11.88 13.85
C THR D 105 4.89 13.04 12.93
N ASN D 106 3.72 13.60 13.18
CA ASN D 106 3.26 14.74 12.41
C ASN D 106 4.15 15.96 12.66
N VAL D 107 4.16 16.86 11.70
CA VAL D 107 4.95 18.09 11.77
C VAL D 107 3.98 19.27 11.87
N LEU D 108 4.33 20.23 12.72
CA LEU D 108 3.52 21.41 12.98
C LEU D 108 4.09 22.60 12.21
N VAL D 109 3.19 23.44 11.71
CA VAL D 109 3.55 24.63 10.94
C VAL D 109 2.73 25.81 11.45
N ASN D 110 3.41 26.94 11.62
CA ASN D 110 2.81 28.17 12.07
C ASN D 110 2.39 29.02 10.88
N SER D 111 1.75 30.16 11.15
CA SER D 111 1.25 31.01 10.08
C SER D 111 2.39 31.46 9.18
N SER D 112 3.33 32.24 9.73
CA SER D 112 4.39 32.80 8.92
C SER D 112 5.22 31.73 8.23
N GLY D 113 5.27 30.54 8.80
CA GLY D 113 6.04 29.46 8.24
C GLY D 113 7.20 29.01 9.10
N HIS D 114 7.01 27.90 9.79
CA HIS D 114 8.05 27.29 10.61
C HIS D 114 7.72 25.81 10.70
N CYS D 115 8.71 25.01 11.07
CA CYS D 115 8.48 23.58 11.22
C CYS D 115 9.07 23.09 12.53
N GLN D 116 8.36 22.14 13.15
CA GLN D 116 8.81 21.50 14.39
C GLN D 116 8.62 20.00 14.25
N TYR D 117 9.71 19.25 14.41
CA TYR D 117 9.69 17.80 14.27
C TYR D 117 10.29 17.19 15.53
N LEU D 118 9.49 16.41 16.26
CA LEU D 118 9.87 15.86 17.56
C LEU D 118 9.60 14.36 17.57
N PRO D 119 10.48 13.57 16.97
CA PRO D 119 10.32 12.12 17.02
C PRO D 119 11.00 11.55 18.26
N PRO D 120 10.33 10.64 18.97
CA PRO D 120 11.01 9.91 20.05
C PRO D 120 11.79 8.73 19.48
N GLY D 121 12.66 8.16 20.32
CA GLY D 121 13.40 7.01 19.88
C GLY D 121 14.18 6.30 20.97
N ILE D 122 14.36 5.00 20.78
CA ILE D 122 15.21 4.17 21.62
C ILE D 122 16.42 3.81 20.76
N PHE D 123 17.53 4.50 20.99
CA PHE D 123 18.70 4.38 20.13
C PHE D 123 19.68 3.37 20.72
N LYS D 124 20.05 2.38 19.91
CA LYS D 124 21.03 1.37 20.27
C LYS D 124 22.30 1.70 19.50
N SER D 125 23.25 2.33 20.17
CA SER D 125 24.46 2.86 19.56
C SER D 125 25.66 1.99 19.92
N SER D 126 26.83 2.44 19.49
CA SER D 126 28.08 1.72 19.67
C SER D 126 29.06 2.58 20.46
N CYS D 127 29.76 1.97 21.41
CA CYS D 127 30.70 2.67 22.27
C CYS D 127 31.85 1.73 22.60
N TYR D 128 32.63 2.11 23.60
CA TYR D 128 33.78 1.33 24.06
C TYR D 128 33.74 1.28 25.59
N ILE D 129 33.07 0.25 26.11
CA ILE D 129 32.97 0.05 27.55
C ILE D 129 34.15 -0.84 27.95
N ASP D 130 35.27 -0.21 28.26
CA ASP D 130 36.52 -0.90 28.58
C ASP D 130 37.15 -0.29 29.82
N VAL D 131 36.34 -0.13 30.87
CA VAL D 131 36.83 0.44 32.13
C VAL D 131 37.54 -0.64 32.93
N ARG D 132 38.84 -0.78 32.72
CA ARG D 132 39.65 -1.78 33.42
C ARG D 132 40.51 -1.18 34.51
N TRP D 133 40.60 0.15 34.62
CA TRP D 133 41.41 0.80 35.64
C TRP D 133 40.60 0.89 36.92
N PHE D 134 40.31 -0.29 37.48
CA PHE D 134 39.45 -0.39 38.65
C PHE D 134 38.07 0.11 38.27
N PRO D 135 37.05 -0.12 39.11
CA PRO D 135 35.70 0.30 38.70
C PRO D 135 35.58 1.77 38.35
N PHE D 136 36.26 2.65 39.08
CA PHE D 136 36.07 4.09 38.95
C PHE D 136 36.89 4.60 37.78
N ASP D 137 36.23 4.78 36.63
CA ASP D 137 36.87 5.33 35.44
C ASP D 137 35.81 5.97 34.58
N VAL D 138 36.01 7.24 34.23
CA VAL D 138 35.04 7.95 33.40
C VAL D 138 35.03 7.37 32.01
N GLN D 139 33.84 7.11 31.48
CA GLN D 139 33.65 6.57 30.14
C GLN D 139 32.94 7.62 29.30
N HIS D 140 33.48 7.87 28.10
CA HIS D 140 32.91 8.80 27.14
C HIS D 140 32.36 8.00 25.97
N CYS D 141 31.06 8.14 25.72
CA CYS D 141 30.41 7.50 24.59
C CYS D 141 29.89 8.57 23.64
N LYS D 142 29.89 8.26 22.35
CA LYS D 142 29.62 9.24 21.31
C LYS D 142 28.39 8.87 20.50
N LEU D 143 27.61 9.88 20.15
CA LEU D 143 26.51 9.75 19.21
C LEU D 143 26.76 10.70 18.05
N LYS D 144 26.75 10.17 16.83
CA LYS D 144 27.14 10.92 15.64
C LYS D 144 25.93 11.09 14.75
N PHE D 145 25.44 12.33 14.66
CA PHE D 145 24.29 12.68 13.85
C PHE D 145 24.74 13.49 12.65
N GLY D 146 24.03 13.32 11.54
CA GLY D 146 24.33 14.07 10.34
C GLY D 146 23.50 13.58 9.18
N SER D 147 23.52 14.38 8.12
CA SER D 147 22.78 14.04 6.92
C SER D 147 23.44 12.87 6.19
N TRP D 148 22.61 12.11 5.48
CA TRP D 148 23.07 10.93 4.75
C TRP D 148 23.25 11.16 3.26
N SER D 149 22.54 12.13 2.70
CA SER D 149 22.69 12.47 1.28
C SER D 149 22.99 13.94 1.06
N TYR D 150 22.38 14.84 1.85
CA TYR D 150 22.66 16.26 1.74
C TYR D 150 23.99 16.59 2.40
N GLY D 151 24.74 17.51 1.79
CA GLY D 151 25.93 18.03 2.41
C GLY D 151 26.61 19.10 1.59
N GLY D 152 26.93 20.22 2.22
CA GLY D 152 27.71 21.27 1.58
C GLY D 152 26.88 22.26 0.81
N TRP D 153 26.87 23.52 1.25
CA TRP D 153 26.20 24.62 0.58
C TRP D 153 24.71 24.37 0.38
N SER D 154 24.15 23.31 0.95
CA SER D 154 22.73 22.99 0.85
C SER D 154 22.07 23.03 2.22
N LEU D 155 22.67 22.39 3.21
CA LEU D 155 22.10 22.30 4.55
C LEU D 155 23.23 22.55 5.54
N ASP D 156 23.19 23.67 6.26
CA ASP D 156 24.19 23.96 7.29
C ASP D 156 23.55 23.65 8.64
N LEU D 157 23.91 22.49 9.19
CA LEU D 157 23.30 21.98 10.42
C LEU D 157 23.75 22.84 11.59
N GLN D 158 22.85 23.67 12.11
CA GLN D 158 23.14 24.46 13.29
C GLN D 158 22.72 23.68 14.54
N MET D 159 23.46 23.89 15.63
CA MET D 159 23.32 23.12 16.84
C MET D 159 22.75 23.98 17.95
N GLN D 160 21.90 23.38 18.78
CA GLN D 160 21.45 24.01 20.02
C GLN D 160 21.84 23.13 21.19
N GLU D 161 21.91 23.75 22.36
CA GLU D 161 22.33 23.04 23.56
C GLU D 161 21.31 21.97 23.93
N ALA D 162 21.79 20.90 24.54
CA ALA D 162 20.95 19.77 24.89
C ALA D 162 20.05 20.13 26.08
N ASP D 163 19.30 19.15 26.55
CA ASP D 163 18.32 19.35 27.61
C ASP D 163 18.63 18.41 28.77
N ILE D 164 18.48 18.92 29.99
CA ILE D 164 18.78 18.19 31.21
C ILE D 164 17.50 18.21 32.05
N SER D 165 16.68 17.18 31.90
CA SER D 165 15.36 17.15 32.50
C SER D 165 14.95 15.72 32.78
N GLY D 166 14.30 15.50 33.92
CA GLY D 166 13.69 14.23 34.24
C GLY D 166 14.49 13.04 33.77
N TYR D 167 15.74 12.95 34.20
CA TYR D 167 16.63 11.88 33.76
C TYR D 167 16.43 10.59 34.54
N ILE D 168 15.49 10.55 35.47
CA ILE D 168 15.23 9.32 36.23
C ILE D 168 16.55 8.88 36.84
N PRO D 169 17.04 9.54 37.88
CA PRO D 169 18.35 9.20 38.44
C PRO D 169 18.57 7.71 38.56
N ASN D 170 19.59 7.21 37.89
CA ASN D 170 19.87 5.78 37.87
C ASN D 170 20.63 5.36 39.12
N GLY D 171 20.71 4.06 39.35
CA GLY D 171 21.38 3.52 40.52
C GLY D 171 22.72 2.90 40.23
N GLU D 172 23.12 2.89 38.97
CA GLU D 172 24.37 2.28 38.55
C GLU D 172 25.32 3.22 37.83
N TRP D 173 24.81 4.24 37.14
CA TRP D 173 25.64 5.19 36.42
C TRP D 173 25.04 6.58 36.56
N ASP D 174 25.89 7.59 36.38
CA ASP D 174 25.48 8.98 36.48
C ASP D 174 26.07 9.76 35.33
N LEU D 175 25.39 10.82 34.94
CA LEU D 175 25.80 11.67 33.83
C LEU D 175 26.56 12.87 34.37
N VAL D 176 27.74 13.11 33.82
CA VAL D 176 28.53 14.27 34.20
C VAL D 176 28.18 15.48 33.34
N GLY D 177 28.04 15.29 32.04
CA GLY D 177 27.69 16.37 31.14
C GLY D 177 27.35 15.83 29.78
N ILE D 178 26.78 16.72 28.96
CA ILE D 178 26.36 16.36 27.60
C ILE D 178 26.89 17.39 26.62
N PRO D 179 28.20 17.43 26.35
CA PRO D 179 28.70 18.34 25.33
C PRO D 179 28.29 17.91 23.93
N GLY D 180 28.24 18.89 23.04
CA GLY D 180 27.97 18.63 21.63
C GLY D 180 28.78 19.54 20.73
N LYS D 181 29.44 18.97 19.73
CA LYS D 181 30.36 19.70 18.88
C LYS D 181 30.07 19.40 17.42
N ARG D 182 30.12 20.43 16.58
CA ARG D 182 29.98 20.25 15.14
C ARG D 182 31.35 20.12 14.50
N SER D 183 31.47 19.18 13.59
CA SER D 183 32.72 18.90 12.89
C SER D 183 32.43 18.75 11.41
N GLU D 184 33.49 18.62 10.62
CA GLU D 184 33.40 18.50 9.17
C GLU D 184 34.19 17.28 8.72
N ARG D 185 33.52 16.38 8.00
CA ARG D 185 34.16 15.20 7.42
C ARG D 185 34.51 15.45 5.95
N PHE D 186 35.30 16.49 5.71
CA PHE D 186 35.67 16.84 4.35
C PHE D 186 36.58 15.78 3.77
N TYR D 187 36.28 15.36 2.54
CA TYR D 187 37.11 14.39 1.83
C TYR D 187 38.30 15.11 1.23
N GLU D 188 39.05 14.43 0.36
CA GLU D 188 40.26 15.00 -0.21
C GLU D 188 39.98 16.25 -1.03
N CYS D 189 39.29 16.09 -2.16
CA CYS D 189 39.08 17.16 -3.14
C CYS D 189 37.59 17.36 -3.33
N CYS D 190 36.99 18.22 -2.52
CA CYS D 190 35.56 18.47 -2.60
C CYS D 190 35.21 19.95 -2.70
N LYS D 191 35.94 20.82 -2.03
CA LYS D 191 35.62 22.25 -2.00
C LYS D 191 34.25 22.54 -1.41
N GLU D 192 33.70 21.61 -0.62
CA GLU D 192 32.39 21.78 0.00
C GLU D 192 32.34 21.02 1.30
N PRO D 193 32.23 21.69 2.45
CA PRO D 193 32.28 20.98 3.73
C PRO D 193 31.08 20.04 3.91
N TYR D 194 31.32 18.99 4.69
CA TYR D 194 30.28 18.03 5.06
C TYR D 194 30.12 18.05 6.57
N PRO D 195 29.16 18.79 7.12
CA PRO D 195 29.07 18.92 8.57
C PRO D 195 28.40 17.72 9.24
N ASP D 196 28.66 17.61 10.54
CA ASP D 196 28.03 16.60 11.39
C ASP D 196 28.09 17.11 12.82
N VAL D 197 27.27 16.52 13.68
CA VAL D 197 27.20 16.89 15.10
C VAL D 197 27.44 15.65 15.94
N THR D 198 28.39 15.75 16.86
CA THR D 198 28.73 14.64 17.76
C THR D 198 28.42 15.04 19.19
N PHE D 199 27.68 14.19 19.89
CA PHE D 199 27.28 14.41 21.27
C PHE D 199 27.99 13.41 22.16
N THR D 200 28.56 13.89 23.25
CA THR D 200 29.35 13.06 24.16
C THR D 200 28.62 12.90 25.48
N VAL D 201 28.50 11.64 25.93
CA VAL D 201 27.89 11.32 27.21
C VAL D 201 28.97 10.71 28.09
N THR D 202 29.08 11.23 29.31
CA THR D 202 30.17 10.88 30.22
C THR D 202 29.59 10.29 31.50
N MET D 203 30.08 9.10 31.87
CA MET D 203 29.58 8.41 33.05
C MET D 203 30.71 7.59 33.67
N ARG D 204 30.90 7.71 34.98
CA ARG D 204 31.96 6.93 35.62
C ARG D 204 31.43 5.64 36.23
N ARG D 205 30.58 5.75 37.23
CA ARG D 205 29.98 4.59 37.88
C ARG D 205 29.12 5.04 39.05
N ARG D 206 28.44 4.09 39.69
CA ARG D 206 27.68 4.38 40.90
C ARG D 206 27.37 3.08 41.61
N GLU E 1 9.99 27.89 -10.17
CA GLU E 1 11.24 27.48 -9.46
C GLU E 1 11.91 26.37 -10.25
N PHE E 2 13.23 26.49 -10.42
CA PHE E 2 13.96 25.60 -11.31
C PHE E 2 13.95 24.17 -10.81
N GLN E 3 14.16 23.97 -9.51
CA GLN E 3 14.19 22.62 -8.97
C GLN E 3 12.84 21.93 -9.15
N ARG E 4 11.75 22.66 -8.88
CA ARG E 4 10.42 22.11 -9.07
C ARG E 4 10.17 21.76 -10.52
N LYS E 5 10.55 22.64 -11.45
CA LYS E 5 10.37 22.33 -12.86
C LYS E 5 11.15 21.09 -13.26
N LEU E 6 12.39 20.98 -12.78
CA LEU E 6 13.21 19.83 -13.13
C LEU E 6 12.61 18.53 -12.61
N TYR E 7 12.15 18.54 -11.36
CA TYR E 7 11.55 17.33 -10.79
C TYR E 7 10.25 16.97 -11.49
N LYS E 8 9.48 17.96 -11.93
CA LYS E 8 8.25 17.67 -12.65
C LYS E 8 8.55 17.11 -14.04
N GLU E 9 9.54 17.67 -14.73
CA GLU E 9 9.79 17.30 -16.11
C GLU E 9 10.54 15.98 -16.25
N LEU E 10 11.43 15.66 -15.31
CA LEU E 10 12.33 14.52 -15.50
C LEU E 10 11.62 13.18 -15.51
N VAL E 11 10.36 13.11 -15.10
CA VAL E 11 9.68 11.83 -14.90
C VAL E 11 8.54 11.66 -15.90
N LYS E 12 8.72 12.22 -17.10
CA LYS E 12 7.66 12.14 -18.10
C LYS E 12 7.38 10.69 -18.48
N ASN E 13 8.42 9.87 -18.62
CA ASN E 13 8.23 8.45 -18.91
C ASN E 13 9.44 7.70 -18.34
N TYR E 14 9.31 7.19 -17.14
CA TYR E 14 10.40 6.46 -16.47
C TYR E 14 9.89 5.19 -15.81
N ASN E 15 9.16 4.37 -16.56
CA ASN E 15 8.69 3.10 -16.05
C ASN E 15 9.78 2.45 -15.21
N PRO E 16 9.58 2.24 -13.90
CA PRO E 16 10.70 1.84 -13.03
C PRO E 16 11.30 0.48 -13.36
N LEU E 17 10.69 -0.30 -14.24
CA LEU E 17 11.17 -1.64 -14.57
C LEU E 17 12.05 -1.64 -15.81
N GLU E 18 12.74 -0.54 -16.08
CA GLU E 18 13.56 -0.38 -17.26
C GLU E 18 15.03 -0.59 -16.94
N ARG E 19 15.81 -0.87 -17.99
CA ARG E 19 17.25 -0.93 -17.91
C ARG E 19 17.81 0.24 -18.72
N PRO E 20 18.26 1.32 -18.08
CA PRO E 20 18.64 2.52 -18.85
C PRO E 20 19.88 2.31 -19.70
N VAL E 21 19.70 2.29 -21.02
CA VAL E 21 20.81 2.17 -21.95
C VAL E 21 20.32 2.56 -23.34
N ALA E 22 21.19 3.21 -24.11
CA ALA E 22 20.77 3.65 -25.45
C ALA E 22 20.58 2.47 -26.38
N ASN E 23 21.55 1.55 -26.40
CA ASN E 23 21.47 0.34 -27.23
C ASN E 23 21.06 -0.82 -26.34
N ASP E 24 19.91 -1.42 -26.65
CA ASP E 24 19.35 -2.45 -25.77
C ASP E 24 20.27 -3.66 -25.67
N SER E 25 20.86 -4.08 -26.78
CA SER E 25 21.71 -5.26 -26.76
C SER E 25 23.01 -5.02 -26.00
N GLN E 26 23.46 -3.78 -25.94
CA GLN E 26 24.71 -3.49 -25.26
C GLN E 26 24.54 -3.65 -23.75
N PRO E 27 25.52 -4.21 -23.05
CA PRO E 27 25.42 -4.38 -21.61
C PRO E 27 25.71 -3.08 -20.86
N LEU E 28 25.31 -3.06 -19.60
CA LEU E 28 25.59 -1.98 -18.68
C LEU E 28 26.74 -2.38 -17.76
N THR E 29 27.42 -1.37 -17.23
CA THR E 29 28.54 -1.56 -16.32
C THR E 29 28.16 -1.02 -14.96
N VAL E 30 28.27 -1.84 -13.93
CA VAL E 30 27.95 -1.47 -12.56
C VAL E 30 29.16 -1.76 -11.69
N TYR E 31 29.60 -0.74 -10.94
CA TYR E 31 30.77 -0.84 -10.09
C TYR E 31 30.33 -1.09 -8.66
N PHE E 32 31.01 -2.03 -7.99
CA PHE E 32 30.61 -2.49 -6.67
C PHE E 32 31.79 -2.46 -5.72
N SER E 33 31.54 -1.96 -4.51
CA SER E 33 32.54 -1.97 -3.45
C SER E 33 31.82 -2.01 -2.10
N LEU E 34 32.58 -2.33 -1.06
CA LEU E 34 32.03 -2.39 0.29
C LEU E 34 33.03 -1.79 1.27
N SER E 35 32.53 -1.46 2.45
CA SER E 35 33.36 -0.90 3.52
C SER E 35 32.96 -1.57 4.83
N LEU E 36 33.85 -2.38 5.39
CA LEU E 36 33.63 -2.99 6.68
C LEU E 36 33.87 -1.98 7.78
N LEU E 37 33.08 -2.07 8.85
CA LEU E 37 33.18 -1.10 9.93
C LEU E 37 33.41 -1.78 11.26
N GLN E 38 32.95 -3.02 11.41
CA GLN E 38 32.99 -3.69 12.70
C GLN E 38 32.60 -5.14 12.51
N ILE E 39 32.99 -5.96 13.48
CA ILE E 39 32.54 -7.35 13.60
C ILE E 39 31.95 -7.51 14.99
N MET E 40 30.74 -8.07 15.05
CA MET E 40 30.00 -8.15 16.30
C MET E 40 30.31 -9.44 17.07
N ASP E 41 30.08 -10.59 16.43
CA ASP E 41 30.29 -11.86 17.11
C ASP E 41 30.15 -12.98 16.10
N VAL E 42 30.69 -14.15 16.46
CA VAL E 42 30.55 -15.36 15.65
C VAL E 42 30.29 -16.55 16.57
N ASP E 43 29.03 -16.90 16.76
CA ASP E 43 28.69 -18.03 17.61
C ASP E 43 29.35 -19.31 17.08
N GLU E 44 29.46 -20.31 17.95
CA GLU E 44 30.29 -21.48 17.63
C GLU E 44 29.50 -22.62 17.02
N LYS E 45 28.55 -23.18 17.78
CA LYS E 45 27.88 -24.40 17.34
C LYS E 45 27.21 -24.19 15.99
N ASN E 46 26.36 -23.17 15.91
CA ASN E 46 25.72 -22.84 14.64
C ASN E 46 26.74 -22.12 13.77
N GLN E 47 26.56 -22.26 12.46
CA GLN E 47 27.48 -21.66 11.49
C GLN E 47 26.85 -20.34 11.04
N VAL E 48 27.23 -19.25 11.71
CA VAL E 48 26.75 -17.93 11.37
C VAL E 48 27.63 -16.89 12.04
N LEU E 49 27.80 -15.73 11.41
CA LEU E 49 28.54 -14.63 11.99
C LEU E 49 27.92 -13.32 11.54
N THR E 50 28.16 -12.28 12.35
CA THR E 50 27.58 -10.97 12.12
C THR E 50 28.67 -9.96 11.80
N THR E 51 28.39 -9.08 10.84
CA THR E 51 29.33 -8.05 10.42
C THR E 51 28.56 -6.76 10.12
N ASN E 52 29.29 -5.65 10.17
CA ASN E 52 28.74 -4.32 9.89
C ASN E 52 29.36 -3.82 8.59
N ILE E 53 28.54 -3.69 7.56
CA ILE E 53 29.03 -3.41 6.21
C ILE E 53 28.22 -2.27 5.60
N TRP E 54 28.91 -1.33 4.97
CA TRP E 54 28.27 -0.30 4.16
C TRP E 54 28.59 -0.59 2.70
N LEU E 55 27.57 -0.81 1.89
CA LEU E 55 27.82 -1.13 0.49
C LEU E 55 27.97 0.14 -0.32
N GLN E 56 28.34 -0.02 -1.58
CA GLN E 56 28.53 1.12 -2.47
C GLN E 56 28.37 0.62 -3.90
N MET E 57 27.28 1.01 -4.54
CA MET E 57 27.02 0.66 -5.93
C MET E 57 26.99 1.93 -6.77
N SER E 58 27.62 1.88 -7.94
CA SER E 58 27.69 3.02 -8.82
C SER E 58 27.35 2.60 -10.24
N TRP E 59 26.52 3.38 -10.92
CA TRP E 59 26.18 3.06 -12.30
C TRP E 59 25.91 4.33 -13.09
N THR E 60 25.74 4.16 -14.40
CA THR E 60 25.54 5.26 -15.34
C THR E 60 24.13 5.18 -15.90
N ASP E 61 23.36 6.25 -15.73
CA ASP E 61 22.01 6.32 -16.25
C ASP E 61 21.99 7.12 -17.54
N HIS E 62 20.90 6.96 -18.29
CA HIS E 62 20.80 7.56 -19.62
C HIS E 62 19.55 8.40 -19.77
N TYR E 63 18.45 8.00 -19.12
CA TYR E 63 17.21 8.74 -19.19
C TYR E 63 17.18 9.92 -18.25
N LEU E 64 18.14 10.01 -17.33
CA LEU E 64 18.22 11.09 -16.35
C LEU E 64 19.45 11.93 -16.71
N GLN E 65 19.25 12.91 -17.59
CA GLN E 65 20.34 13.79 -17.96
C GLN E 65 19.80 15.17 -18.30
N TRP E 66 20.57 16.18 -17.93
CA TRP E 66 20.30 17.57 -18.28
C TRP E 66 21.66 18.27 -18.35
N ASN E 67 21.64 19.55 -18.67
CA ASN E 67 22.85 20.36 -18.63
C ASN E 67 22.58 21.63 -17.84
N VAL E 68 23.53 21.97 -16.97
CA VAL E 68 23.31 22.97 -15.94
C VAL E 68 23.26 24.39 -16.46
N SER E 69 23.60 24.62 -17.73
CA SER E 69 23.59 25.98 -18.25
C SER E 69 22.20 26.58 -18.19
N GLU E 70 21.19 25.81 -18.60
CA GLU E 70 19.81 26.31 -18.60
C GLU E 70 19.21 26.32 -17.20
N TYR E 71 19.61 25.38 -16.34
CA TYR E 71 19.05 25.22 -15.00
C TYR E 71 20.10 25.61 -13.97
N PRO E 72 20.21 26.90 -13.63
CA PRO E 72 21.15 27.29 -12.58
C PRO E 72 20.71 26.75 -11.22
N GLY E 73 21.69 26.59 -10.33
CA GLY E 73 21.41 26.09 -9.01
C GLY E 73 21.59 24.60 -8.87
N VAL E 74 20.51 23.84 -9.00
CA VAL E 74 20.55 22.41 -8.72
C VAL E 74 21.69 21.75 -9.46
N LYS E 75 22.39 20.86 -8.76
CA LYS E 75 23.47 20.07 -9.35
C LYS E 75 23.29 18.60 -9.05
N THR E 76 22.59 18.27 -7.96
CA THR E 76 22.35 16.91 -7.55
C THR E 76 20.87 16.73 -7.23
N VAL E 77 20.34 15.55 -7.55
CA VAL E 77 18.95 15.21 -7.26
C VAL E 77 18.90 13.88 -6.54
N ARG E 78 17.88 13.71 -5.71
CA ARG E 78 17.71 12.53 -4.88
C ARG E 78 16.36 11.91 -5.15
N PHE E 79 16.33 10.58 -5.25
CA PHE E 79 15.09 9.85 -5.51
C PHE E 79 14.91 8.75 -4.48
N PRO E 80 13.70 8.58 -3.92
CA PRO E 80 13.47 7.47 -2.97
C PRO E 80 13.36 6.13 -3.67
N ASP E 81 13.01 5.10 -2.92
CA ASP E 81 12.78 3.78 -3.48
C ASP E 81 11.35 3.69 -4.02
N GLY E 82 11.21 3.27 -5.27
CA GLY E 82 9.91 3.10 -5.88
C GLY E 82 9.74 3.86 -7.18
N GLN E 83 10.56 4.89 -7.40
CA GLN E 83 10.48 5.71 -8.59
C GLN E 83 11.73 5.67 -9.45
N ILE E 84 12.80 5.02 -8.98
CA ILE E 84 14.07 4.98 -9.69
C ILE E 84 14.54 3.53 -9.75
N TRP E 85 15.29 3.22 -10.79
CA TRP E 85 15.84 1.88 -10.95
C TRP E 85 17.03 1.68 -10.03
N LYS E 86 17.15 0.47 -9.48
CA LYS E 86 18.29 0.11 -8.67
C LYS E 86 18.57 -1.36 -8.91
N PRO E 87 19.81 -1.74 -9.21
CA PRO E 87 20.12 -3.16 -9.40
C PRO E 87 19.87 -3.95 -8.13
N ASP E 88 19.42 -5.19 -8.31
CA ASP E 88 19.17 -6.09 -7.17
C ASP E 88 20.40 -6.94 -6.99
N ILE E 89 21.34 -6.44 -6.17
CA ILE E 89 22.53 -7.18 -5.78
C ILE E 89 22.34 -7.60 -4.33
N LEU E 90 22.42 -8.91 -4.09
CA LEU E 90 22.10 -9.49 -2.80
C LEU E 90 23.22 -10.41 -2.35
N LEU E 91 23.13 -10.82 -1.09
CA LEU E 91 24.05 -11.77 -0.48
C LEU E 91 23.47 -13.17 -0.58
N TYR E 92 24.25 -14.09 -1.13
CA TYR E 92 23.74 -15.44 -1.40
C TYR E 92 23.58 -16.23 -0.11
N ASN E 93 24.67 -16.47 0.60
CA ASN E 93 24.66 -17.33 1.77
C ASN E 93 24.20 -16.56 3.00
N SER E 94 23.03 -15.93 2.92
CA SER E 94 22.47 -15.22 4.05
C SER E 94 21.86 -16.19 5.04
N ALA E 95 21.78 -15.77 6.30
CA ALA E 95 21.25 -16.63 7.36
C ALA E 95 20.29 -15.91 8.30
N ASP E 96 20.06 -14.61 8.14
CA ASP E 96 19.16 -13.90 9.02
C ASP E 96 17.72 -14.32 8.73
N GLU E 97 16.82 -13.92 9.63
CA GLU E 97 15.40 -14.21 9.45
C GLU E 97 14.81 -13.18 8.49
N ARG E 98 15.52 -13.00 7.38
CA ARG E 98 15.20 -12.01 6.36
C ARG E 98 16.31 -12.17 5.33
N PHE E 99 16.04 -11.87 4.07
CA PHE E 99 17.07 -12.04 3.06
C PHE E 99 17.75 -10.73 2.73
N ASP E 100 17.33 -9.63 3.34
CA ASP E 100 17.83 -8.30 3.00
C ASP E 100 17.83 -7.47 4.27
N ALA E 101 19.01 -7.16 4.79
CA ALA E 101 19.16 -6.27 5.93
C ALA E 101 19.43 -4.84 5.53
N THR E 102 19.39 -4.53 4.23
CA THR E 102 19.69 -3.20 3.77
C THR E 102 18.60 -2.23 4.21
N PHE E 103 19.02 -1.12 4.79
CA PHE E 103 18.12 -0.01 5.13
C PHE E 103 18.11 0.93 3.95
N HIS E 104 17.07 0.83 3.13
CA HIS E 104 17.06 1.55 1.86
C HIS E 104 17.24 3.04 2.09
N THR E 105 17.80 3.71 1.08
CA THR E 105 18.03 5.14 1.15
C THR E 105 17.83 5.74 -0.24
N ASN E 106 18.01 7.05 -0.34
CA ASN E 106 17.80 7.74 -1.59
C ASN E 106 18.98 7.52 -2.53
N VAL E 107 18.72 7.75 -3.82
CA VAL E 107 19.72 7.61 -4.87
C VAL E 107 20.04 8.99 -5.41
N LEU E 108 21.34 9.25 -5.59
CA LEU E 108 21.85 10.55 -6.00
C LEU E 108 22.22 10.55 -7.48
N VAL E 109 21.86 11.62 -8.18
CA VAL E 109 22.16 11.77 -9.60
C VAL E 109 22.72 13.17 -9.84
N ASN E 110 23.70 13.27 -10.74
CA ASN E 110 24.37 14.53 -11.01
C ASN E 110 24.54 14.71 -12.51
N SER E 111 24.19 15.89 -13.00
CA SER E 111 24.45 16.29 -14.39
C SER E 111 24.04 15.22 -15.39
N SER E 112 24.99 14.77 -16.22
CA SER E 112 24.66 13.83 -17.28
C SER E 112 24.15 12.51 -16.71
N GLY E 113 24.62 12.15 -15.52
CA GLY E 113 24.07 11.00 -14.83
C GLY E 113 25.14 10.09 -14.27
N HIS E 114 25.09 9.89 -12.96
CA HIS E 114 25.96 8.92 -12.29
C HIS E 114 25.32 8.65 -10.94
N CYS E 115 24.81 7.43 -10.77
CA CYS E 115 24.05 7.08 -9.58
C CYS E 115 24.96 6.42 -8.56
N GLN E 116 24.90 6.91 -7.33
CA GLN E 116 25.57 6.37 -6.17
C GLN E 116 24.54 5.88 -5.17
N TYR E 117 24.62 4.60 -4.80
CA TYR E 117 23.70 3.98 -3.85
C TYR E 117 24.52 3.41 -2.70
N LEU E 118 24.30 3.96 -1.50
CA LEU E 118 25.07 3.61 -0.30
C LEU E 118 24.12 3.10 0.77
N PRO E 119 23.88 1.80 0.83
CA PRO E 119 23.05 1.26 1.90
C PRO E 119 23.90 0.80 3.07
N PRO E 120 23.48 1.06 4.31
CA PRO E 120 24.11 0.42 5.46
C PRO E 120 23.53 -0.97 5.70
N GLY E 121 24.24 -1.75 6.51
CA GLY E 121 23.73 -3.06 6.80
C GLY E 121 24.40 -3.78 7.95
N ILE E 122 23.58 -4.43 8.76
CA ILE E 122 24.04 -5.39 9.77
C ILE E 122 23.78 -6.76 9.15
N PHE E 123 24.79 -7.28 8.47
CA PHE E 123 24.64 -8.54 7.75
C PHE E 123 24.99 -9.72 8.64
N LYS E 124 24.19 -10.77 8.52
CA LYS E 124 24.40 -12.01 9.26
C LYS E 124 24.47 -13.13 8.24
N SER E 125 25.64 -13.73 8.08
CA SER E 125 25.89 -14.71 7.04
C SER E 125 26.44 -15.99 7.66
N SER E 126 26.32 -17.07 6.90
CA SER E 126 26.77 -18.38 7.35
C SER E 126 28.20 -18.64 6.87
N CYS E 127 29.06 -19.03 7.79
CA CYS E 127 30.46 -19.32 7.51
C CYS E 127 30.71 -20.82 7.64
N TYR E 128 31.96 -21.20 7.41
CA TYR E 128 32.41 -22.59 7.51
C TYR E 128 33.46 -22.64 8.61
N ILE E 129 33.02 -22.97 9.82
CA ILE E 129 33.89 -23.00 10.99
C ILE E 129 34.21 -24.46 11.27
N ASP E 130 35.41 -24.88 10.85
CA ASP E 130 35.90 -26.23 11.12
C ASP E 130 37.35 -26.20 11.56
N VAL E 131 37.75 -25.13 12.23
CA VAL E 131 39.13 -24.95 12.65
C VAL E 131 39.21 -25.06 14.16
N ARG E 132 38.30 -25.83 14.74
CA ARG E 132 38.34 -26.05 16.19
C ARG E 132 39.57 -26.81 16.61
N TRP E 133 40.20 -27.56 15.70
CA TRP E 133 41.36 -28.36 16.08
C TRP E 133 42.49 -27.47 16.60
N PHE E 134 42.88 -26.47 15.82
CA PHE E 134 43.98 -25.59 16.18
C PHE E 134 43.43 -24.23 16.60
N PRO E 135 43.55 -23.83 17.87
CA PRO E 135 43.02 -22.52 18.27
C PRO E 135 43.65 -21.35 17.52
N PHE E 136 44.86 -21.52 17.00
CA PHE E 136 45.58 -20.45 16.30
C PHE E 136 45.46 -20.59 14.79
N ASP E 137 44.30 -20.99 14.29
CA ASP E 137 44.08 -21.17 12.86
C ASP E 137 43.30 -19.99 12.30
N VAL E 138 43.78 -19.44 11.19
CA VAL E 138 43.10 -18.31 10.55
C VAL E 138 41.85 -18.81 9.86
N GLN E 139 40.73 -18.13 10.11
CA GLN E 139 39.43 -18.53 9.57
C GLN E 139 39.06 -17.62 8.40
N HIS E 140 38.90 -18.23 7.22
CA HIS E 140 38.55 -17.50 6.01
C HIS E 140 37.04 -17.63 5.80
N CYS E 141 36.31 -16.64 6.31
CA CYS E 141 34.87 -16.60 6.11
C CYS E 141 34.58 -15.90 4.79
N LYS E 142 33.48 -16.31 4.15
CA LYS E 142 33.15 -15.87 2.81
C LYS E 142 31.89 -15.02 2.81
N LEU E 143 31.95 -13.90 2.08
CA LEU E 143 30.79 -13.06 1.80
C LEU E 143 30.59 -13.04 0.29
N LYS E 144 29.43 -13.52 -0.16
CA LYS E 144 29.16 -13.76 -1.57
C LYS E 144 28.06 -12.80 -2.02
N PHE E 145 28.43 -11.79 -2.80
CA PHE E 145 27.48 -10.82 -3.33
C PHE E 145 27.31 -11.05 -4.81
N GLY E 146 26.11 -10.73 -5.31
CA GLY E 146 25.88 -10.85 -6.74
C GLY E 146 24.43 -10.60 -7.08
N SER E 147 24.18 -10.51 -8.37
CA SER E 147 22.84 -10.31 -8.88
C SER E 147 22.02 -11.58 -8.69
N TRP E 148 20.72 -11.40 -8.45
CA TRP E 148 19.83 -12.53 -8.22
C TRP E 148 19.11 -12.98 -9.48
N SER E 149 18.71 -12.02 -10.32
CA SER E 149 18.01 -12.32 -11.56
C SER E 149 18.75 -11.84 -12.80
N TYR E 150 19.34 -10.65 -12.74
CA TYR E 150 20.14 -10.17 -13.86
C TYR E 150 21.47 -10.91 -13.92
N GLY E 151 21.91 -11.20 -15.13
CA GLY E 151 23.23 -11.77 -15.32
C GLY E 151 23.54 -12.11 -16.76
N GLY E 152 24.72 -11.70 -17.23
CA GLY E 152 25.15 -12.07 -18.56
C GLY E 152 24.67 -11.09 -19.62
N TRP E 153 25.61 -10.41 -20.28
CA TRP E 153 25.28 -9.52 -21.39
C TRP E 153 24.41 -8.35 -20.95
N SER E 154 24.08 -8.28 -19.66
CA SER E 154 23.23 -7.21 -19.15
C SER E 154 23.91 -6.38 -18.09
N LEU E 155 24.50 -7.02 -17.08
CA LEU E 155 25.18 -6.34 -15.97
C LEU E 155 26.59 -6.89 -15.85
N ASP E 156 27.59 -6.08 -16.22
CA ASP E 156 28.99 -6.49 -16.09
C ASP E 156 29.50 -5.99 -14.74
N LEU E 157 29.18 -6.75 -13.70
CA LEU E 157 29.49 -6.37 -12.34
C LEU E 157 31.01 -6.31 -12.13
N GLN E 158 31.55 -5.11 -11.98
CA GLN E 158 32.98 -4.94 -11.73
C GLN E 158 33.22 -5.03 -10.22
N MET E 159 34.44 -4.71 -9.80
CA MET E 159 34.81 -4.81 -8.40
C MET E 159 35.87 -3.78 -8.08
N GLN E 160 35.72 -3.07 -6.97
CA GLN E 160 36.73 -2.18 -6.46
C GLN E 160 37.25 -2.69 -5.12
N GLU E 161 38.39 -2.14 -4.71
CA GLU E 161 39.02 -2.59 -3.48
C GLU E 161 38.16 -2.25 -2.27
N ALA E 162 38.35 -2.99 -1.20
CA ALA E 162 37.60 -2.79 0.03
C ALA E 162 38.17 -1.57 0.76
N ASP E 163 37.73 -1.35 1.99
CA ASP E 163 38.13 -0.19 2.77
C ASP E 163 38.62 -0.63 4.13
N ILE E 164 39.60 0.11 4.65
CA ILE E 164 40.19 -0.13 5.96
C ILE E 164 39.92 1.01 6.91
N SER E 165 39.27 2.08 6.45
CA SER E 165 39.12 3.29 7.26
C SER E 165 38.18 3.01 8.42
N GLY E 166 38.74 2.92 9.62
CA GLY E 166 37.96 2.72 10.83
C GLY E 166 37.62 1.26 10.97
N TYR E 167 37.88 0.68 12.15
CA TYR E 167 37.52 -0.72 12.36
C TYR E 167 36.97 -1.02 13.74
N ILE E 168 37.06 -0.12 14.71
CA ILE E 168 36.57 -0.41 16.05
C ILE E 168 37.19 -1.73 16.48
N PRO E 169 38.47 -1.75 16.83
CA PRO E 169 39.14 -3.04 17.07
C PRO E 169 38.36 -3.91 18.04
N ASN E 170 38.24 -5.19 17.69
CA ASN E 170 37.52 -6.14 18.49
C ASN E 170 38.36 -6.56 19.70
N GLY E 171 37.69 -7.12 20.69
CA GLY E 171 38.32 -7.64 21.88
C GLY E 171 38.60 -9.12 21.86
N GLU E 172 38.28 -9.81 20.77
CA GLU E 172 38.49 -11.24 20.66
C GLU E 172 39.13 -11.69 19.35
N TRP E 173 39.06 -10.89 18.29
CA TRP E 173 39.63 -11.26 17.00
C TRP E 173 40.27 -10.03 16.38
N ASP E 174 41.15 -10.28 15.42
CA ASP E 174 41.88 -9.23 14.73
C ASP E 174 41.88 -9.50 13.23
N LEU E 175 41.66 -8.44 12.44
CA LEU E 175 41.69 -8.57 11.00
C LEU E 175 43.11 -8.79 10.51
N VAL E 176 43.28 -9.69 9.55
CA VAL E 176 44.55 -9.90 8.87
C VAL E 176 44.55 -9.29 7.48
N GLY E 177 43.45 -9.45 6.75
CA GLY E 177 43.32 -8.88 5.43
C GLY E 177 41.92 -9.08 4.92
N ILE E 178 41.60 -8.37 3.84
CA ILE E 178 40.26 -8.45 3.24
C ILE E 178 40.40 -8.63 1.73
N PRO E 179 40.86 -9.78 1.27
CA PRO E 179 40.91 -10.01 -0.18
C PRO E 179 39.53 -10.16 -0.79
N GLY E 180 39.45 -9.84 -2.06
CA GLY E 180 38.22 -10.02 -2.81
C GLY E 180 38.53 -10.45 -4.22
N LYS E 181 37.59 -11.19 -4.81
CA LYS E 181 37.79 -11.73 -6.15
C LYS E 181 36.45 -11.89 -6.85
N ARG E 182 36.43 -11.56 -8.13
CA ARG E 182 35.26 -11.79 -8.97
C ARG E 182 35.40 -13.14 -9.67
N SER E 183 34.28 -13.86 -9.76
CA SER E 183 34.25 -15.18 -10.36
C SER E 183 33.04 -15.25 -11.29
N GLU E 184 33.06 -16.27 -12.14
CA GLU E 184 31.99 -16.51 -13.09
C GLU E 184 31.56 -17.97 -13.04
N ARG E 185 30.30 -18.21 -13.35
CA ARG E 185 29.74 -19.55 -13.43
C ARG E 185 28.94 -19.69 -14.71
N PHE E 186 29.09 -20.82 -15.38
CA PHE E 186 28.47 -21.03 -16.67
C PHE E 186 27.20 -21.84 -16.52
N TYR E 187 26.14 -21.40 -17.22
CA TYR E 187 24.86 -22.07 -17.14
C TYR E 187 24.95 -23.45 -17.78
N GLU E 188 23.82 -24.17 -17.78
CA GLU E 188 23.80 -25.51 -18.33
C GLU E 188 24.22 -25.51 -19.80
N CYS E 189 23.42 -24.85 -20.65
CA CYS E 189 23.71 -24.77 -22.08
C CYS E 189 23.41 -23.34 -22.53
N CYS E 190 24.44 -22.50 -22.50
CA CYS E 190 24.30 -21.11 -22.93
C CYS E 190 25.67 -20.47 -22.88
N LYS E 191 25.82 -19.38 -23.64
CA LYS E 191 27.04 -18.59 -23.65
C LYS E 191 27.00 -17.43 -22.68
N GLU E 192 25.89 -17.23 -21.98
CA GLU E 192 25.76 -16.14 -21.04
C GLU E 192 26.35 -16.55 -19.69
N PRO E 193 27.37 -15.88 -19.18
CA PRO E 193 27.92 -16.24 -17.87
C PRO E 193 27.13 -15.57 -16.75
N TYR E 194 27.45 -15.98 -15.53
CA TYR E 194 26.88 -15.37 -14.33
C TYR E 194 28.02 -14.96 -13.41
N PRO E 195 28.25 -13.66 -13.22
CA PRO E 195 29.34 -13.23 -12.34
C PRO E 195 28.89 -13.04 -10.89
N ASP E 196 29.88 -13.08 -10.00
CA ASP E 196 29.66 -12.86 -8.58
C ASP E 196 30.96 -12.38 -7.97
N VAL E 197 30.85 -11.83 -6.75
CA VAL E 197 32.00 -11.29 -6.03
C VAL E 197 32.08 -11.98 -4.68
N THR E 198 33.27 -12.49 -4.35
CA THR E 198 33.51 -13.17 -3.10
C THR E 198 34.58 -12.42 -2.31
N PHE E 199 34.27 -12.09 -1.06
CA PHE E 199 35.18 -11.42 -0.16
C PHE E 199 35.54 -12.36 0.97
N THR E 200 36.83 -12.48 1.24
CA THR E 200 37.33 -13.37 2.29
C THR E 200 37.75 -12.54 3.50
N VAL E 201 37.16 -12.85 4.64
CA VAL E 201 37.48 -12.21 5.90
C VAL E 201 38.37 -13.17 6.69
N THR E 202 39.57 -12.71 7.04
CA THR E 202 40.56 -13.53 7.70
C THR E 202 40.84 -12.95 9.09
N MET E 203 40.68 -13.79 10.10
CA MET E 203 41.00 -13.44 11.48
C MET E 203 41.56 -14.68 12.15
N ARG E 204 42.58 -14.50 12.97
CA ARG E 204 43.19 -15.63 13.65
C ARG E 204 42.62 -15.83 15.05
N ARG E 205 42.89 -14.88 15.95
CA ARG E 205 42.32 -14.89 17.29
C ARG E 205 42.88 -13.73 18.11
N ARG E 206 42.38 -13.55 19.32
CA ARG E 206 42.95 -12.58 20.25
C ARG E 206 42.65 -12.97 21.69
N ALA F 1 4.53 3.20 -39.60
CA ALA F 1 5.30 2.68 -38.44
C ALA F 1 5.22 1.16 -38.36
N GLN F 2 4.96 0.53 -39.51
CA GLN F 2 4.82 -0.92 -39.65
C GLN F 2 3.61 -1.46 -38.91
N VAL F 3 2.75 -0.60 -38.38
CA VAL F 3 1.59 -1.06 -37.61
C VAL F 3 0.33 -0.41 -38.15
N GLN F 4 0.36 0.03 -39.39
CA GLN F 4 -0.78 0.71 -39.97
C GLN F 4 -1.75 -0.30 -40.58
N LEU F 5 -2.97 0.17 -40.84
CA LEU F 5 -4.04 -0.66 -41.36
C LEU F 5 -4.61 -0.04 -42.62
N VAL F 6 -5.19 -0.90 -43.47
CA VAL F 6 -5.77 -0.49 -44.73
C VAL F 6 -7.15 -1.14 -44.87
N GLU F 7 -7.98 -0.53 -45.71
CA GLU F 7 -9.35 -0.97 -45.91
C GLU F 7 -9.54 -1.46 -47.35
N SER F 8 -10.59 -2.27 -47.54
CA SER F 8 -10.98 -2.74 -48.85
C SER F 8 -12.49 -2.78 -48.92
N GLY F 9 -13.06 -1.99 -49.83
CA GLY F 9 -14.50 -1.93 -50.02
C GLY F 9 -15.05 -0.53 -49.91
N GLY F 10 -16.03 -0.20 -50.73
CA GLY F 10 -16.67 1.09 -50.69
C GLY F 10 -18.17 0.95 -50.87
N GLY F 11 -18.91 1.83 -50.19
CA GLY F 11 -20.35 1.74 -50.18
C GLY F 11 -21.06 3.04 -50.50
N LEU F 12 -21.84 3.04 -51.58
CA LEU F 12 -22.63 4.20 -51.95
C LEU F 12 -24.02 3.82 -52.48
N VAL F 13 -24.50 2.63 -52.16
CA VAL F 13 -25.81 2.21 -52.66
C VAL F 13 -26.88 3.18 -52.16
N GLN F 14 -28.03 3.13 -52.83
CA GLN F 14 -29.16 3.96 -52.39
C GLN F 14 -29.73 3.44 -51.08
N ALA F 15 -30.00 2.14 -51.00
CA ALA F 15 -30.52 1.53 -49.79
C ALA F 15 -30.67 0.02 -50.01
N GLY F 16 -30.73 -0.71 -48.92
CA GLY F 16 -30.99 -2.14 -48.99
C GLY F 16 -29.97 -2.92 -49.78
N GLY F 17 -28.70 -2.51 -49.72
CA GLY F 17 -27.64 -3.17 -50.45
C GLY F 17 -26.91 -4.20 -49.61
N SER F 18 -25.87 -4.77 -50.21
CA SER F 18 -25.01 -5.74 -49.56
C SER F 18 -23.56 -5.35 -49.79
N LEU F 19 -22.74 -5.53 -48.76
CA LEU F 19 -21.34 -5.12 -48.85
C LEU F 19 -20.47 -6.03 -47.99
N LYS F 20 -19.19 -6.08 -48.35
CA LYS F 20 -18.19 -6.89 -47.65
C LYS F 20 -16.93 -6.05 -47.46
N LEU F 21 -16.77 -5.49 -46.27
CA LEU F 21 -15.59 -4.71 -45.92
C LEU F 21 -14.49 -5.65 -45.43
N SER F 22 -13.28 -5.44 -45.91
CA SER F 22 -12.13 -6.26 -45.53
C SER F 22 -11.04 -5.38 -44.94
N CYS F 23 -10.44 -5.84 -43.86
CA CYS F 23 -9.35 -5.11 -43.21
C CYS F 23 -8.22 -6.06 -42.87
N ALA F 24 -6.99 -5.55 -42.91
CA ALA F 24 -5.82 -6.36 -42.66
C ALA F 24 -4.72 -5.48 -42.09
N ALA F 25 -3.73 -6.12 -41.46
CA ALA F 25 -2.66 -5.41 -40.79
C ALA F 25 -1.43 -6.31 -40.74
N SER F 26 -0.30 -5.70 -40.42
CA SER F 26 0.96 -6.42 -40.28
C SER F 26 1.86 -5.67 -39.32
N GLY F 27 2.91 -6.33 -38.86
CA GLY F 27 3.84 -5.80 -37.89
C GLY F 27 3.64 -6.34 -36.49
N PHE F 28 2.49 -6.94 -36.20
CA PHE F 28 2.25 -7.60 -34.93
C PHE F 28 1.54 -8.92 -35.18
N THR F 29 1.73 -9.86 -34.26
CA THR F 29 1.14 -11.18 -34.42
C THR F 29 -0.38 -11.08 -34.41
N PHE F 30 -1.01 -11.55 -35.48
CA PHE F 30 -2.47 -11.52 -35.58
C PHE F 30 -3.11 -12.72 -34.90
N ALA F 31 -2.67 -12.98 -33.68
CA ALA F 31 -3.26 -14.03 -32.85
C ALA F 31 -3.46 -13.62 -31.41
N HIS F 32 -2.85 -12.53 -30.94
CA HIS F 32 -2.97 -12.08 -29.57
C HIS F 32 -3.76 -10.77 -29.46
N TYR F 33 -4.52 -10.42 -30.49
CA TYR F 33 -5.25 -9.17 -30.52
C TYR F 33 -6.67 -9.41 -31.03
N ALA F 34 -7.57 -8.50 -30.64
CA ALA F 34 -8.95 -8.51 -31.08
C ALA F 34 -9.24 -7.22 -31.83
N MET F 35 -10.17 -7.29 -32.78
CA MET F 35 -10.50 -6.17 -33.64
C MET F 35 -11.96 -5.77 -33.45
N VAL F 36 -12.20 -4.46 -33.43
CA VAL F 36 -13.55 -3.91 -33.26
C VAL F 36 -13.76 -2.82 -34.29
N TRP F 37 -14.98 -2.72 -34.81
CA TRP F 37 -15.33 -1.74 -35.82
C TRP F 37 -15.97 -0.53 -35.18
N PHE F 38 -15.58 0.66 -35.63
CA PHE F 38 -16.08 1.90 -35.06
C PHE F 38 -16.52 2.83 -36.19
N ARG F 39 -17.55 3.61 -35.90
CA ARG F 39 -18.15 4.53 -36.85
C ARG F 39 -18.03 5.95 -36.33
N GLN F 40 -17.68 6.87 -37.22
CA GLN F 40 -17.63 8.30 -36.90
C GLN F 40 -18.51 9.05 -37.87
N ALA F 41 -19.38 9.89 -37.33
CA ALA F 41 -20.30 10.74 -38.06
C ALA F 41 -19.75 12.16 -38.14
N PRO F 42 -20.32 13.01 -38.98
CA PRO F 42 -19.80 14.37 -39.11
C PRO F 42 -19.70 15.08 -37.77
N GLY F 43 -20.81 15.24 -37.08
CA GLY F 43 -20.79 15.70 -35.71
C GLY F 43 -21.46 14.70 -34.79
N LYS F 44 -20.66 14.02 -33.98
CA LYS F 44 -21.15 12.99 -33.06
C LYS F 44 -19.94 12.43 -32.33
N GLU F 45 -20.22 11.58 -31.36
CA GLU F 45 -19.19 10.82 -30.66
C GLU F 45 -18.86 9.57 -31.46
N ARG F 46 -18.03 8.69 -30.91
CA ARG F 46 -17.70 7.43 -31.54
C ARG F 46 -18.60 6.33 -30.98
N GLU F 47 -19.10 5.48 -31.87
CA GLU F 47 -20.05 4.44 -31.52
C GLU F 47 -19.48 3.08 -31.86
N PHE F 48 -19.80 2.09 -31.03
CA PHE F 48 -19.37 0.72 -31.23
C PHE F 48 -20.40 -0.02 -32.08
N VAL F 49 -19.92 -0.73 -33.10
CA VAL F 49 -20.79 -1.40 -34.07
C VAL F 49 -20.71 -2.91 -33.94
N ALA F 50 -19.54 -3.49 -34.18
CA ALA F 50 -19.38 -4.94 -34.19
C ALA F 50 -18.02 -5.29 -33.62
N GLY F 51 -17.95 -6.45 -32.96
CA GLY F 51 -16.73 -6.88 -32.32
C GLY F 51 -16.64 -8.38 -32.21
N ILE F 52 -15.41 -8.85 -32.06
CA ILE F 52 -15.12 -10.27 -31.89
C ILE F 52 -13.83 -10.41 -31.12
N SER F 53 -13.78 -11.39 -30.23
CA SER F 53 -12.64 -11.59 -29.36
C SER F 53 -11.55 -12.38 -30.09
N TRP F 54 -10.39 -12.46 -29.44
CA TRP F 54 -9.26 -13.17 -30.04
C TRP F 54 -9.49 -14.68 -30.08
N SER F 55 -10.31 -15.20 -29.18
CA SER F 55 -10.52 -16.64 -29.12
C SER F 55 -11.14 -17.15 -30.42
N GLY F 56 -12.22 -16.51 -30.87
CA GLY F 56 -12.84 -16.89 -32.11
C GLY F 56 -14.36 -16.89 -32.08
N ALA F 57 -14.95 -17.16 -30.92
CA ALA F 57 -16.41 -17.20 -30.78
C ALA F 57 -16.81 -16.33 -29.60
N SER F 58 -16.91 -15.02 -29.84
CA SER F 58 -17.48 -14.08 -28.89
C SER F 58 -18.25 -12.97 -29.61
N THR F 59 -18.85 -13.29 -30.75
CA THR F 59 -19.43 -12.27 -31.60
C THR F 59 -20.34 -11.33 -30.82
N TYR F 60 -20.10 -10.03 -30.98
CA TYR F 60 -20.90 -8.99 -30.34
C TYR F 60 -21.41 -8.04 -31.42
N TYR F 61 -22.70 -7.76 -31.37
CA TYR F 61 -23.35 -6.80 -32.25
C TYR F 61 -23.92 -5.66 -31.40
N ALA F 62 -24.00 -4.47 -31.99
CA ALA F 62 -24.67 -3.37 -31.33
C ALA F 62 -26.17 -3.67 -31.24
N SER F 63 -26.91 -2.77 -30.60
CA SER F 63 -28.33 -2.98 -30.42
C SER F 63 -29.11 -2.75 -31.70
N SER F 64 -28.64 -1.87 -32.58
CA SER F 64 -29.34 -1.54 -33.81
C SER F 64 -28.87 -2.35 -35.01
N VAL F 65 -27.89 -3.25 -34.84
CA VAL F 65 -27.32 -4.00 -35.94
C VAL F 65 -27.35 -5.48 -35.63
N LYS F 66 -28.34 -5.92 -34.86
CA LYS F 66 -28.37 -7.31 -34.40
C LYS F 66 -28.47 -8.26 -35.58
N GLY F 67 -29.58 -8.21 -36.31
CA GLY F 67 -29.90 -9.19 -37.33
C GLY F 67 -29.49 -8.81 -38.74
N ARG F 68 -28.69 -7.76 -38.90
CA ARG F 68 -28.30 -7.28 -40.22
C ARG F 68 -26.82 -7.44 -40.49
N PHE F 69 -25.96 -6.90 -39.63
CA PHE F 69 -24.52 -6.92 -39.85
C PHE F 69 -23.91 -8.15 -39.18
N THR F 70 -22.91 -8.73 -39.85
CA THR F 70 -22.20 -9.88 -39.31
C THR F 70 -20.70 -9.67 -39.50
N ILE F 71 -19.92 -10.31 -38.64
CA ILE F 71 -18.48 -10.10 -38.60
C ILE F 71 -17.78 -11.46 -38.51
N SER F 72 -16.58 -11.52 -39.08
CA SER F 72 -15.78 -12.74 -39.06
C SER F 72 -14.31 -12.36 -39.16
N ARG F 73 -13.45 -13.31 -38.82
CA ARG F 73 -12.01 -13.10 -38.86
C ARG F 73 -11.33 -14.36 -39.38
N ASP F 74 -10.36 -14.16 -40.27
CA ASP F 74 -9.54 -15.24 -40.81
C ASP F 74 -8.12 -15.05 -40.28
N ASN F 75 -7.70 -15.96 -39.40
CA ASN F 75 -6.38 -15.85 -38.80
C ASN F 75 -5.28 -16.24 -39.77
N ALA F 76 -5.48 -17.33 -40.52
CA ALA F 76 -4.47 -17.77 -41.47
C ALA F 76 -4.28 -16.75 -42.58
N LYS F 77 -5.37 -16.18 -43.08
CA LYS F 77 -5.31 -15.16 -44.11
C LYS F 77 -4.93 -13.79 -43.57
N ASN F 78 -4.96 -13.61 -42.25
CA ASN F 78 -4.63 -12.32 -41.63
C ASN F 78 -5.59 -11.23 -42.09
N THR F 79 -6.87 -11.46 -41.86
CA THR F 79 -7.89 -10.53 -42.34
C THR F 79 -9.10 -10.57 -41.43
N VAL F 80 -9.90 -9.52 -41.49
CA VAL F 80 -11.19 -9.46 -40.82
C VAL F 80 -12.22 -8.94 -41.81
N TYR F 81 -13.39 -9.59 -41.83
CA TYR F 81 -14.45 -9.30 -42.78
C TYR F 81 -15.69 -8.84 -42.03
N LEU F 82 -16.39 -7.87 -42.62
CA LEU F 82 -17.66 -7.38 -42.11
C LEU F 82 -18.66 -7.37 -43.26
N GLN F 83 -19.72 -8.16 -43.12
CA GLN F 83 -20.75 -8.28 -44.14
C GLN F 83 -21.99 -7.51 -43.70
N MET F 84 -22.46 -6.63 -44.58
CA MET F 84 -23.63 -5.79 -44.33
C MET F 84 -24.73 -6.22 -45.29
N ASN F 85 -25.93 -6.42 -44.75
CA ASN F 85 -27.12 -6.75 -45.52
C ASN F 85 -28.27 -5.88 -45.05
N SER F 86 -29.20 -5.61 -45.97
CA SER F 86 -30.41 -4.84 -45.65
C SER F 86 -30.04 -3.52 -44.97
N LEU F 87 -29.15 -2.78 -45.61
CA LEU F 87 -28.67 -1.53 -45.05
C LEU F 87 -29.78 -0.49 -45.00
N LYS F 88 -29.68 0.42 -44.00
CA LYS F 88 -30.60 1.55 -43.86
C LYS F 88 -29.94 2.83 -44.36
N PRO F 89 -30.70 3.78 -44.89
CA PRO F 89 -30.09 5.01 -45.41
C PRO F 89 -29.60 5.97 -44.35
N GLU F 90 -29.70 5.62 -43.07
CA GLU F 90 -29.22 6.45 -41.99
C GLU F 90 -27.77 6.16 -41.62
N ASP F 91 -27.15 5.14 -42.25
CA ASP F 91 -25.76 4.78 -41.97
C ASP F 91 -24.89 5.42 -43.03
N THR F 92 -24.56 6.69 -42.80
CA THR F 92 -23.64 7.45 -43.65
C THR F 92 -22.53 7.97 -42.76
N ALA F 93 -21.33 7.41 -42.93
CA ALA F 93 -20.25 7.74 -41.99
C ALA F 93 -18.93 7.09 -42.39
N VAL F 94 -17.88 7.33 -41.60
CA VAL F 94 -16.58 6.73 -41.84
C VAL F 94 -16.37 5.60 -40.85
N TYR F 95 -16.06 4.42 -41.38
CA TYR F 95 -15.84 3.24 -40.56
C TYR F 95 -14.34 2.95 -40.50
N TYR F 96 -13.80 2.87 -39.28
CA TYR F 96 -12.41 2.48 -39.08
C TYR F 96 -12.34 1.48 -37.93
N VAL F 97 -11.31 0.65 -37.95
CA VAL F 97 -11.18 -0.42 -37.00
C VAL F 97 -10.16 -0.02 -35.94
N ALA F 98 -10.28 -0.65 -34.77
CA ALA F 98 -9.34 -0.47 -33.68
C ALA F 98 -9.01 -1.84 -33.09
N ALA F 99 -7.73 -2.05 -32.80
CA ALA F 99 -7.24 -3.29 -32.22
C ALA F 99 -6.98 -3.12 -30.74
N ALA F 100 -6.86 -4.24 -30.05
CA ALA F 100 -6.61 -4.25 -28.62
C ALA F 100 -6.00 -5.59 -28.25
N ARG F 101 -5.47 -5.66 -27.03
CA ARG F 101 -4.86 -6.89 -26.55
C ARG F 101 -5.98 -7.86 -26.19
N PHE F 102 -5.61 -8.95 -25.52
CA PHE F 102 -6.59 -9.95 -25.13
C PHE F 102 -7.79 -9.29 -24.50
N GLY F 103 -8.94 -9.43 -25.15
CA GLY F 103 -10.16 -8.82 -24.67
C GLY F 103 -11.37 -9.56 -25.16
N VAL F 104 -12.51 -8.87 -25.13
CA VAL F 104 -13.77 -9.46 -25.55
C VAL F 104 -14.51 -8.62 -26.58
N GLY F 105 -14.23 -7.33 -26.72
CA GLY F 105 -14.97 -6.44 -27.59
C GLY F 105 -15.74 -5.36 -26.84
N VAL F 106 -16.14 -5.64 -25.61
CA VAL F 106 -16.75 -4.65 -24.74
C VAL F 106 -15.67 -3.64 -24.37
N ASP F 107 -16.07 -2.53 -23.75
CA ASP F 107 -15.16 -1.41 -23.50
C ASP F 107 -13.80 -1.91 -23.06
N ASP F 108 -12.76 -1.26 -23.57
CA ASP F 108 -11.39 -1.68 -23.32
C ASP F 108 -10.47 -0.50 -23.60
N ASP F 109 -9.16 -0.75 -23.56
CA ASP F 109 -8.14 0.26 -23.84
C ASP F 109 -7.43 -0.14 -25.12
N TYR F 110 -7.86 0.45 -26.24
CA TYR F 110 -7.31 0.10 -27.53
C TYR F 110 -5.89 0.62 -27.66
N SER F 111 -5.09 -0.09 -28.47
CA SER F 111 -3.68 0.22 -28.67
C SER F 111 -3.40 0.77 -30.06
N TYR F 112 -3.78 0.04 -31.10
CA TYR F 112 -3.46 0.38 -32.47
C TYR F 112 -4.71 0.88 -33.18
N TRP F 113 -4.59 2.05 -33.80
CA TRP F 113 -5.66 2.63 -34.60
C TRP F 113 -5.38 2.37 -36.07
N GLY F 114 -6.24 2.87 -36.92
CA GLY F 114 -6.08 2.76 -38.36
C GLY F 114 -6.65 3.98 -39.03
N GLN F 115 -7.16 3.79 -40.24
CA GLN F 115 -7.85 4.84 -40.97
C GLN F 115 -9.14 4.30 -41.53
N GLY F 116 -10.09 5.18 -41.75
CA GLY F 116 -11.44 4.79 -42.11
C GLY F 116 -11.74 4.88 -43.59
N THR F 117 -12.83 4.24 -43.96
CA THR F 117 -13.39 4.32 -45.31
C THR F 117 -14.80 4.89 -45.21
N GLN F 118 -15.18 5.70 -46.19
CA GLN F 118 -16.41 6.47 -46.16
C GLN F 118 -17.52 5.71 -46.88
N VAL F 119 -18.66 5.58 -46.22
CA VAL F 119 -19.86 5.00 -46.82
C VAL F 119 -20.95 6.06 -46.82
N THR F 120 -21.54 6.28 -47.99
CA THR F 120 -22.51 7.36 -48.20
C THR F 120 -23.79 6.76 -48.74
N VAL F 121 -24.87 6.87 -47.97
CA VAL F 121 -26.16 6.34 -48.37
C VAL F 121 -27.24 7.35 -48.01
N ALA G 1 -26.39 -14.72 -25.97
CA ALA G 1 -26.03 -13.35 -25.52
C ALA G 1 -26.94 -12.31 -26.18
N GLN G 2 -26.40 -11.49 -27.07
CA GLN G 2 -27.17 -10.48 -27.79
C GLN G 2 -27.93 -9.60 -26.83
N VAL G 3 -27.19 -8.89 -25.99
CA VAL G 3 -27.77 -7.98 -25.02
C VAL G 3 -28.10 -6.67 -25.72
N GLN G 4 -29.36 -6.25 -25.64
CA GLN G 4 -29.82 -5.04 -26.30
C GLN G 4 -30.98 -4.46 -25.52
N LEU G 5 -31.09 -3.14 -25.55
CA LEU G 5 -32.16 -2.41 -24.87
C LEU G 5 -32.86 -1.55 -25.92
N VAL G 6 -34.03 -2.00 -26.34
CA VAL G 6 -34.80 -1.31 -27.38
C VAL G 6 -35.80 -0.38 -26.70
N GLU G 7 -36.06 0.77 -27.34
CA GLU G 7 -36.96 1.77 -26.82
C GLU G 7 -38.02 2.08 -27.87
N SER G 8 -39.16 2.59 -27.39
CA SER G 8 -40.28 2.92 -28.25
C SER G 8 -41.03 4.10 -27.66
N GLY G 9 -42.22 4.35 -28.18
CA GLY G 9 -43.06 5.43 -27.70
C GLY G 9 -43.40 6.46 -28.77
N GLY G 10 -42.42 6.83 -29.58
CA GLY G 10 -42.62 7.76 -30.68
C GLY G 10 -43.55 8.91 -30.35
N GLY G 11 -43.20 9.68 -29.33
CA GLY G 11 -44.06 10.76 -28.88
C GLY G 11 -43.79 12.08 -29.55
N LEU G 12 -44.67 12.48 -30.47
CA LEU G 12 -44.61 13.78 -31.12
C LEU G 12 -45.89 14.58 -30.91
N VAL G 13 -46.65 14.25 -29.87
CA VAL G 13 -47.93 14.91 -29.64
C VAL G 13 -47.72 16.30 -29.05
N GLN G 14 -48.73 17.14 -29.21
CA GLN G 14 -48.65 18.50 -28.70
C GLN G 14 -48.69 18.51 -27.17
N ALA G 15 -48.40 19.66 -26.60
CA ALA G 15 -48.32 19.80 -25.16
C ALA G 15 -49.68 19.61 -24.51
N GLY G 16 -49.69 18.94 -23.37
CA GLY G 16 -50.87 18.83 -22.54
C GLY G 16 -51.42 17.42 -22.35
N GLY G 17 -51.48 16.63 -23.41
CA GLY G 17 -52.25 15.41 -23.35
C GLY G 17 -51.68 14.30 -22.49
N SER G 18 -50.62 13.65 -22.96
CA SER G 18 -50.00 12.57 -22.20
C SER G 18 -48.88 11.97 -23.04
N LEU G 19 -48.06 11.15 -22.38
CA LEU G 19 -47.14 10.29 -23.10
C LEU G 19 -46.78 9.12 -22.20
N LYS G 20 -46.58 7.95 -22.81
CA LYS G 20 -46.27 6.72 -22.09
C LYS G 20 -45.28 5.93 -22.92
N LEU G 21 -44.16 5.53 -22.32
CA LEU G 21 -43.16 4.76 -23.05
C LEU G 21 -42.62 3.65 -22.16
N SER G 22 -42.04 2.65 -22.81
CA SER G 22 -41.58 1.44 -22.13
C SER G 22 -40.23 1.03 -22.68
N CYS G 23 -39.55 0.18 -21.91
CA CYS G 23 -38.26 -0.40 -22.31
C CYS G 23 -38.32 -1.91 -22.18
N ALA G 24 -37.25 -2.56 -22.63
CA ALA G 24 -37.18 -4.02 -22.61
C ALA G 24 -35.73 -4.45 -22.41
N ALA G 25 -35.57 -5.69 -21.93
CA ALA G 25 -34.27 -6.28 -21.68
C ALA G 25 -34.19 -7.64 -22.34
N SER G 26 -32.98 -8.02 -22.76
CA SER G 26 -32.78 -9.23 -23.55
C SER G 26 -31.89 -10.26 -22.86
N GLY G 27 -30.69 -9.86 -22.43
CA GLY G 27 -29.68 -10.83 -22.05
C GLY G 27 -29.38 -10.95 -20.57
N PHE G 28 -29.44 -9.85 -19.85
CA PHE G 28 -29.03 -9.84 -18.45
C PHE G 28 -30.23 -10.02 -17.53
N THR G 29 -29.94 -10.35 -16.28
CA THR G 29 -30.98 -10.54 -15.29
C THR G 29 -31.57 -9.20 -14.87
N PHE G 30 -32.90 -9.12 -14.84
CA PHE G 30 -33.58 -7.88 -14.52
C PHE G 30 -33.74 -7.64 -13.03
N ALA G 31 -33.53 -8.64 -12.20
CA ALA G 31 -33.69 -8.51 -10.76
C ALA G 31 -32.38 -8.16 -10.06
N HIS G 32 -31.30 -7.96 -10.80
CA HIS G 32 -30.00 -7.66 -10.23
C HIS G 32 -29.41 -6.35 -10.74
N TYR G 33 -30.12 -5.59 -11.56
CA TYR G 33 -29.62 -4.37 -12.14
C TYR G 33 -30.55 -3.21 -11.79
N ALA G 34 -30.11 -2.01 -12.17
CA ALA G 34 -30.88 -0.80 -12.00
C ALA G 34 -30.79 0.03 -13.28
N MET G 35 -31.91 0.64 -13.66
CA MET G 35 -32.02 1.39 -14.90
C MET G 35 -32.21 2.87 -14.58
N VAL G 36 -31.57 3.74 -15.36
CA VAL G 36 -31.76 5.17 -15.24
C VAL G 36 -32.03 5.75 -16.62
N TRP G 37 -32.72 6.89 -16.65
CA TRP G 37 -33.11 7.55 -17.88
C TRP G 37 -32.22 8.76 -18.11
N PHE G 38 -31.65 8.86 -19.30
CA PHE G 38 -30.77 9.95 -19.67
C PHE G 38 -31.38 10.71 -20.84
N ARG G 39 -31.38 12.03 -20.72
CA ARG G 39 -31.86 12.92 -21.77
C ARG G 39 -30.68 13.55 -22.48
N GLN G 40 -30.71 13.53 -23.82
CA GLN G 40 -29.69 14.14 -24.64
C GLN G 40 -30.34 15.00 -25.70
N ALA G 41 -29.85 16.21 -25.87
CA ALA G 41 -30.41 17.19 -26.79
C ALA G 41 -29.34 17.65 -27.77
N PRO G 42 -29.76 18.21 -28.92
CA PRO G 42 -28.76 18.65 -29.90
C PRO G 42 -27.81 19.72 -29.38
N GLY G 43 -28.18 20.44 -28.32
CA GLY G 43 -27.30 21.43 -27.75
C GLY G 43 -26.70 20.99 -26.43
N LYS G 44 -27.42 20.14 -25.70
CA LYS G 44 -26.97 19.65 -24.40
C LYS G 44 -26.34 18.26 -24.56
N GLU G 45 -25.77 17.77 -23.46
CA GLU G 45 -25.03 16.53 -23.47
C GLU G 45 -25.74 15.42 -22.71
N ARG G 46 -26.06 15.64 -21.43
CA ARG G 46 -26.65 14.58 -20.62
C ARG G 46 -27.41 15.19 -19.47
N GLU G 47 -28.56 14.60 -19.16
CA GLU G 47 -29.30 14.95 -17.95
C GLU G 47 -29.86 13.69 -17.32
N PHE G 48 -29.75 13.63 -15.99
CA PHE G 48 -30.30 12.53 -15.18
C PHE G 48 -31.80 12.76 -15.02
N VAL G 49 -32.60 12.20 -15.93
CA VAL G 49 -34.03 12.43 -15.87
C VAL G 49 -34.60 11.87 -14.57
N ALA G 50 -34.48 10.57 -14.38
CA ALA G 50 -35.00 9.92 -13.17
C ALA G 50 -34.44 8.51 -13.12
N GLY G 51 -34.62 7.88 -11.96
CA GLY G 51 -34.07 6.55 -11.77
C GLY G 51 -34.78 5.80 -10.67
N ILE G 52 -34.62 4.48 -10.70
CA ILE G 52 -35.18 3.56 -9.71
C ILE G 52 -34.10 2.55 -9.34
N SER G 53 -34.29 1.95 -8.17
CA SER G 53 -33.31 1.02 -7.60
C SER G 53 -33.67 -0.42 -7.93
N TRP G 54 -32.72 -1.31 -7.68
CA TRP G 54 -32.97 -2.73 -7.87
C TRP G 54 -33.91 -3.28 -6.81
N SER G 55 -33.93 -2.66 -5.62
CA SER G 55 -34.82 -3.13 -4.56
C SER G 55 -36.27 -2.97 -4.98
N GLY G 56 -36.63 -1.83 -5.54
CA GLY G 56 -37.96 -1.62 -6.06
C GLY G 56 -38.58 -0.27 -5.72
N ALA G 57 -38.25 0.28 -4.55
CA ALA G 57 -38.82 1.54 -4.09
C ALA G 57 -37.69 2.46 -3.63
N SER G 58 -37.07 3.15 -4.59
CA SER G 58 -36.12 4.21 -4.30
C SER G 58 -36.23 5.34 -5.30
N THR G 59 -37.44 5.59 -5.81
CA THR G 59 -37.63 6.53 -6.91
C THR G 59 -36.91 7.84 -6.65
N TYR G 60 -35.98 8.20 -7.53
CA TYR G 60 -35.28 9.47 -7.46
C TYR G 60 -35.50 10.24 -8.74
N TYR G 61 -35.72 11.54 -8.59
CA TYR G 61 -36.00 12.44 -9.70
C TYR G 61 -34.98 13.56 -9.72
N ALA G 62 -35.10 14.43 -10.71
CA ALA G 62 -34.25 15.60 -10.85
C ALA G 62 -34.96 16.83 -10.32
N SER G 63 -34.18 17.89 -10.10
CA SER G 63 -34.76 19.16 -9.65
C SER G 63 -35.65 19.79 -10.71
N SER G 64 -35.42 19.47 -11.98
CA SER G 64 -36.22 20.05 -13.05
C SER G 64 -37.70 19.69 -12.91
N VAL G 65 -37.97 18.43 -12.58
CA VAL G 65 -39.34 17.93 -12.48
C VAL G 65 -39.49 17.15 -11.18
N LYS G 66 -40.58 17.39 -10.47
CA LYS G 66 -40.87 16.69 -9.22
C LYS G 66 -42.24 16.06 -9.18
N GLY G 67 -43.19 16.48 -10.02
CA GLY G 67 -44.53 15.93 -10.00
C GLY G 67 -45.17 15.79 -11.36
N ARG G 68 -44.36 15.77 -12.41
CA ARG G 68 -44.85 15.66 -13.78
C ARG G 68 -44.57 14.33 -14.44
N PHE G 69 -43.52 13.63 -14.03
CA PHE G 69 -43.23 12.30 -14.51
C PHE G 69 -43.46 11.29 -13.41
N THR G 70 -43.59 10.03 -13.82
CA THR G 70 -43.56 8.93 -12.87
C THR G 70 -42.98 7.71 -13.55
N ILE G 71 -42.46 6.79 -12.75
CA ILE G 71 -41.77 5.61 -13.24
C ILE G 71 -42.38 4.38 -12.61
N SER G 72 -42.26 3.26 -13.32
CA SER G 72 -42.67 1.97 -12.78
C SER G 72 -41.80 0.89 -13.43
N ARG G 73 -41.75 -0.27 -12.80
CA ARG G 73 -40.95 -1.37 -13.30
C ARG G 73 -41.64 -2.69 -13.02
N ASP G 74 -41.45 -3.64 -13.93
CA ASP G 74 -42.01 -4.97 -13.79
C ASP G 74 -40.94 -6.00 -14.18
N ASN G 75 -40.78 -7.02 -13.33
CA ASN G 75 -39.74 -8.02 -13.54
C ASN G 75 -40.24 -9.23 -14.30
N ALA G 76 -41.54 -9.55 -14.22
CA ALA G 76 -42.08 -10.65 -15.00
C ALA G 76 -42.07 -10.31 -16.48
N LYS G 77 -42.51 -9.10 -16.83
CA LYS G 77 -42.46 -8.61 -18.20
C LYS G 77 -41.06 -8.18 -18.62
N ASN G 78 -40.14 -8.01 -17.67
CA ASN G 78 -38.80 -7.53 -17.96
C ASN G 78 -38.86 -6.16 -18.66
N THR G 79 -39.48 -5.20 -17.98
CA THR G 79 -39.69 -3.90 -18.60
C THR G 79 -39.77 -2.81 -17.54
N VAL G 80 -39.58 -1.58 -17.99
CA VAL G 80 -39.77 -0.38 -17.17
C VAL G 80 -40.59 0.61 -17.97
N TYR G 81 -41.55 1.24 -17.31
CA TYR G 81 -42.44 2.22 -17.91
C TYR G 81 -42.14 3.61 -17.36
N LEU G 82 -42.19 4.60 -18.26
CA LEU G 82 -42.08 6.01 -17.90
C LEU G 82 -43.32 6.72 -18.39
N GLN G 83 -43.96 7.47 -17.50
CA GLN G 83 -45.18 8.21 -17.80
C GLN G 83 -44.88 9.70 -17.70
N MET G 84 -45.23 10.44 -18.75
CA MET G 84 -44.91 11.84 -18.93
C MET G 84 -46.24 12.59 -19.02
N ASN G 85 -46.60 13.31 -17.95
CA ASN G 85 -47.88 13.99 -17.87
C ASN G 85 -47.66 15.49 -17.84
N SER G 86 -48.61 16.24 -18.38
CA SER G 86 -48.52 17.69 -18.47
C SER G 86 -47.33 18.10 -19.34
N LEU G 87 -47.37 17.64 -20.60
CA LEU G 87 -46.28 17.94 -21.51
C LEU G 87 -46.12 19.45 -21.68
N LYS G 88 -44.88 19.90 -21.65
CA LYS G 88 -44.50 21.29 -21.87
C LYS G 88 -43.55 21.38 -23.04
N PRO G 89 -43.44 22.56 -23.67
CA PRO G 89 -42.64 22.68 -24.89
C PRO G 89 -41.16 22.90 -24.66
N GLU G 90 -40.71 22.94 -23.40
CA GLU G 90 -39.31 23.22 -23.12
C GLU G 90 -38.44 21.97 -23.17
N ASP G 91 -39.03 20.78 -23.02
CA ASP G 91 -38.28 19.53 -22.99
C ASP G 91 -38.57 18.77 -24.28
N THR G 92 -37.62 18.83 -25.22
CA THR G 92 -37.69 18.10 -26.47
C THR G 92 -36.30 17.57 -26.75
N ALA G 93 -36.16 16.25 -26.83
CA ALA G 93 -34.83 15.66 -26.86
C ALA G 93 -34.97 14.18 -27.19
N VAL G 94 -33.86 13.45 -27.13
CA VAL G 94 -33.83 12.01 -27.32
C VAL G 94 -33.55 11.37 -25.96
N TYR G 95 -34.35 10.37 -25.63
CA TYR G 95 -34.25 9.67 -24.35
C TYR G 95 -33.64 8.30 -24.59
N TYR G 96 -32.70 7.92 -23.71
CA TYR G 96 -32.18 6.58 -23.75
C TYR G 96 -31.84 6.12 -22.34
N VAL G 97 -31.84 4.81 -22.15
CA VAL G 97 -31.69 4.20 -20.83
C VAL G 97 -30.24 3.75 -20.66
N ALA G 98 -29.71 3.98 -19.47
CA ALA G 98 -28.40 3.47 -19.07
C ALA G 98 -28.60 2.46 -17.95
N ALA G 99 -28.02 1.29 -18.13
CA ALA G 99 -28.16 0.20 -17.17
C ALA G 99 -26.91 0.12 -16.30
N ALA G 100 -27.11 -0.36 -15.07
CA ALA G 100 -26.03 -0.45 -14.11
C ALA G 100 -26.34 -1.56 -13.12
N ARG G 101 -25.33 -1.96 -12.36
CA ARG G 101 -25.49 -2.99 -11.36
C ARG G 101 -26.18 -2.40 -10.14
N PHE G 102 -26.15 -3.12 -9.03
CA PHE G 102 -26.81 -2.66 -7.81
C PHE G 102 -26.48 -1.20 -7.56
N GLY G 103 -27.52 -0.36 -7.59
CA GLY G 103 -27.33 1.06 -7.41
C GLY G 103 -28.53 1.74 -6.79
N VAL G 104 -28.53 3.08 -6.80
CA VAL G 104 -29.58 3.87 -6.19
C VAL G 104 -30.25 4.81 -7.20
N GLY G 105 -29.46 5.44 -8.06
CA GLY G 105 -29.99 6.41 -8.99
C GLY G 105 -29.08 7.63 -9.09
N VAL G 106 -28.41 7.94 -7.99
CA VAL G 106 -27.41 9.01 -7.96
C VAL G 106 -26.20 8.51 -8.74
N ASP G 107 -25.25 9.39 -9.00
CA ASP G 107 -24.09 9.08 -9.85
C ASP G 107 -23.63 7.65 -9.65
N ASP G 108 -23.48 6.93 -10.76
CA ASP G 108 -23.17 5.52 -10.74
C ASP G 108 -22.42 5.17 -12.01
N ASP G 109 -21.81 3.99 -12.01
CA ASP G 109 -21.18 3.44 -13.19
C ASP G 109 -22.20 2.70 -14.04
N TYR G 110 -21.84 2.44 -15.29
CA TYR G 110 -22.72 1.79 -16.24
C TYR G 110 -21.94 0.77 -17.04
N SER G 111 -22.66 -0.24 -17.54
CA SER G 111 -22.04 -1.31 -18.32
C SER G 111 -22.76 -1.50 -19.65
N TYR G 112 -24.05 -1.21 -19.68
CA TYR G 112 -24.87 -1.38 -20.88
C TYR G 112 -25.67 -0.11 -21.14
N TRP G 113 -25.70 0.30 -22.40
CA TRP G 113 -26.46 1.47 -22.83
C TRP G 113 -27.54 1.05 -23.81
N GLY G 114 -28.58 1.87 -23.90
CA GLY G 114 -29.77 1.54 -24.64
C GLY G 114 -29.96 2.38 -25.89
N GLN G 115 -31.13 2.21 -26.50
CA GLN G 115 -31.48 2.88 -27.73
C GLN G 115 -32.10 4.24 -27.45
N GLY G 116 -31.99 5.14 -28.42
CA GLY G 116 -32.48 6.49 -28.29
C GLY G 116 -33.78 6.67 -29.04
N THR G 117 -34.76 7.24 -28.37
CA THR G 117 -36.06 7.56 -28.95
C THR G 117 -36.23 9.07 -28.98
N GLN G 118 -36.67 9.59 -30.13
CA GLN G 118 -36.79 11.02 -30.35
C GLN G 118 -38.18 11.48 -29.92
N VAL G 119 -38.24 12.40 -28.97
CA VAL G 119 -39.49 12.98 -28.49
C VAL G 119 -39.43 14.48 -28.72
N THR G 120 -40.46 15.02 -29.36
CA THR G 120 -40.54 16.45 -29.65
C THR G 120 -42.01 16.83 -29.61
N VAL G 121 -42.40 17.55 -28.56
CA VAL G 121 -43.77 17.97 -28.36
C VAL G 121 -44.32 18.63 -29.63
N ALA H 1 -15.33 34.26 -1.04
CA ALA H 1 -15.31 35.21 -2.19
C ALA H 1 -14.09 36.11 -2.08
N GLN H 2 -14.16 37.29 -2.68
CA GLN H 2 -13.08 38.26 -2.66
C GLN H 2 -11.90 37.81 -3.52
N VAL H 3 -12.18 37.10 -4.61
CA VAL H 3 -11.15 36.56 -5.48
C VAL H 3 -11.33 37.10 -6.89
N GLN H 4 -11.81 38.34 -6.98
CA GLN H 4 -12.13 38.92 -8.27
C GLN H 4 -10.89 39.01 -9.15
N LEU H 5 -11.03 38.60 -10.41
CA LEU H 5 -9.98 38.68 -11.42
C LEU H 5 -10.52 39.54 -12.55
N VAL H 6 -10.07 40.79 -12.63
CA VAL H 6 -10.61 41.74 -13.60
C VAL H 6 -9.56 42.03 -14.65
N GLU H 7 -10.02 42.30 -15.87
CA GLU H 7 -9.15 42.57 -16.99
C GLU H 7 -9.65 43.81 -17.73
N SER H 8 -8.84 44.29 -18.66
CA SER H 8 -9.27 45.38 -19.53
C SER H 8 -8.50 45.28 -20.83
N GLY H 9 -8.78 46.22 -21.74
CA GLY H 9 -8.03 46.31 -22.98
C GLY H 9 -8.70 45.71 -24.19
N GLY H 10 -9.99 45.99 -24.38
CA GLY H 10 -10.65 45.57 -25.59
C GLY H 10 -10.10 46.29 -26.81
N GLY H 11 -10.07 45.58 -27.93
CA GLY H 11 -9.48 46.15 -29.14
C GLY H 11 -9.96 45.51 -30.42
N LEU H 12 -10.19 46.36 -31.44
CA LEU H 12 -10.54 45.93 -32.79
C LEU H 12 -9.54 46.62 -33.72
N VAL H 13 -8.39 45.98 -33.92
CA VAL H 13 -7.28 46.56 -34.66
C VAL H 13 -6.75 45.53 -35.64
N GLN H 14 -6.39 45.99 -36.83
CA GLN H 14 -5.78 45.13 -37.84
C GLN H 14 -4.30 44.96 -37.53
N ALA H 15 -3.55 44.42 -38.48
CA ALA H 15 -2.13 44.15 -38.25
C ALA H 15 -1.36 45.44 -38.03
N GLY H 16 -0.35 45.37 -37.17
CA GLY H 16 0.53 46.48 -36.92
C GLY H 16 0.17 47.34 -35.72
N GLY H 17 -0.74 46.89 -34.87
CA GLY H 17 -1.14 47.65 -33.70
C GLY H 17 -0.43 47.18 -32.44
N SER H 18 -0.20 48.11 -31.53
CA SER H 18 0.46 47.84 -30.26
C SER H 18 -0.57 47.95 -29.14
N LEU H 19 -0.63 46.93 -28.30
CA LEU H 19 -1.62 46.85 -27.23
C LEU H 19 -0.91 46.63 -25.90
N LYS H 20 -1.56 47.09 -24.83
CA LYS H 20 -1.00 47.08 -23.48
C LYS H 20 -1.92 46.35 -22.52
N LEU H 21 -2.33 45.14 -22.86
CA LEU H 21 -3.36 44.45 -22.11
C LEU H 21 -3.04 44.44 -20.62
N SER H 22 -4.02 44.82 -19.81
CA SER H 22 -3.86 44.97 -18.38
C SER H 22 -4.80 44.04 -17.63
N CYS H 23 -4.27 43.40 -16.58
CA CYS H 23 -5.07 42.59 -15.68
C CYS H 23 -4.74 42.94 -14.24
N ALA H 24 -5.74 42.79 -13.37
CA ALA H 24 -5.60 43.06 -11.96
C ALA H 24 -6.39 42.03 -11.17
N ALA H 25 -6.02 41.87 -9.91
CA ALA H 25 -6.63 40.90 -9.03
C ALA H 25 -6.53 41.39 -7.60
N SER H 26 -7.15 40.65 -6.69
CA SER H 26 -7.14 41.00 -5.27
C SER H 26 -7.45 39.75 -4.46
N GLY H 27 -7.51 39.93 -3.15
CA GLY H 27 -7.81 38.83 -2.24
C GLY H 27 -6.57 38.06 -1.82
N PHE H 28 -5.99 37.31 -2.73
CA PHE H 28 -4.82 36.50 -2.45
C PHE H 28 -3.55 37.36 -2.51
N THR H 29 -2.47 36.81 -1.96
CA THR H 29 -1.18 37.48 -2.01
C THR H 29 -0.62 37.40 -3.42
N PHE H 30 -0.37 38.56 -4.02
CA PHE H 30 0.08 38.60 -5.41
C PHE H 30 1.52 38.15 -5.56
N ALA H 31 2.32 38.20 -4.50
CA ALA H 31 3.73 37.86 -4.58
C ALA H 31 3.99 36.37 -4.45
N HIS H 32 2.95 35.55 -4.31
CA HIS H 32 3.10 34.11 -4.13
C HIS H 32 2.35 33.31 -5.17
N TYR H 33 1.97 33.93 -6.28
CA TYR H 33 1.18 33.27 -7.31
C TYR H 33 1.74 33.61 -8.68
N ALA H 34 2.02 32.56 -9.46
CA ALA H 34 2.40 32.74 -10.85
C ALA H 34 1.15 32.89 -11.70
N MET H 35 1.32 33.42 -12.91
CA MET H 35 0.19 33.69 -13.78
C MET H 35 0.55 33.31 -15.21
N VAL H 36 -0.48 32.98 -15.99
CA VAL H 36 -0.29 32.52 -17.36
C VAL H 36 -1.49 32.95 -18.19
N TRP H 37 -1.24 33.28 -19.45
CA TRP H 37 -2.27 33.76 -20.38
C TRP H 37 -2.74 32.61 -21.25
N PHE H 38 -4.06 32.47 -21.37
CA PHE H 38 -4.68 31.41 -22.13
C PHE H 38 -5.58 32.00 -23.19
N ARG H 39 -5.75 31.26 -24.29
CA ARG H 39 -6.57 31.69 -25.40
C ARG H 39 -7.67 30.68 -25.66
N GLN H 40 -8.88 31.18 -25.89
CA GLN H 40 -10.02 30.37 -26.28
C GLN H 40 -10.72 31.02 -27.46
N ALA H 41 -10.95 30.24 -28.50
CA ALA H 41 -11.63 30.65 -29.72
C ALA H 41 -12.71 29.64 -30.06
N PRO H 42 -13.72 30.05 -30.82
CA PRO H 42 -14.83 29.13 -31.10
C PRO H 42 -14.41 27.85 -31.79
N GLY H 43 -13.38 27.90 -32.63
CA GLY H 43 -12.94 26.71 -33.34
C GLY H 43 -12.18 25.71 -32.51
N LYS H 44 -11.60 26.15 -31.39
CA LYS H 44 -10.78 25.31 -30.53
C LYS H 44 -11.33 25.39 -29.10
N GLU H 45 -10.58 24.82 -28.16
CA GLU H 45 -11.00 24.74 -26.77
C GLU H 45 -10.17 25.62 -25.86
N ARG H 46 -8.84 25.47 -25.86
CA ARG H 46 -7.97 26.24 -24.99
C ARG H 46 -6.53 26.02 -25.44
N GLU H 47 -5.72 27.08 -25.36
CA GLU H 47 -4.33 26.96 -25.78
C GLU H 47 -3.47 27.94 -25.00
N PHE H 48 -2.19 27.60 -24.92
CA PHE H 48 -1.19 28.38 -24.21
C PHE H 48 -0.89 29.69 -24.95
N VAL H 49 -0.54 30.74 -24.20
CA VAL H 49 -0.06 31.96 -24.83
C VAL H 49 1.30 32.34 -24.26
N ALA H 50 1.36 32.58 -22.95
CA ALA H 50 2.59 33.00 -22.30
C ALA H 50 2.37 33.00 -20.80
N GLY H 51 3.46 32.86 -20.06
CA GLY H 51 3.37 32.79 -18.61
C GLY H 51 4.65 33.23 -17.93
N ILE H 52 4.51 33.56 -16.65
CA ILE H 52 5.61 34.03 -15.82
C ILE H 52 5.70 33.13 -14.60
N SER H 53 6.87 33.09 -14.00
CA SER H 53 7.07 32.44 -12.72
C SER H 53 6.83 33.46 -11.60
N TRP H 54 6.84 32.96 -10.36
CA TRP H 54 6.52 33.81 -9.22
C TRP H 54 7.62 34.80 -8.89
N SER H 55 8.81 34.67 -9.49
CA SER H 55 9.93 35.56 -9.21
C SER H 55 10.11 36.64 -10.27
N GLY H 56 9.77 36.35 -11.52
CA GLY H 56 9.95 37.28 -12.61
C GLY H 56 11.01 36.88 -13.61
N ALA H 57 11.61 35.71 -13.45
CA ALA H 57 12.68 35.24 -14.33
C ALA H 57 12.22 33.98 -15.06
N SER H 58 12.73 33.82 -16.28
CA SER H 58 12.41 32.66 -17.11
C SER H 58 10.93 32.62 -17.46
N THR H 59 10.49 33.65 -18.18
CA THR H 59 9.15 33.64 -18.75
C THR H 59 9.08 32.64 -19.89
N TYR H 60 7.88 32.12 -20.13
CA TYR H 60 7.68 31.08 -21.13
C TYR H 60 6.65 31.52 -22.15
N TYR H 61 6.90 31.16 -23.41
CA TYR H 61 6.00 31.45 -24.51
C TYR H 61 5.68 30.18 -25.29
N ALA H 62 5.01 30.33 -26.42
CA ALA H 62 4.66 29.21 -27.29
C ALA H 62 5.48 29.27 -28.57
N SER H 63 5.40 28.18 -29.34
CA SER H 63 6.16 28.11 -30.59
C SER H 63 5.73 29.18 -31.57
N SER H 64 4.42 29.39 -31.71
CA SER H 64 3.90 30.35 -32.67
C SER H 64 4.03 31.79 -32.21
N VAL H 65 4.43 32.01 -30.95
CA VAL H 65 4.50 33.36 -30.39
C VAL H 65 5.89 33.58 -29.80
N LYS H 66 6.90 32.91 -30.35
CA LYS H 66 8.25 33.05 -29.81
C LYS H 66 8.69 34.51 -29.84
N GLY H 67 8.44 35.20 -30.94
CA GLY H 67 8.67 36.62 -31.03
C GLY H 67 7.45 37.40 -30.58
N ARG H 68 7.31 38.61 -31.11
CA ARG H 68 6.12 39.42 -30.88
C ARG H 68 5.94 39.80 -29.41
N PHE H 69 5.03 39.10 -28.71
CA PHE H 69 4.53 39.63 -27.45
C PHE H 69 5.59 39.58 -26.35
N THR H 70 5.39 40.43 -25.34
CA THR H 70 6.17 40.39 -24.11
C THR H 70 5.21 40.50 -22.94
N ILE H 71 5.68 40.03 -21.78
CA ILE H 71 4.85 39.96 -20.58
C ILE H 71 5.65 40.51 -19.40
N SER H 72 4.98 41.23 -18.52
CA SER H 72 5.64 41.84 -17.37
C SER H 72 4.66 41.93 -16.21
N ARG H 73 5.23 42.09 -15.01
CA ARG H 73 4.46 42.27 -13.80
C ARG H 73 5.28 43.05 -12.80
N ASP H 74 4.60 43.85 -11.98
CA ASP H 74 5.21 44.57 -10.88
C ASP H 74 4.49 44.20 -9.60
N ASN H 75 5.26 43.84 -8.57
CA ASN H 75 4.69 43.32 -7.34
C ASN H 75 4.08 44.41 -6.46
N ALA H 76 4.49 45.66 -6.64
CA ALA H 76 4.09 46.74 -5.74
C ALA H 76 2.79 47.42 -6.16
N LYS H 77 2.22 47.07 -7.31
CA LYS H 77 1.01 47.73 -7.80
C LYS H 77 -0.13 46.77 -8.10
N ASN H 78 0.10 45.46 -8.12
CA ASN H 78 -0.95 44.50 -8.43
C ASN H 78 -1.46 44.70 -9.85
N THR H 79 -0.54 44.69 -10.81
CA THR H 79 -0.88 44.80 -12.22
C THR H 79 -0.08 43.79 -13.01
N VAL H 80 -0.69 43.30 -14.09
CA VAL H 80 -0.02 42.40 -15.03
C VAL H 80 -0.20 42.98 -16.42
N TYR H 81 0.93 43.15 -17.13
CA TYR H 81 0.94 43.80 -18.43
C TYR H 81 1.36 42.82 -19.51
N LEU H 82 0.65 42.86 -20.64
CA LEU H 82 0.99 42.09 -21.82
C LEU H 82 1.13 43.07 -22.98
N GLN H 83 2.35 43.24 -23.48
CA GLN H 83 2.62 44.10 -24.62
C GLN H 83 2.49 43.26 -25.87
N MET H 84 1.49 43.57 -26.67
CA MET H 84 1.16 42.83 -27.89
C MET H 84 1.57 43.67 -29.09
N ASN H 85 2.36 43.07 -29.98
CA ASN H 85 2.94 43.78 -31.11
C ASN H 85 2.81 42.95 -32.38
N SER H 86 2.70 43.64 -33.52
CA SER H 86 2.63 43.01 -34.83
C SER H 86 1.47 42.00 -34.88
N LEU H 87 0.26 42.53 -34.74
CA LEU H 87 -0.92 41.68 -34.74
C LEU H 87 -1.02 40.89 -36.03
N LYS H 88 -1.69 39.74 -35.94
CA LYS H 88 -2.05 38.93 -37.09
C LYS H 88 -3.51 38.52 -36.96
N PRO H 89 -4.19 38.29 -38.09
CA PRO H 89 -5.65 38.06 -38.03
C PRO H 89 -6.04 36.77 -37.34
N GLU H 90 -5.10 35.92 -36.95
CA GLU H 90 -5.43 34.65 -36.32
C GLU H 90 -5.68 34.77 -34.82
N ASP H 91 -5.37 35.92 -34.22
CA ASP H 91 -5.54 36.10 -32.78
C ASP H 91 -6.92 36.72 -32.49
N THR H 92 -7.95 36.01 -32.92
CA THR H 92 -9.34 36.38 -32.66
C THR H 92 -9.85 35.45 -31.57
N ALA H 93 -9.89 35.95 -30.33
CA ALA H 93 -10.21 35.07 -29.22
C ALA H 93 -10.32 35.82 -27.90
N VAL H 94 -10.65 35.11 -26.82
CA VAL H 94 -10.75 35.71 -25.51
C VAL H 94 -9.42 35.51 -24.78
N TYR H 95 -9.13 36.41 -23.85
CA TYR H 95 -7.89 36.41 -23.09
C TYR H 95 -8.24 36.45 -21.61
N TYR H 96 -8.45 35.27 -21.03
CA TYR H 96 -8.68 35.14 -19.59
C TYR H 96 -7.46 34.50 -18.96
N VAL H 97 -6.92 35.16 -17.94
CA VAL H 97 -5.67 34.75 -17.36
C VAL H 97 -5.93 33.74 -16.24
N ALA H 98 -4.90 32.98 -15.89
CA ALA H 98 -5.00 31.98 -14.84
C ALA H 98 -3.87 32.19 -13.85
N ALA H 99 -4.16 31.91 -12.58
CA ALA H 99 -3.21 32.07 -11.50
C ALA H 99 -3.10 30.77 -10.70
N ALA H 100 -1.88 30.41 -10.36
CA ALA H 100 -1.59 29.21 -9.57
C ALA H 100 -0.60 29.57 -8.48
N ARG H 101 -0.27 28.59 -7.66
CA ARG H 101 0.70 28.80 -6.59
C ARG H 101 2.10 28.86 -7.21
N PHE H 102 3.13 28.81 -6.37
CA PHE H 102 4.49 28.87 -6.86
C PHE H 102 4.65 27.91 -8.03
N GLY H 103 4.94 28.45 -9.20
CA GLY H 103 4.97 27.66 -10.41
C GLY H 103 6.09 28.07 -11.34
N VAL H 104 6.04 27.58 -12.58
CA VAL H 104 7.11 27.77 -13.54
C VAL H 104 6.55 28.25 -14.87
N GLY H 105 5.30 28.67 -14.88
CA GLY H 105 4.67 29.13 -16.11
C GLY H 105 4.19 28.01 -17.01
N VAL H 106 5.01 26.98 -17.19
CA VAL H 106 4.63 25.83 -17.99
C VAL H 106 3.53 25.10 -17.23
N ASP H 107 2.88 24.14 -17.89
CA ASP H 107 1.65 23.54 -17.37
C ASP H 107 1.73 23.28 -15.87
N ASP H 108 0.63 23.61 -15.19
CA ASP H 108 0.53 23.47 -13.74
C ASP H 108 -0.94 23.43 -13.38
N ASP H 109 -1.22 22.98 -12.17
CA ASP H 109 -2.59 22.97 -11.67
C ASP H 109 -2.96 24.34 -11.15
N TYR H 110 -4.06 24.89 -11.64
CA TYR H 110 -4.47 26.26 -11.35
C TYR H 110 -5.52 26.30 -10.26
N SER H 111 -5.59 27.44 -9.59
CA SER H 111 -6.53 27.65 -8.49
C SER H 111 -7.48 28.81 -8.73
N TYR H 112 -7.07 29.85 -9.44
CA TYR H 112 -7.89 31.03 -9.66
C TYR H 112 -7.94 31.32 -11.16
N TRP H 113 -9.15 31.51 -11.67
CA TRP H 113 -9.38 31.80 -13.07
C TRP H 113 -9.84 33.24 -13.24
N GLY H 114 -10.00 33.65 -14.49
CA GLY H 114 -10.41 35.00 -14.79
C GLY H 114 -11.59 35.07 -15.74
N GLN H 115 -11.83 36.25 -16.30
CA GLN H 115 -12.93 36.48 -17.22
C GLN H 115 -12.39 36.83 -18.60
N GLY H 116 -13.29 36.86 -19.57
CA GLY H 116 -12.89 37.08 -20.94
C GLY H 116 -12.78 38.56 -21.29
N THR H 117 -11.90 38.83 -22.24
CA THR H 117 -11.69 40.15 -22.81
C THR H 117 -11.59 40.05 -24.33
N GLN H 118 -12.59 39.38 -24.91
CA GLN H 118 -12.59 39.03 -26.33
C GLN H 118 -12.03 40.15 -27.18
N VAL H 119 -11.06 39.80 -28.03
CA VAL H 119 -10.46 40.70 -28.99
C VAL H 119 -10.59 40.06 -30.37
N THR H 120 -11.07 40.85 -31.33
CA THR H 120 -11.21 40.42 -32.71
C THR H 120 -10.54 41.46 -33.61
N VAL H 121 -10.11 41.00 -34.78
CA VAL H 121 -9.42 41.88 -35.72
C VAL H 121 -10.41 42.51 -36.68
C1 NAG I . 11.24 -20.11 -23.48
C2 NAG I . 12.68 -20.60 -23.42
C3 NAG I . 12.86 -21.84 -24.29
C4 NAG I . 11.81 -22.90 -23.98
C5 NAG I . 10.41 -22.28 -24.00
C6 NAG I . 9.33 -23.25 -23.55
C7 NAG I . 13.64 -19.05 -25.05
C8 NAG I . 14.66 -17.98 -25.30
N2 NAG I . 13.61 -19.56 -23.82
O3 NAG I . 14.16 -22.37 -24.09
O4 NAG I . 11.87 -23.92 -24.97
O5 NAG I . 10.36 -21.15 -23.11
O6 NAG I . 9.81 -24.13 -22.56
O7 NAG I . 12.88 -19.42 -25.94
H2 NAG I . 12.88 -20.87 -22.50
H3 NAG I . 12.77 -21.59 -25.24
H4 NAG I . 12.00 -23.27 -23.09
H5 NAG I . 10.22 -21.98 -24.91
H61 NAG I . 9.03 -23.76 -24.32
H62 NAG I . 8.58 -22.73 -23.20
H81 NAG I . 14.62 -17.69 -26.22
H82 NAG I . 15.55 -18.34 -25.11
H83 NAG I . 14.49 -17.23 -24.70
HN2 NAG I . 14.20 -19.25 -23.20
HO3 NAG I . 14.77 -21.75 -24.24
HO6 NAG I . 9.39 -23.98 -21.79
C1 NAG I . 11.86 -25.27 -24.46
C2 NAG I . 13.30 -25.75 -24.41
C3 NAG I . 13.35 -27.19 -23.93
C4 NAG I . 12.65 -27.31 -22.58
C5 NAG I . 11.24 -26.73 -22.65
C6 NAG I . 10.56 -26.67 -21.30
C7 NAG I . 15.22 -25.26 -25.90
C8 NAG I . 16.02 -24.96 -24.66
N2 NAG I . 13.94 -25.62 -25.71
O3 NAG I . 14.70 -27.62 -23.82
O4 NAG I . 12.57 -28.67 -22.19
O5 NAG I . 11.27 -25.38 -23.15
O6 NAG I . 11.29 -25.86 -20.39
O7 NAG I . 15.71 -25.16 -27.02
H2 NAG I . 13.76 -25.20 -23.74
H3 NAG I . 12.89 -27.76 -24.58
H4 NAG I . 13.17 -26.82 -21.91
H5 NAG I . 10.70 -27.28 -23.25
H61 NAG I . 10.50 -27.57 -20.94
H62 NAG I . 9.67 -26.30 -21.41
H81 NAG I . 16.94 -24.77 -24.91
H82 NAG I . 16.01 -25.74 -24.06
H83 NAG I . 15.64 -24.19 -24.20
HN2 NAG I . 13.44 -25.80 -26.45
HO3 NAG I . 14.73 -28.50 -23.74
HO4 NAG I . 12.72 -28.74 -21.32
HO6 NAG I . 11.30 -26.24 -19.60
C1 NAG J . -22.82 -22.72 -4.59
C2 NAG J . -22.69 -24.24 -4.50
C3 NAG J . -23.95 -24.85 -3.89
C4 NAG J . -24.32 -24.16 -2.59
C5 NAG J . -24.33 -22.64 -2.76
C6 NAG J . -24.52 -21.91 -1.46
C7 NAG J . -23.22 -24.60 -6.87
C8 NAG J . -22.80 -25.26 -8.14
N2 NAG J . -22.42 -24.81 -5.82
O3 NAG J . -23.73 -26.23 -3.66
O4 NAG J . -25.63 -24.57 -2.21
O5 NAG J . -23.08 -22.20 -3.31
O6 NAG J . -23.76 -22.51 -0.42
O7 NAG J . -24.22 -23.90 -6.80
H2 NAG J . -21.94 -24.45 -3.91
H3 NAG J . -24.69 -24.74 -4.53
H4 NAG J . -23.66 -24.40 -1.91
H5 NAG J . -25.05 -22.40 -3.38
H61 NAG J . -25.46 -21.92 -1.22
H62 NAG J . -24.24 -20.99 -1.57
H81 NAG J . -23.41 -25.00 -8.86
H82 NAG J . -22.83 -26.22 -8.03
H83 NAG J . -21.88 -24.98 -8.37
HN2 NAG J . -21.69 -25.34 -5.92
HO3 NAG J . -23.59 -26.37 -2.80
HO6 NAG J . -24.17 -23.25 -0.14
C1 NAG J . -25.78 -25.18 -0.91
C2 NAG J . -26.35 -26.58 -1.15
C3 NAG J . -26.56 -27.30 0.18
C4 NAG J . -25.29 -27.29 1.00
C5 NAG J . -24.77 -25.87 1.15
C6 NAG J . -23.44 -25.80 1.88
C7 NAG J . -27.95 -27.35 -2.87
C8 NAG J . -26.97 -28.45 -3.19
N2 NAG J . -27.59 -26.50 -1.91
O3 NAG J . -26.97 -28.64 -0.08
O4 NAG J . -25.52 -27.85 2.28
O5 NAG J . -24.56 -25.28 -0.13
O6 NAG J . -23.43 -26.67 3.00
O7 NAG J . -29.01 -27.25 -3.47
H2 NAG J . -25.67 -27.07 -1.65
H3 NAG J . -27.26 -26.84 0.67
H4 NAG J . -24.60 -27.84 0.54
H5 NAG J . -25.42 -25.34 1.65
H61 NAG J . -23.29 -24.88 2.18
H62 NAG J . -22.73 -26.06 1.27
H81 NAG J . -27.36 -29.04 -3.86
H82 NAG J . -26.77 -28.97 -2.39
H83 NAG J . -26.15 -28.06 -3.55
HN2 NAG J . -28.18 -25.83 -1.69
HO3 NAG J . -26.93 -29.11 0.69
HO4 NAG J . -24.77 -28.12 2.63
HO6 NAG J . -22.59 -26.79 3.27
C1 NAG K . -26.34 8.25 19.83
C2 NAG K . -27.42 8.92 20.67
C3 NAG K . -26.84 10.06 21.48
C4 NAG K . -25.61 9.60 22.27
C5 NAG K . -24.64 8.86 21.36
C6 NAG K . -23.49 8.21 22.09
C7 NAG K . -28.29 10.23 18.79
C8 NAG K . -29.49 10.65 18.00
N2 NAG K . -28.50 9.40 19.82
O3 NAG K . -27.82 10.57 22.37
O4 NAG K . -25.01 10.78 22.81
O5 NAG K . -25.31 7.81 20.66
O6 NAG K . -23.18 6.94 21.53
O7 NAG K . -27.16 10.62 18.50
H2 NAG K . -27.79 8.26 21.28
H3 NAG K . -26.56 10.77 20.87
H4 NAG K . -25.91 9.01 22.98
H5 NAG K . -24.28 9.49 20.70
H61 NAG K . -23.72 8.11 23.02
H62 NAG K . -22.70 8.78 22.01
H81 NAG K . -29.23 11.27 17.31
H82 NAG K . -30.14 11.07 18.60
H83 NAG K . -29.91 9.86 17.60
HN2 NAG K . -29.35 9.14 19.98
HO3 NAG K . -27.66 11.43 22.53
HO6 NAG K . -22.36 6.96 21.20
C1 NAG K . -24.23 10.75 24.05
C2 NAG K . -24.92 9.97 25.18
C3 NAG K . -24.00 9.90 26.40
C4 NAG K . -22.65 9.34 26.02
C5 NAG K . -22.04 10.19 24.92
C6 NAG K . -20.70 9.69 24.44
C7 NAG K . -27.29 9.90 25.89
C8 NAG K . -27.18 8.40 25.88
N2 NAG K . -26.19 10.58 25.54
O3 NAG K . -24.60 9.09 27.42
O4 NAG K . -21.78 9.31 27.15
O5 NAG K . -22.92 10.19 23.79
O6 NAG K . -20.10 10.60 23.53
O7 NAG K . -28.33 10.47 26.18
H2 NAG K . -25.04 9.05 24.88
H3 NAG K . -23.88 10.80 26.76
H4 NAG K . -22.75 8.42 25.69
H5 NAG K . -21.94 11.10 25.25
H61 NAG K . -20.83 8.83 23.99
H62 NAG K . -20.11 9.57 25.21
H81 NAG K . -28.04 8.02 26.19
H82 NAG K . -26.47 8.11 26.47
H83 NAG K . -27.02 8.09 24.98
HN2 NAG K . -26.24 11.49 25.54
HO3 NAG K . -24.10 8.37 27.54
HO4 NAG K . -21.08 8.79 26.98
HO6 NAG K . -19.47 11.06 23.95
C1 NAG L . 6.20 31.57 13.87
C2 NAG L . 5.96 32.52 15.04
C3 NAG L . 7.02 33.60 15.05
C4 NAG L . 8.38 33.00 15.33
C5 NAG L . 8.55 31.70 14.55
C6 NAG L . 8.36 30.46 15.40
C7 NAG L . 4.12 33.62 13.85
C8 NAG L . 2.73 34.17 13.97
N2 NAG L . 4.63 33.10 14.97
O3 NAG L . 6.70 34.57 16.05
O4 NAG L . 9.40 33.91 14.95
O5 NAG L . 7.59 31.62 13.48
O6 NAG L . 9.39 30.36 16.39
O7 NAG L . 4.73 33.64 12.80
H2 NAG L . 6.02 32.02 15.87
H3 NAG L . 7.04 34.04 14.18
H4 NAG L . 8.46 32.81 16.29
H5 NAG L . 9.44 31.68 14.15
H61 NAG L . 8.41 29.67 14.83
H62 NAG L . 7.50 30.49 15.85
H81 NAG L . 2.45 34.55 13.11
H82 NAG L . 2.71 34.87 14.66
H83 NAG L . 2.11 33.46 14.21
HN2 NAG L . 4.13 33.11 15.72
HO3 NAG L . 7.08 35.34 15.85
HO6 NAG L . 9.66 31.17 16.61
C1 NAG L . 10.66 33.67 15.62
C2 NAG L . 10.68 34.44 16.94
C3 NAG L . 11.99 34.20 17.66
C4 NAG L . 12.24 32.70 17.84
C5 NAG L . 12.14 31.99 16.50
C6 NAG L . 12.25 30.49 16.62
C7 NAG L . 9.73 36.64 17.52
C8 NAG L . 9.10 35.99 18.70
N2 NAG L . 10.46 35.86 16.72
O3 NAG L . 11.97 34.85 18.93
O4 NAG L . 13.53 32.49 18.39
O5 NAG L . 10.88 32.27 15.87
O6 NAG L . 13.55 30.09 17.04
O7 NAG L . 9.59 37.84 17.29
H2 NAG L . 9.96 34.05 17.49
H3 NAG L . 12.72 34.57 17.12
H4 NAG L . 11.56 32.34 18.44
H5 NAG L . 12.86 32.31 15.92
H61 NAG L . 12.06 30.08 15.76
H62 NAG L . 11.60 30.18 17.28
H81 NAG L . 8.64 36.66 19.24
H82 NAG L . 9.78 35.56 19.26
H83 NAG L . 8.45 35.33 18.41
HN2 NAG L . 10.86 36.24 15.99
HO3 NAG L . 11.52 34.35 19.50
HO4 NAG L . 13.53 31.74 18.87
HO6 NAG L . 13.51 29.80 17.88
C1 NAG M . 29.75 13.94 -11.77
C2 NAG M . 30.87 14.81 -12.31
C3 NAG M . 31.55 14.09 -13.47
C4 NAG M . 32.01 12.71 -13.05
C5 NAG M . 30.86 11.93 -12.41
C6 NAG M . 31.31 10.63 -11.78
C7 NAG M . 29.44 16.27 -13.65
C8 NAG M . 29.06 17.70 -13.96
N2 NAG M . 30.39 16.11 -12.72
O3 NAG M . 32.66 14.86 -13.92
O4 NAG M . 32.46 12.01 -14.21
O5 NAG M . 30.27 12.70 -11.35
O6 NAG M . 32.62 10.74 -11.26
O7 NAG M . 28.89 15.33 -14.21
H2 NAG M . 31.53 14.93 -11.60
H3 NAG M . 30.91 14.00 -14.21
H4 NAG M . 32.73 12.80 -12.39
H5 NAG M . 30.18 11.75 -13.09
H61 NAG M . 31.28 9.92 -12.46
H62 NAG M . 30.69 10.40 -11.06
H81 NAG M . 28.42 17.72 -14.69
H82 NAG M . 29.86 18.20 -14.20
H83 NAG M . 28.65 18.10 -13.16
HN2 NAG M . 30.75 16.85 -12.34
HO3 NAG M . 32.82 14.69 -14.77
HO6 NAG M . 33.11 10.05 -11.56
C1 NAG M . 33.69 11.21 -14.17
C2 NAG M . 34.87 12.00 -13.56
C3 NAG M . 36.12 11.13 -13.56
C4 NAG M . 35.84 9.82 -12.83
C5 NAG M . 34.63 9.12 -13.44
C6 NAG M . 34.25 7.85 -12.71
C7 NAG M . 35.47 14.39 -13.72
C8 NAG M . 35.61 14.37 -12.23
N2 NAG M . 35.10 13.24 -14.29
O3 NAG M . 37.19 11.82 -12.93
O4 NAG M . 36.97 8.96 -12.92
O5 NAG M . 33.49 9.99 -13.41
O6 NAG M . 34.62 6.69 -13.44
O7 NAG M . 35.66 15.40 -14.38
H2 NAG M . 34.65 12.17 -12.62
H3 NAG M . 36.36 10.93 -14.48
H4 NAG M . 35.65 10.02 -11.89
H5 NAG M . 34.83 8.90 -14.37
H61 NAG M . 33.28 7.85 -12.57
H62 NAG M . 34.69 7.84 -11.84
H81 NAG M . 35.94 15.25 -11.93
H82 NAG M . 36.25 13.69 -11.95
H83 NAG M . 34.75 14.20 -11.82
HN2 NAG M . 35.01 13.22 -15.19
HO3 NAG M . 37.45 11.37 -12.21
HO4 NAG M . 36.99 8.42 -12.22
HO6 NAG M . 34.28 5.98 -13.05
C1 NAG N . -12.61 -25.66 -24.66
C2 NAG N . -12.76 -25.92 -26.16
C3 NAG N . -14.18 -26.40 -26.48
C4 NAG N . -14.54 -27.59 -25.61
C5 NAG N . -14.32 -27.25 -24.14
C6 NAG N . -14.56 -28.43 -23.22
C7 NAG N . -12.94 -23.55 -26.95
C8 NAG N . -14.08 -23.33 -25.99
N2 NAG N . -12.38 -24.77 -26.98
O3 NAG N . -14.25 -26.77 -27.85
O4 NAG N . -15.91 -27.93 -25.82
O5 NAG N . -12.97 -26.83 -23.93
O6 NAG N . -15.44 -29.37 -23.81
O7 NAG N . -12.54 -22.65 -27.68
H2 NAG N . -12.15 -26.66 -26.39
H3 NAG N . -14.83 -25.70 -26.31
H4 NAG N . -13.98 -28.35 -25.85
H5 NAG N . -14.92 -26.52 -23.88
H61 NAG N . -14.94 -28.10 -22.38
H62 NAG N . -13.71 -28.86 -23.04
H81 NAG N . -14.20 -22.37 -25.88
H82 NAG N . -13.91 -23.71 -25.11
H83 NAG N . -14.90 -23.70 -26.36
HN2 NAG N . -11.70 -24.90 -27.56
HO3 NAG N . -15.07 -27.05 -28.03
HO4 NAG N . -16.08 -28.71 -25.42
HO6 NAG N . -15.56 -30.05 -23.26
C1 NAG O . 7.76 -12.49 -35.99
C2 NAG O . 7.67 -13.54 -37.09
C3 NAG O . 7.59 -12.85 -38.45
C4 NAG O . 6.41 -11.88 -38.47
C5 NAG O . 6.50 -10.92 -37.29
C6 NAG O . 5.27 -10.05 -37.15
C7 NAG O . 8.76 -15.65 -36.49
C8 NAG O . 10.02 -16.45 -36.53
N2 NAG O . 8.82 -14.44 -37.05
O3 NAG O . 7.42 -13.83 -39.46
O4 NAG O . 6.42 -11.15 -39.67
O5 NAG O . 6.62 -11.65 -36.05
O6 NAG O . 5.04 -9.30 -38.33
O7 NAG O . 7.73 -16.08 -35.98
H2 NAG O . 6.86 -14.05 -36.96
H3 NAG O . 8.41 -12.36 -38.61
H4 NAG O . 5.58 -12.40 -38.40
H5 NAG O . 7.27 -10.35 -37.40
H61 NAG O . 5.39 -9.43 -36.40
H62 NAG O . 4.49 -10.61 -36.99
H81 NAG O . 9.87 -17.32 -36.09
H82 NAG O . 10.72 -15.97 -36.07
H83 NAG O . 10.28 -16.60 -37.46
HN2 NAG O . 9.61 -14.17 -37.42
HO3 NAG O . 7.31 -13.43 -40.25
HO4 NAG O . 6.63 -10.31 -39.51
HO6 NAG O . 5.21 -8.44 -38.18
C1 NAG P . -37.37 -5.28 4.91
C2 NAG P . -38.43 -5.11 3.84
C3 NAG P . -39.50 -4.11 4.30
C4 NAG P . -40.06 -4.53 5.64
C5 NAG P . -38.93 -4.73 6.64
C6 NAG P . -39.40 -5.24 7.97
C7 NAG P . -37.17 -3.65 2.25
C8 NAG P . -36.92 -2.66 3.35
N2 NAG P . -37.88 -4.75 2.54
O3 NAG P . -40.53 -4.05 3.32
O4 NAG P . -40.94 -3.54 6.14
O5 NAG P . -37.97 -5.68 6.14
O6 NAG P . -38.82 -6.51 8.27
O7 NAG P . -36.74 -3.45 1.11
H2 NAG P . -38.88 -5.97 3.73
H3 NAG P . -39.12 -3.22 4.40
H4 NAG P . -40.54 -5.37 5.54
H5 NAG P . -38.47 -3.87 6.77
H61 NAG P . -40.37 -5.35 7.96
H62 NAG P . -39.15 -4.61 8.67
H81 NAG P . -36.17 -2.10 3.10
H82 NAG P . -36.72 -3.09 4.20
H83 NAG P . -37.71 -2.08 3.45
HN2 NAG P . -38.01 -5.34 1.85
HO3 NAG P . -41.21 -3.56 3.64
HO4 NAG P . -41.51 -3.91 6.72
HO6 NAG P . -38.23 -6.72 7.64
C1 NAG Q . -28.72 -18.49 -16.86
C2 NAG Q . -30.15 -18.01 -16.65
C3 NAG Q . -30.91 -18.08 -17.96
C4 NAG Q . -30.16 -17.29 -19.03
C5 NAG Q . -28.71 -17.74 -19.12
C6 NAG Q . -27.88 -16.89 -20.05
C7 NAG Q . -31.42 -18.24 -14.56
C8 NAG Q . -32.06 -19.20 -13.61
N2 NAG Q . -30.81 -18.79 -15.62
O3 NAG Q . -32.21 -17.53 -17.78
O4 NAG Q . -30.78 -17.51 -20.30
O5 NAG Q . -28.08 -17.66 -17.82
O6 NAG Q . -28.64 -16.49 -21.18
O7 NAG Q . -31.44 -17.03 -14.39
H2 NAG Q . -30.11 -17.08 -16.36
H3 NAG Q . -30.99 -19.00 -18.24
H4 NAG Q . -30.20 -16.34 -18.82
H5 NAG Q . -28.68 -18.67 -19.42
H61 NAG Q . -27.11 -17.41 -20.35
H62 NAG Q . -27.57 -16.11 -19.57
H81 NAG Q . -32.47 -18.70 -12.87
H82 NAG Q . -31.39 -19.80 -13.25
H83 NAG Q . -32.75 -19.71 -14.07
HN2 NAG Q . -30.83 -19.71 -15.71
HO3 NAG Q . -32.64 -17.52 -18.56
HO4 NAG Q . -30.43 -16.97 -20.90
HO6 NAG Q . -28.15 -16.58 -21.91
C1 NAG R . -17.15 31.17 16.97
C2 NAG R . -18.39 31.78 16.31
C3 NAG R . -18.23 33.29 16.19
C4 NAG R . -17.90 33.90 17.55
C5 NAG R . -16.69 33.21 18.15
C6 NAG R . -16.37 33.67 19.54
C7 NAG R . -17.93 31.15 13.93
C8 NAG R . -16.61 31.85 14.00
N2 NAG R . -18.71 31.16 15.03
O3 NAG R . -19.44 33.85 15.69
O4 NAG R . -17.63 35.29 17.42
O5 NAG R . -16.92 31.79 18.24
O6 NAG R . -17.54 33.77 20.34
O7 NAG R . -18.30 30.58 12.90
H2 NAG R . -19.13 31.62 16.91
H3 NAG R . -17.50 33.53 15.59
H4 NAG R . -18.67 33.77 18.14
H5 NAG R . -15.91 33.36 17.58
H61 NAG R . -15.94 34.55 19.49
H62 NAG R . -15.75 33.05 19.97
H81 NAG R . -16.04 31.50 13.29
H82 NAG R . -16.16 31.71 14.85
H83 NAG R . -16.74 32.81 13.83
HN2 NAG R . -19.50 30.73 14.97
HO3 NAG R . -19.55 34.67 16.02
HO4 NAG R . -17.55 35.65 18.22
HO6 NAG R . -17.33 34.10 21.14
C1 NAG S . -34.34 14.77 8.56
C2 NAG S . -35.70 14.57 9.24
C3 NAG S . -36.78 14.39 8.19
C4 NAG S . -36.78 15.56 7.22
C5 NAG S . -35.38 15.74 6.62
C6 NAG S . -35.25 16.97 5.75
C7 NAG S . -35.89 13.56 11.46
C8 NAG S . -35.82 12.28 12.26
N2 NAG S . -35.67 13.44 10.15
O3 NAG S . -38.05 14.30 8.82
O4 NAG S . -37.71 15.33 6.17
O5 NAG S . -34.41 15.88 7.68
O6 NAG S . -34.97 18.12 6.52
O7 NAG S . -36.13 14.64 11.98
H2 NAG S . -35.90 15.38 9.75
H3 NAG S . -36.62 13.57 7.69
H4 NAG S . -37.02 16.38 7.69
H5 NAG S . -35.15 14.95 6.09
H61 NAG S . -36.10 17.10 5.27
H62 NAG S . -34.54 16.83 5.10
H81 NAG S . -35.90 12.49 13.21
H82 NAG S . -34.97 11.85 12.09
H83 NAG S . -36.55 11.70 11.98
HN2 NAG S . -35.49 12.61 9.81
HO3 NAG S . -38.64 13.93 8.27
HO4 NAG S . -38.31 15.97 6.17
HO6 NAG S . -34.66 17.88 7.32
C1 NAG T . 19.73 33.86 -6.56
C2 NAG T . 19.34 35.16 -7.26
C3 NAG T . 20.29 35.45 -8.41
C4 NAG T . 21.72 35.46 -7.91
C5 NAG T . 22.03 34.16 -7.18
C6 NAG T . 23.40 34.14 -6.55
C7 NAG T . 17.37 34.31 -8.57
C8 NAG T . 18.25 33.26 -9.18
N2 NAG T . 17.95 35.16 -7.70
O3 NAG T . 19.97 36.72 -8.98
O4 NAG T . 22.62 35.60 -9.00
O5 NAG T . 21.09 33.95 -6.12
O6 NAG T . 24.20 35.22 -7.03
O7 NAG T . 16.19 34.41 -8.87
H2 NAG T . 19.44 35.88 -6.61
H3 NAG T . 20.23 34.77 -9.10
H4 NAG T . 21.84 36.22 -7.29
H5 NAG T . 21.97 33.42 -7.81
H61 NAG T . 23.84 33.30 -6.76
H62 NAG T . 23.31 34.22 -5.58
H81 NAG T . 17.68 32.57 -9.55
H82 NAG T . 18.84 32.84 -8.53
H83 NAG T . 18.77 33.63 -9.91
HN2 NAG T . 17.40 35.79 -7.33
HO3 NAG T . 20.55 36.91 -9.61
HO4 NAG T . 23.44 35.77 -8.70
HO6 NAG T . 24.94 35.28 -6.54
C1 NAG U . -3.31 39.66 4.52
C2 NAG U . -3.16 41.14 4.85
C3 NAG U . -4.03 41.97 3.91
C4 NAG U . -3.70 41.65 2.47
C5 NAG U . -3.79 40.14 2.22
C6 NAG U . -3.32 39.75 0.85
C7 NAG U . -2.57 41.80 7.14
C8 NAG U . -3.08 42.04 8.52
N2 NAG U . -3.48 41.42 6.24
O3 NAG U . -3.80 43.35 4.18
O4 NAG U . -4.60 42.32 1.60
O5 NAG U . -2.97 39.42 3.16
O6 NAG U . -2.11 40.38 0.51
O7 NAG U . -1.39 41.94 6.84
H2 NAG U . -2.22 41.39 4.69
H3 NAG U . -4.96 41.76 4.08
H4 NAG U . -2.79 41.95 2.27
H5 NAG U . -4.72 39.86 2.33
H61 NAG U . -4.01 39.99 0.19
H62 NAG U . -3.19 38.78 0.82
H81 NAG U . -2.34 42.32 9.10
H82 NAG U . -3.48 41.21 8.87
H83 NAG U . -3.76 42.74 8.50
HN2 NAG U . -4.34 41.33 6.51
HO3 NAG U . -4.32 43.83 3.63
HO4 NAG U . -4.23 42.42 0.81
HO6 NAG U . -1.92 40.25 -0.35
C1 NAG V . 23.85 -1.89 -30.96
C2 NAG V . 23.88 -0.98 -32.17
C3 NAG V . 24.03 -1.80 -33.46
C4 NAG V . 25.24 -2.71 -33.36
C5 NAG V . 25.15 -3.57 -32.12
C6 NAG V . 26.36 -4.44 -31.89
C7 NAG V . 21.43 -0.45 -32.33
C8 NAG V . 21.14 -1.92 -32.39
N2 NAG V . 22.73 -0.09 -32.25
O3 NAG V . 24.16 -0.92 -34.57
O4 NAG V . 25.32 -3.54 -34.51
O5 NAG V . 25.02 -2.74 -30.95
O6 NAG V . 26.35 -5.58 -32.75
O7 NAG V . 20.55 0.39 -32.36
H2 NAG V . 24.68 -0.42 -32.11
H3 NAG V . 23.25 -2.38 -33.61
H4 NAG V . 26.05 -2.16 -33.30
H5 NAG V . 24.35 -4.14 -32.18
H61 NAG V . 26.38 -4.74 -30.97
H62 NAG V . 27.16 -3.91 -32.07
H81 NAG V . 20.19 -2.04 -32.16
H82 NAG V . 21.66 -2.44 -31.75
H83 NAG V . 21.27 -2.25 -33.29
HN2 NAG V . 22.90 0.80 -32.20
HO3 NAG V . 24.53 -1.35 -35.25
HO4 NAG V . 25.29 -4.40 -34.26
HO6 NAG V . 27.03 -6.10 -32.54
C1 NAG W . 22.29 22.99 -22.81
C2 NAG W . 23.23 23.59 -23.85
C3 NAG W . 22.49 24.59 -24.71
C4 NAG W . 21.25 23.93 -25.33
C5 NAG W . 20.39 23.26 -24.25
C6 NAG W . 19.26 22.45 -24.82
C7 NAG W . 25.58 23.62 -23.14
C8 NAG W . 26.66 24.42 -22.46
N2 NAG W . 24.39 24.21 -23.22
O3 NAG W . 23.34 25.07 -25.74
O4 NAG W . 20.47 24.90 -26.00
O5 NAG W . 21.19 22.36 -23.47
O6 NAG W . 19.70 21.62 -25.88
O7 NAG W . 25.78 22.49 -23.59
H2 NAG W . 23.54 22.86 -24.42
H3 NAG W . 22.20 25.34 -24.16
H4 NAG W . 21.54 23.26 -25.97
H5 NAG W . 20.03 23.95 -23.67
H61 NAG W . 18.58 23.05 -25.16
H62 NAG W . 18.88 21.89 -24.12
H81 NAG W . 27.50 23.91 -22.49
H82 NAG W . 26.41 24.58 -21.53
H83 NAG W . 26.78 25.27 -22.93
HN2 NAG W . 24.29 25.05 -22.87
HO3 NAG W . 23.19 25.93 -25.87
HO4 NAG W . 20.46 24.73 -26.87
HO6 NAG W . 19.16 21.71 -26.58
#